data_1PDB
# 
_entry.id   1PDB 
# 
_audit_conform.dict_name       mmcif_pdbx.dic 
_audit_conform.dict_version    5.376 
_audit_conform.dict_location   http://mmcif.pdb.org/dictionaries/ascii/mmcif_pdbx.dic 
# 
loop_
_database_2.database_id 
_database_2.database_code 
_database_2.pdbx_database_accession 
_database_2.pdbx_DOI 
PDB   1PDB         pdb_00001pdb 10.2210/pdb1pdb/pdb 
RCSB  RCSB019249   ?            ?                   
WWPDB D_1000019249 ?            ?                   
# 
loop_
_pdbx_database_related.db_name 
_pdbx_database_related.db_id 
_pdbx_database_related.details 
_pdbx_database_related.content_type 
PDB 1PD8 . unspecified 
PDB 1PD9 . unspecified 
# 
_pdbx_database_status.status_code                     REL 
_pdbx_database_status.entry_id                        1PDB 
_pdbx_database_status.recvd_initial_deposition_date   2003-05-19 
_pdbx_database_status.deposit_site                    RCSB 
_pdbx_database_status.process_site                    RCSB 
_pdbx_database_status.status_code_sf                  REL 
_pdbx_database_status.SG_entry                        . 
_pdbx_database_status.pdb_format_compatible           Y 
_pdbx_database_status.status_code_mr                  ? 
_pdbx_database_status.status_code_cs                  ? 
_pdbx_database_status.status_code_nmr_data            ? 
_pdbx_database_status.methods_development_category    ? 
# 
loop_
_audit_author.name 
_audit_author.pdbx_ordinal 
'Cody, V.'     1 
'Luft, J.R.'   2 
'Pangborn, W.' 3 
'Gangjee, A.'  4 
# 
_citation.id                        primary 
_citation.title                     
;Analysis of three crystal structure determinations of a 5-methyl-6-N-methylanilino pyridopyrimidine antifolate complex with human dihydrofolate reductase.
;
_citation.journal_abbrev            'Acta Crystallogr.,Sect.D' 
_citation.journal_volume            59 
_citation.page_first                1603 
_citation.page_last                 1609 
_citation.year                      2003 
_citation.journal_id_ASTM           ABCRE6 
_citation.country                   DK 
_citation.journal_id_ISSN           0907-4449 
_citation.journal_id_CSD            0766 
_citation.book_publisher            ? 
_citation.pdbx_database_id_PubMed   12925791 
_citation.pdbx_database_id_DOI      10.1107/S0907444903014963 
# 
loop_
_citation_author.citation_id 
_citation_author.name 
_citation_author.ordinal 
_citation_author.identifier_ORCID 
primary 'Cody, V.'     1 ? 
primary 'Luft, J.R.'   2 ? 
primary 'Pangborn, W.' 3 ? 
primary 'Gangjee, A.'  4 ? 
# 
_cell.entry_id           1PDB 
_cell.length_a           62.930 
_cell.length_b           62.930 
_cell.length_c           95.739 
_cell.angle_alpha        90.00 
_cell.angle_beta         90.00 
_cell.angle_gamma        90.00 
_cell.Z_PDB              8 
_cell.pdbx_unique_axis   ? 
# 
_symmetry.entry_id                         1PDB 
_symmetry.space_group_name_H-M             'P 43 21 2' 
_symmetry.pdbx_full_space_group_name_H-M   ? 
_symmetry.cell_setting                     ? 
_symmetry.Int_Tables_number                96 
# 
loop_
_entity.id 
_entity.type 
_entity.src_method 
_entity.pdbx_description 
_entity.formula_weight 
_entity.pdbx_number_of_molecules 
_entity.pdbx_ec 
_entity.pdbx_mutation 
_entity.pdbx_fragment 
_entity.details 
1 polymer man 'Dihydrofolate reductase' 21349.525 1  1.5.1.3 ? ? ? 
2 water   nat water                     18.015    17 ?       ? ? ? 
# 
_entity_poly.entity_id                      1 
_entity_poly.type                           'polypeptide(L)' 
_entity_poly.nstd_linkage                   no 
_entity_poly.nstd_monomer                   no 
_entity_poly.pdbx_seq_one_letter_code       
;VGSLNCIVAVSQNMGIGKNGDLPWPPLRNEFRYFQRMTTTSSVEGKQNLVIMGKKTWFSIPEKNRPLKGRINLVLSRELK
EPPQGAHFLSRSLDDALKLTEQPELANKVDMVWIVGGSSVYKEAMNHPGHLKLFVTRIMQDFESDTFFPEIDLEKYKLLP
EYPGVLSDVQEEKGIKYKFEVYEKND
;
_entity_poly.pdbx_seq_one_letter_code_can   
;VGSLNCIVAVSQNMGIGKNGDLPWPPLRNEFRYFQRMTTTSSVEGKQNLVIMGKKTWFSIPEKNRPLKGRINLVLSRELK
EPPQGAHFLSRSLDDALKLTEQPELANKVDMVWIVGGSSVYKEAMNHPGHLKLFVTRIMQDFESDTFFPEIDLEKYKLLP
EYPGVLSDVQEEKGIKYKFEVYEKND
;
_entity_poly.pdbx_strand_id                 A 
_entity_poly.pdbx_target_identifier         ? 
# 
loop_
_entity_poly_seq.entity_id 
_entity_poly_seq.num 
_entity_poly_seq.mon_id 
_entity_poly_seq.hetero 
1 1   VAL n 
1 2   GLY n 
1 3   SER n 
1 4   LEU n 
1 5   ASN n 
1 6   CYS n 
1 7   ILE n 
1 8   VAL n 
1 9   ALA n 
1 10  VAL n 
1 11  SER n 
1 12  GLN n 
1 13  ASN n 
1 14  MET n 
1 15  GLY n 
1 16  ILE n 
1 17  GLY n 
1 18  LYS n 
1 19  ASN n 
1 20  GLY n 
1 21  ASP n 
1 22  LEU n 
1 23  PRO n 
1 24  TRP n 
1 25  PRO n 
1 26  PRO n 
1 27  LEU n 
1 28  ARG n 
1 29  ASN n 
1 30  GLU n 
1 31  PHE n 
1 32  ARG n 
1 33  TYR n 
1 34  PHE n 
1 35  GLN n 
1 36  ARG n 
1 37  MET n 
1 38  THR n 
1 39  THR n 
1 40  THR n 
1 41  SER n 
1 42  SER n 
1 43  VAL n 
1 44  GLU n 
1 45  GLY n 
1 46  LYS n 
1 47  GLN n 
1 48  ASN n 
1 49  LEU n 
1 50  VAL n 
1 51  ILE n 
1 52  MET n 
1 53  GLY n 
1 54  LYS n 
1 55  LYS n 
1 56  THR n 
1 57  TRP n 
1 58  PHE n 
1 59  SER n 
1 60  ILE n 
1 61  PRO n 
1 62  GLU n 
1 63  LYS n 
1 64  ASN n 
1 65  ARG n 
1 66  PRO n 
1 67  LEU n 
1 68  LYS n 
1 69  GLY n 
1 70  ARG n 
1 71  ILE n 
1 72  ASN n 
1 73  LEU n 
1 74  VAL n 
1 75  LEU n 
1 76  SER n 
1 77  ARG n 
1 78  GLU n 
1 79  LEU n 
1 80  LYS n 
1 81  GLU n 
1 82  PRO n 
1 83  PRO n 
1 84  GLN n 
1 85  GLY n 
1 86  ALA n 
1 87  HIS n 
1 88  PHE n 
1 89  LEU n 
1 90  SER n 
1 91  ARG n 
1 92  SER n 
1 93  LEU n 
1 94  ASP n 
1 95  ASP n 
1 96  ALA n 
1 97  LEU n 
1 98  LYS n 
1 99  LEU n 
1 100 THR n 
1 101 GLU n 
1 102 GLN n 
1 103 PRO n 
1 104 GLU n 
1 105 LEU n 
1 106 ALA n 
1 107 ASN n 
1 108 LYS n 
1 109 VAL n 
1 110 ASP n 
1 111 MET n 
1 112 VAL n 
1 113 TRP n 
1 114 ILE n 
1 115 VAL n 
1 116 GLY n 
1 117 GLY n 
1 118 SER n 
1 119 SER n 
1 120 VAL n 
1 121 TYR n 
1 122 LYS n 
1 123 GLU n 
1 124 ALA n 
1 125 MET n 
1 126 ASN n 
1 127 HIS n 
1 128 PRO n 
1 129 GLY n 
1 130 HIS n 
1 131 LEU n 
1 132 LYS n 
1 133 LEU n 
1 134 PHE n 
1 135 VAL n 
1 136 THR n 
1 137 ARG n 
1 138 ILE n 
1 139 MET n 
1 140 GLN n 
1 141 ASP n 
1 142 PHE n 
1 143 GLU n 
1 144 SER n 
1 145 ASP n 
1 146 THR n 
1 147 PHE n 
1 148 PHE n 
1 149 PRO n 
1 150 GLU n 
1 151 ILE n 
1 152 ASP n 
1 153 LEU n 
1 154 GLU n 
1 155 LYS n 
1 156 TYR n 
1 157 LYS n 
1 158 LEU n 
1 159 LEU n 
1 160 PRO n 
1 161 GLU n 
1 162 TYR n 
1 163 PRO n 
1 164 GLY n 
1 165 VAL n 
1 166 LEU n 
1 167 SER n 
1 168 ASP n 
1 169 VAL n 
1 170 GLN n 
1 171 GLU n 
1 172 GLU n 
1 173 LYS n 
1 174 GLY n 
1 175 ILE n 
1 176 LYS n 
1 177 TYR n 
1 178 LYS n 
1 179 PHE n 
1 180 GLU n 
1 181 VAL n 
1 182 TYR n 
1 183 GLU n 
1 184 LYS n 
1 185 ASN n 
1 186 ASP n 
# 
_entity_src_gen.entity_id                          1 
_entity_src_gen.pdbx_src_id                        1 
_entity_src_gen.pdbx_alt_source_flag               sample 
_entity_src_gen.pdbx_seq_type                      ? 
_entity_src_gen.pdbx_beg_seq_num                   ? 
_entity_src_gen.pdbx_end_seq_num                   ? 
_entity_src_gen.gene_src_common_name               human 
_entity_src_gen.gene_src_genus                     Homo 
_entity_src_gen.pdbx_gene_src_gene                 DHFR 
_entity_src_gen.gene_src_species                   ? 
_entity_src_gen.gene_src_strain                    ? 
_entity_src_gen.gene_src_tissue                    ? 
_entity_src_gen.gene_src_tissue_fraction           ? 
_entity_src_gen.gene_src_details                   ? 
_entity_src_gen.pdbx_gene_src_fragment             ? 
_entity_src_gen.pdbx_gene_src_scientific_name      'Homo sapiens' 
_entity_src_gen.pdbx_gene_src_ncbi_taxonomy_id     9606 
_entity_src_gen.pdbx_gene_src_variant              ? 
_entity_src_gen.pdbx_gene_src_cell_line            ? 
_entity_src_gen.pdbx_gene_src_atcc                 ? 
_entity_src_gen.pdbx_gene_src_organ                ? 
_entity_src_gen.pdbx_gene_src_organelle            ? 
_entity_src_gen.pdbx_gene_src_cell                 ? 
_entity_src_gen.pdbx_gene_src_cellular_location    ? 
_entity_src_gen.host_org_common_name               ? 
_entity_src_gen.pdbx_host_org_scientific_name      'Escherichia coli' 
_entity_src_gen.pdbx_host_org_ncbi_taxonomy_id     562 
_entity_src_gen.host_org_genus                     Escherichia 
_entity_src_gen.pdbx_host_org_gene                 ? 
_entity_src_gen.pdbx_host_org_organ                ? 
_entity_src_gen.host_org_species                   ? 
_entity_src_gen.pdbx_host_org_tissue               ? 
_entity_src_gen.pdbx_host_org_tissue_fraction      ? 
_entity_src_gen.pdbx_host_org_strain               ? 
_entity_src_gen.pdbx_host_org_variant              ? 
_entity_src_gen.pdbx_host_org_cell_line            ? 
_entity_src_gen.pdbx_host_org_atcc                 ? 
_entity_src_gen.pdbx_host_org_culture_collection   ? 
_entity_src_gen.pdbx_host_org_cell                 ? 
_entity_src_gen.pdbx_host_org_organelle            ? 
_entity_src_gen.pdbx_host_org_cellular_location    ? 
_entity_src_gen.pdbx_host_org_vector_type          ? 
_entity_src_gen.pdbx_host_org_vector               ? 
_entity_src_gen.host_org_details                   ? 
_entity_src_gen.expression_system_id               ? 
_entity_src_gen.plasmid_name                       ? 
_entity_src_gen.plasmid_details                    ? 
_entity_src_gen.pdbx_description                   ? 
# 
_struct_ref.id                         1 
_struct_ref.db_name                    UNP 
_struct_ref.db_code                    DYR_HUMAN 
_struct_ref.pdbx_db_accession          P00374 
_struct_ref.entity_id                  1 
_struct_ref.pdbx_seq_one_letter_code   
;VGSLNCIVAVSQNMGIGKNGDLPWPPLRNEFRYFQRMTTTSSVEGKQNLVIMGKKTWFSIPEKNRPLKGRINLVLSRELK
EPPQGAHFLSRSLDDALKLTEQPELANKVDMVWIVGGSSVYKEAMNHPGHLKLFVTRIMQDFESDTFFPEIDLEKYKLLP
EYPGVLSDVQEEKGIKYKFEVYEKND
;
_struct_ref.pdbx_align_begin           1 
_struct_ref.pdbx_db_isoform            ? 
# 
_struct_ref_seq.align_id                      1 
_struct_ref_seq.ref_id                        1 
_struct_ref_seq.pdbx_PDB_id_code              1PDB 
_struct_ref_seq.pdbx_strand_id                A 
_struct_ref_seq.seq_align_beg                 1 
_struct_ref_seq.pdbx_seq_align_beg_ins_code   ? 
_struct_ref_seq.seq_align_end                 186 
_struct_ref_seq.pdbx_seq_align_end_ins_code   ? 
_struct_ref_seq.pdbx_db_accession             P00374 
_struct_ref_seq.db_align_beg                  1 
_struct_ref_seq.pdbx_db_align_beg_ins_code    ? 
_struct_ref_seq.db_align_end                  186 
_struct_ref_seq.pdbx_db_align_end_ins_code    ? 
_struct_ref_seq.pdbx_auth_seq_align_beg       1 
_struct_ref_seq.pdbx_auth_seq_align_end       186 
# 
loop_
_chem_comp.id 
_chem_comp.type 
_chem_comp.mon_nstd_flag 
_chem_comp.name 
_chem_comp.pdbx_synonyms 
_chem_comp.formula 
_chem_comp.formula_weight 
ALA 'L-peptide linking' y ALANINE         ? 'C3 H7 N O2'     89.093  
ARG 'L-peptide linking' y ARGININE        ? 'C6 H15 N4 O2 1' 175.209 
ASN 'L-peptide linking' y ASPARAGINE      ? 'C4 H8 N2 O3'    132.118 
ASP 'L-peptide linking' y 'ASPARTIC ACID' ? 'C4 H7 N O4'     133.103 
CYS 'L-peptide linking' y CYSTEINE        ? 'C3 H7 N O2 S'   121.158 
GLN 'L-peptide linking' y GLUTAMINE       ? 'C5 H10 N2 O3'   146.144 
GLU 'L-peptide linking' y 'GLUTAMIC ACID' ? 'C5 H9 N O4'     147.129 
GLY 'peptide linking'   y GLYCINE         ? 'C2 H5 N O2'     75.067  
HIS 'L-peptide linking' y HISTIDINE       ? 'C6 H10 N3 O2 1' 156.162 
HOH non-polymer         . WATER           ? 'H2 O'           18.015  
ILE 'L-peptide linking' y ISOLEUCINE      ? 'C6 H13 N O2'    131.173 
LEU 'L-peptide linking' y LEUCINE         ? 'C6 H13 N O2'    131.173 
LYS 'L-peptide linking' y LYSINE          ? 'C6 H15 N2 O2 1' 147.195 
MET 'L-peptide linking' y METHIONINE      ? 'C5 H11 N O2 S'  149.211 
PHE 'L-peptide linking' y PHENYLALANINE   ? 'C9 H11 N O2'    165.189 
PRO 'L-peptide linking' y PROLINE         ? 'C5 H9 N O2'     115.130 
SER 'L-peptide linking' y SERINE          ? 'C3 H7 N O3'     105.093 
THR 'L-peptide linking' y THREONINE       ? 'C4 H9 N O3'     119.119 
TRP 'L-peptide linking' y TRYPTOPHAN      ? 'C11 H12 N2 O2'  204.225 
TYR 'L-peptide linking' y TYROSINE        ? 'C9 H11 N O3'    181.189 
VAL 'L-peptide linking' y VALINE          ? 'C5 H11 N O2'    117.146 
# 
_exptl.entry_id          1PDB 
_exptl.method            'X-RAY DIFFRACTION' 
_exptl.crystals_number   1 
# 
_exptl_crystal.id                    1 
_exptl_crystal.density_meas          ? 
_exptl_crystal.density_Matthews      2.22 
_exptl_crystal.density_percent_sol   44.56 
_exptl_crystal.description           ? 
# 
_exptl_crystal_grow.crystal_id      1 
_exptl_crystal_grow.method          'VAPOR DIFFUSION, HANGING DROP' 
_exptl_crystal_grow.temp            298 
_exptl_crystal_grow.temp_details    ? 
_exptl_crystal_grow.pH              8.0 
_exptl_crystal_grow.pdbx_details    'ammonium sulfate, 0.1 M phosphate, pH 8.0, VAPOR DIFFUSION, HANGING DROP, temperature 298K' 
_exptl_crystal_grow.pdbx_pH_range   . 
# 
_diffrn.id                     1 
_diffrn.ambient_temp           298 
_diffrn.ambient_temp_details   ? 
_diffrn.crystal_id             1 
# 
_diffrn_detector.diffrn_id              1 
_diffrn_detector.detector               'IMAGE PLATE' 
_diffrn_detector.type                   'RIGAKU RAXIS IIC' 
_diffrn_detector.pdbx_collection_date   1994-09-03 
_diffrn_detector.details                mirrors 
# 
_diffrn_radiation.diffrn_id                        1 
_diffrn_radiation.wavelength_id                    1 
_diffrn_radiation.pdbx_monochromatic_or_laue_m_l   M 
_diffrn_radiation.monochromator                    graphite 
_diffrn_radiation.pdbx_diffrn_protocol             'SINGLE WAVELENGTH' 
_diffrn_radiation.pdbx_scattering_type             x-ray 
# 
_diffrn_radiation_wavelength.id           1 
_diffrn_radiation_wavelength.wavelength   1.5418 
_diffrn_radiation_wavelength.wt           1.0 
# 
_diffrn_source.diffrn_id                   1 
_diffrn_source.source                      'ROTATING ANODE' 
_diffrn_source.type                        RIGAKU 
_diffrn_source.pdbx_synchrotron_site       ? 
_diffrn_source.pdbx_synchrotron_beamline   ? 
_diffrn_source.pdbx_wavelength             1.5418 
_diffrn_source.pdbx_wavelength_list        ? 
# 
_reflns.entry_id                     1PDB 
_reflns.observed_criterion_sigma_F   2.0 
_reflns.observed_criterion_sigma_I   1.0 
_reflns.d_resolution_high            2.1 
_reflns.d_resolution_low             8.0 
_reflns.number_all                   9522 
_reflns.number_obs                   8535 
_reflns.percent_possible_obs         80.5 
_reflns.pdbx_Rmerge_I_obs            0.068 
_reflns.pdbx_Rsym_value              ? 
_reflns.pdbx_netI_over_sigmaI        ? 
_reflns.B_iso_Wilson_estimate        28.6 
_reflns.pdbx_redundancy              ? 
_reflns.R_free_details               ? 
_reflns.limit_h_max                  ? 
_reflns.limit_h_min                  ? 
_reflns.limit_k_max                  ? 
_reflns.limit_k_min                  ? 
_reflns.limit_l_max                  ? 
_reflns.limit_l_min                  ? 
_reflns.observed_criterion_F_max     ? 
_reflns.observed_criterion_F_min     ? 
_reflns.pdbx_diffrn_id               1 
_reflns.pdbx_ordinal                 1 
# 
_reflns_shell.d_res_high             2.1 
_reflns_shell.d_res_low              2.2 
_reflns_shell.percent_possible_all   51.9 
_reflns_shell.Rmerge_I_obs           ? 
_reflns_shell.pdbx_Rsym_value        ? 
_reflns_shell.meanI_over_sigI_obs    ? 
_reflns_shell.pdbx_redundancy        ? 
_reflns_shell.percent_possible_obs   ? 
_reflns_shell.number_unique_all      ? 
_reflns_shell.pdbx_diffrn_id         ? 
_reflns_shell.pdbx_ordinal           1 
# 
_refine.entry_id                                 1PDB 
_refine.ls_d_res_high                            2.2 
_refine.ls_d_res_low                             8.0 
_refine.pdbx_ls_sigma_F                          2.0 
_refine.pdbx_ls_sigma_I                          1.0 
_refine.ls_number_reflns_all                     9522 
_refine.ls_number_reflns_obs                     8535 
_refine.ls_number_reflns_R_free                  9522 
_refine.ls_percent_reflns_obs                    80.5 
_refine.ls_R_factor_all                          ? 
_refine.ls_R_factor_obs                          0.25 
_refine.ls_R_factor_R_work                       0.239 
_refine.ls_R_factor_R_free                       0.25 
_refine.ls_redundancy_reflns_obs                 ? 
_refine.pdbx_data_cutoff_high_absF               ? 
_refine.pdbx_data_cutoff_low_absF                ? 
_refine.ls_number_parameters                     ? 
_refine.ls_number_restraints                     ? 
_refine.ls_percent_reflns_R_free                 ? 
_refine.ls_R_factor_R_free_error                 ? 
_refine.ls_R_factor_R_free_error_details         ? 
_refine.pdbx_method_to_determine_struct          'MOLECULAR REPLACEMENT' 
_refine.pdbx_starting_model                      'PDB ENTRY 1HFP' 
_refine.pdbx_ls_cross_valid_method               ? 
_refine.pdbx_R_Free_selection_details            ? 
_refine.pdbx_stereochem_target_val_spec_case     ? 
_refine.pdbx_stereochemistry_target_values       'Engh & Huber' 
_refine.solvent_model_details                    ? 
_refine.solvent_model_param_bsol                 ? 
_refine.solvent_model_param_ksol                 ? 
_refine.occupancy_max                            ? 
_refine.occupancy_min                            ? 
_refine.pdbx_isotropic_thermal_model             isotropic 
_refine.B_iso_mean                               28.7 
_refine.aniso_B[1][1]                            ? 
_refine.aniso_B[1][2]                            ? 
_refine.aniso_B[1][3]                            ? 
_refine.aniso_B[2][2]                            ? 
_refine.aniso_B[2][3]                            ? 
_refine.aniso_B[3][3]                            ? 
_refine.details                                  ? 
_refine.B_iso_min                                ? 
_refine.B_iso_max                                ? 
_refine.correlation_coeff_Fo_to_Fc               ? 
_refine.correlation_coeff_Fo_to_Fc_free          ? 
_refine.pdbx_solvent_vdw_probe_radii             ? 
_refine.pdbx_solvent_ion_probe_radii             ? 
_refine.pdbx_solvent_shrinkage_radii             ? 
_refine.overall_SU_R_Cruickshank_DPI             ? 
_refine.overall_SU_R_free                        ? 
_refine.overall_SU_B                             ? 
_refine.overall_SU_ML                            ? 
_refine.pdbx_overall_ESU_R                       ? 
_refine.pdbx_overall_ESU_R_Free                  ? 
_refine.pdbx_data_cutoff_high_rms_absF           ? 
_refine.pdbx_refine_id                           'X-RAY DIFFRACTION' 
_refine.pdbx_diffrn_id                           1 
_refine.pdbx_TLS_residual_ADP_flag               ? 
_refine.pdbx_overall_phase_error                 ? 
_refine.pdbx_overall_SU_R_free_Cruickshank_DPI   ? 
_refine.pdbx_overall_SU_R_Blow_DPI               ? 
_refine.pdbx_overall_SU_R_free_Blow_DPI          ? 
# 
_refine_hist.pdbx_refine_id                   'X-RAY DIFFRACTION' 
_refine_hist.cycle_id                         LAST 
_refine_hist.pdbx_number_atoms_protein        1502 
_refine_hist.pdbx_number_atoms_nucleic_acid   0 
_refine_hist.pdbx_number_atoms_ligand         0 
_refine_hist.number_atoms_solvent             17 
_refine_hist.number_atoms_total               1519 
_refine_hist.d_res_high                       2.2 
_refine_hist.d_res_low                        8.0 
# 
loop_
_refine_ls_restr.type 
_refine_ls_restr.dev_ideal 
_refine_ls_restr.dev_ideal_target 
_refine_ls_restr.weight 
_refine_ls_restr.number 
_refine_ls_restr.pdbx_refine_id 
_refine_ls_restr.pdbx_restraint_function 
p_bond_d     0.025 ? ? ? 'X-RAY DIFFRACTION' ? 
p_angle_d    0.070 ? ? ? 'X-RAY DIFFRACTION' ? 
p_mcangle_it 0.072 ? ? ? 'X-RAY DIFFRACTION' ? 
p_mcbond_it  0.017 ? ? ? 'X-RAY DIFFRACTION' ? 
# 
_struct.entry_id                  1PDB 
_struct.title                     
;Analysis of Three Crystal Structure Determinations of a 5-Methyl-6-N-Methylanilino Pyridopyrimidine Antifolate Complex with Human Dihydrofolate Reductase
;
_struct.pdbx_model_details        ? 
_struct.pdbx_CASP_flag            ? 
_struct.pdbx_model_type_details   ? 
# 
_struct_keywords.entry_id        1PDB 
_struct_keywords.pdbx_keywords   OXIDOREDUCTASE 
_struct_keywords.text            'human dihydrofolate reductase inhibitor complexes, OXIDOREDUCTASE' 
# 
loop_
_struct_asym.id 
_struct_asym.pdbx_blank_PDB_chainid_flag 
_struct_asym.pdbx_modified 
_struct_asym.entity_id 
_struct_asym.details 
A N N 1 ? 
B N N 2 ? 
# 
loop_
_struct_conf.conf_type_id 
_struct_conf.id 
_struct_conf.pdbx_PDB_helix_id 
_struct_conf.beg_label_comp_id 
_struct_conf.beg_label_asym_id 
_struct_conf.beg_label_seq_id 
_struct_conf.pdbx_beg_PDB_ins_code 
_struct_conf.end_label_comp_id 
_struct_conf.end_label_asym_id 
_struct_conf.end_label_seq_id 
_struct_conf.pdbx_end_PDB_ins_code 
_struct_conf.beg_auth_comp_id 
_struct_conf.beg_auth_asym_id 
_struct_conf.beg_auth_seq_id 
_struct_conf.end_auth_comp_id 
_struct_conf.end_auth_asym_id 
_struct_conf.end_auth_seq_id 
_struct_conf.pdbx_PDB_helix_class 
_struct_conf.details 
_struct_conf.pdbx_PDB_helix_length 
HELX_P HELX_P1 1 LEU A 27  ? THR A 40  ? LEU A 27  THR A 40  1 ? 14 
HELX_P HELX_P2 2 LYS A 54  ? SER A 59  ? LYS A 54  SER A 59  1 ? 6  
HELX_P HELX_P3 3 PRO A 61  ? ARG A 65  ? PRO A 61  ARG A 65  5 ? 5  
HELX_P HELX_P4 4 SER A 92  ? LEU A 99  ? SER A 92  LEU A 99  1 ? 8  
HELX_P HELX_P5 5 GLY A 117 ? HIS A 127 ? GLY A 117 HIS A 127 1 ? 11 
# 
_struct_conf_type.id          HELX_P 
_struct_conf_type.criteria    ? 
_struct_conf_type.reference   ? 
# 
loop_
_struct_mon_prot_cis.pdbx_id 
_struct_mon_prot_cis.label_comp_id 
_struct_mon_prot_cis.label_seq_id 
_struct_mon_prot_cis.label_asym_id 
_struct_mon_prot_cis.label_alt_id 
_struct_mon_prot_cis.pdbx_PDB_ins_code 
_struct_mon_prot_cis.auth_comp_id 
_struct_mon_prot_cis.auth_seq_id 
_struct_mon_prot_cis.auth_asym_id 
_struct_mon_prot_cis.pdbx_label_comp_id_2 
_struct_mon_prot_cis.pdbx_label_seq_id_2 
_struct_mon_prot_cis.pdbx_label_asym_id_2 
_struct_mon_prot_cis.pdbx_PDB_ins_code_2 
_struct_mon_prot_cis.pdbx_auth_comp_id_2 
_struct_mon_prot_cis.pdbx_auth_seq_id_2 
_struct_mon_prot_cis.pdbx_auth_asym_id_2 
_struct_mon_prot_cis.pdbx_PDB_model_num 
_struct_mon_prot_cis.pdbx_omega_angle 
1 ARG 65  A . ? ARG 65  A PRO 66  A ? PRO 66  A 1 -1.51 
2 GLY 116 A . ? GLY 116 A GLY 117 A ? GLY 117 A 1 -1.65 
# 
loop_
_struct_sheet.id 
_struct_sheet.type 
_struct_sheet.number_strands 
_struct_sheet.details 
A ? 8 ? 
B ? 8 ? 
C ? 2 ? 
# 
loop_
_struct_sheet_order.sheet_id 
_struct_sheet_order.range_id_1 
_struct_sheet_order.range_id_2 
_struct_sheet_order.offset 
_struct_sheet_order.sense 
A 1 2 ? parallel      
A 2 3 ? parallel      
A 3 4 ? parallel      
A 4 5 ? parallel      
A 5 6 ? parallel      
A 6 7 ? anti-parallel 
A 7 8 ? anti-parallel 
B 1 2 ? parallel      
B 2 3 ? parallel      
B 3 4 ? parallel      
B 4 5 ? parallel      
B 5 6 ? parallel      
B 6 7 ? anti-parallel 
B 7 8 ? anti-parallel 
C 1 2 ? anti-parallel 
# 
loop_
_struct_sheet_range.sheet_id 
_struct_sheet_range.id 
_struct_sheet_range.beg_label_comp_id 
_struct_sheet_range.beg_label_asym_id 
_struct_sheet_range.beg_label_seq_id 
_struct_sheet_range.pdbx_beg_PDB_ins_code 
_struct_sheet_range.end_label_comp_id 
_struct_sheet_range.end_label_asym_id 
_struct_sheet_range.end_label_seq_id 
_struct_sheet_range.pdbx_end_PDB_ins_code 
_struct_sheet_range.beg_auth_comp_id 
_struct_sheet_range.beg_auth_asym_id 
_struct_sheet_range.beg_auth_seq_id 
_struct_sheet_range.end_auth_comp_id 
_struct_sheet_range.end_auth_asym_id 
_struct_sheet_range.end_auth_seq_id 
A 1 PHE A 88  ? SER A 90  ? PHE A 88  SER A 90  
A 2 ILE A 71  ? LEU A 75  ? ILE A 71  LEU A 75  
A 3 GLN A 47  ? GLY A 53  ? GLN A 47  GLY A 53  
A 4 VAL A 109 ? GLY A 116 ? VAL A 109 GLY A 116 
A 5 LEU A 4   ? VAL A 10  ? LEU A 4   VAL A 10  
A 6 GLY A 129 ? ILE A 138 ? GLY A 129 ILE A 138 
A 7 ILE A 175 ? ASP A 186 ? ILE A 175 ASP A 186 
A 8 LYS A 157 ? LEU A 159 ? LYS A 157 LEU A 159 
B 1 PHE A 88  ? SER A 90  ? PHE A 88  SER A 90  
B 2 ILE A 71  ? LEU A 75  ? ILE A 71  LEU A 75  
B 3 GLN A 47  ? GLY A 53  ? GLN A 47  GLY A 53  
B 4 VAL A 109 ? GLY A 116 ? VAL A 109 GLY A 116 
B 5 LEU A 4   ? VAL A 10  ? LEU A 4   VAL A 10  
B 6 GLY A 129 ? ILE A 138 ? GLY A 129 ILE A 138 
B 7 ILE A 175 ? ASP A 186 ? ILE A 175 ASP A 186 
B 8 GLN A 170 ? GLU A 172 ? GLN A 170 GLU A 172 
C 1 GLY A 15  ? GLY A 17  ? GLY A 15  GLY A 17  
C 2 THR A 146 ? PHE A 147 ? THR A 146 PHE A 147 
# 
loop_
_pdbx_struct_sheet_hbond.sheet_id 
_pdbx_struct_sheet_hbond.range_id_1 
_pdbx_struct_sheet_hbond.range_id_2 
_pdbx_struct_sheet_hbond.range_1_label_atom_id 
_pdbx_struct_sheet_hbond.range_1_label_comp_id 
_pdbx_struct_sheet_hbond.range_1_label_asym_id 
_pdbx_struct_sheet_hbond.range_1_label_seq_id 
_pdbx_struct_sheet_hbond.range_1_PDB_ins_code 
_pdbx_struct_sheet_hbond.range_1_auth_atom_id 
_pdbx_struct_sheet_hbond.range_1_auth_comp_id 
_pdbx_struct_sheet_hbond.range_1_auth_asym_id 
_pdbx_struct_sheet_hbond.range_1_auth_seq_id 
_pdbx_struct_sheet_hbond.range_2_label_atom_id 
_pdbx_struct_sheet_hbond.range_2_label_comp_id 
_pdbx_struct_sheet_hbond.range_2_label_asym_id 
_pdbx_struct_sheet_hbond.range_2_label_seq_id 
_pdbx_struct_sheet_hbond.range_2_PDB_ins_code 
_pdbx_struct_sheet_hbond.range_2_auth_atom_id 
_pdbx_struct_sheet_hbond.range_2_auth_comp_id 
_pdbx_struct_sheet_hbond.range_2_auth_asym_id 
_pdbx_struct_sheet_hbond.range_2_auth_seq_id 
A 1 2 O PHE A 88  ? O PHE A 88  N VAL A 74  ? N VAL A 74  
A 2 3 O LEU A 73  ? O LEU A 73  N VAL A 50  ? N VAL A 50  
A 3 4 N ILE A 51  ? N ILE A 51  O VAL A 115 ? O VAL A 115 
A 4 5 O VAL A 112 ? O VAL A 112 N ASN A 5   ? N ASN A 5   
A 5 6 N CYS A 6   ? N CYS A 6   O PHE A 134 ? O PHE A 134 
A 6 7 N VAL A 135 ? N VAL A 135 O GLU A 180 ? O GLU A 180 
A 7 8 O VAL A 181 ? O VAL A 181 N LEU A 159 ? N LEU A 159 
B 1 2 O PHE A 88  ? O PHE A 88  N VAL A 74  ? N VAL A 74  
B 2 3 O LEU A 73  ? O LEU A 73  N VAL A 50  ? N VAL A 50  
B 3 4 N ILE A 51  ? N ILE A 51  O VAL A 115 ? O VAL A 115 
B 4 5 O VAL A 112 ? O VAL A 112 N ASN A 5   ? N ASN A 5   
B 5 6 N CYS A 6   ? N CYS A 6   O PHE A 134 ? O PHE A 134 
B 6 7 N VAL A 135 ? N VAL A 135 O GLU A 180 ? O GLU A 180 
B 7 8 O TYR A 177 ? O TYR A 177 N GLN A 170 ? N GLN A 170 
C 1 2 O GLY A 17  ? O GLY A 17  N THR A 146 ? N THR A 146 
# 
_atom_sites.entry_id                    1PDB 
_atom_sites.fract_transf_matrix[1][1]   0.01398277 
_atom_sites.fract_transf_matrix[1][2]   0.00611492 
_atom_sites.fract_transf_matrix[1][3]   0.00442876 
_atom_sites.fract_transf_matrix[2][1]   -0.00747564 
_atom_sites.fract_transf_matrix[2][2]   0.00990564 
_atom_sites.fract_transf_matrix[2][3]   0.00992558 
_atom_sites.fract_transf_matrix[3][1]   0.00069590 
_atom_sites.fract_transf_matrix[3][2]   -0.00710999 
_atom_sites.fract_transf_matrix[3][3]   0.00761983 
_atom_sites.fract_transf_vector[1]      0.733614 
_atom_sites.fract_transf_vector[2]      0.257825 
_atom_sites.fract_transf_vector[3]      -0.012994 
# 
loop_
_atom_type.symbol 
C 
N 
O 
S 
# 
loop_
_atom_site.group_PDB 
_atom_site.id 
_atom_site.type_symbol 
_atom_site.label_atom_id 
_atom_site.label_alt_id 
_atom_site.label_comp_id 
_atom_site.label_asym_id 
_atom_site.label_entity_id 
_atom_site.label_seq_id 
_atom_site.pdbx_PDB_ins_code 
_atom_site.Cartn_x 
_atom_site.Cartn_y 
_atom_site.Cartn_z 
_atom_site.occupancy 
_atom_site.B_iso_or_equiv 
_atom_site.pdbx_formal_charge 
_atom_site.auth_seq_id 
_atom_site.auth_comp_id 
_atom_site.auth_asym_id 
_atom_site.auth_atom_id 
_atom_site.pdbx_PDB_model_num 
ATOM   1    N N   . VAL A 1 1   ? -3.497  9.783   14.425  1.00 27.72 ? 1   VAL A N   1 
ATOM   2    C CA  . VAL A 1 1   ? -4.225  8.516   14.177  1.00 29.66 ? 1   VAL A CA  1 
ATOM   3    C C   . VAL A 1 1   ? -5.136  8.720   12.960  1.00 29.47 ? 1   VAL A C   1 
ATOM   4    O O   . VAL A 1 1   ? -5.981  9.657   12.842  1.00 28.47 ? 1   VAL A O   1 
ATOM   5    C CB  . VAL A 1 1   ? -4.873  8.150   15.530  1.00 30.57 ? 1   VAL A CB  1 
ATOM   6    C CG1 . VAL A 1 1   ? -3.878  8.012   16.699  1.00 30.40 ? 1   VAL A CG1 1 
ATOM   7    C CG2 . VAL A 1 1   ? -5.929  9.213   15.923  1.00 30.65 ? 1   VAL A CG2 1 
ATOM   8    N N   . GLY A 1 2   ? -5.037  7.768   12.005  1.00 29.50 ? 2   GLY A N   1 
ATOM   9    C CA  . GLY A 1 2   ? -5.873  8.000   10.810  1.00 29.47 ? 2   GLY A CA  1 
ATOM   10   C C   . GLY A 1 2   ? -6.329  6.948   9.852   1.00 29.16 ? 2   GLY A C   1 
ATOM   11   O O   . GLY A 1 2   ? -6.927  5.853   10.149  1.00 30.65 ? 2   GLY A O   1 
ATOM   12   N N   . SER A 1 3   ? -6.237  7.299   8.607   1.00 27.21 ? 3   SER A N   1 
ATOM   13   C CA  . SER A 1 3   ? -6.336  7.281   7.212   1.00 25.24 ? 3   SER A CA  1 
ATOM   14   C C   . SER A 1 3   ? -6.210  6.045   6.333   1.00 23.54 ? 3   SER A C   1 
ATOM   15   O O   . SER A 1 3   ? -5.061  6.003   5.829   1.00 20.94 ? 3   SER A O   1 
ATOM   16   C CB  . SER A 1 3   ? -5.455  8.383   6.545   1.00 26.89 ? 3   SER A CB  1 
ATOM   17   O OG  . SER A 1 3   ? -5.055  9.509   7.374   1.00 27.10 ? 3   SER A OG  1 
ATOM   18   N N   . LEU A 1 4   ? -7.339  5.291   6.088   1.00 20.65 ? 4   LEU A N   1 
ATOM   19   C CA  . LEU A 1 4   ? -6.975  4.101   5.178   1.00 18.63 ? 4   LEU A CA  1 
ATOM   20   C C   . LEU A 1 4   ? -6.819  4.351   3.690   1.00 16.36 ? 4   LEU A C   1 
ATOM   21   O O   . LEU A 1 4   ? -7.712  4.603   2.903   1.00 15.90 ? 4   LEU A O   1 
ATOM   22   C CB  . LEU A 1 4   ? -7.976  3.109   5.695   1.00 17.29 ? 4   LEU A CB  1 
ATOM   23   C CG  . LEU A 1 4   ? -7.787  1.769   6.248   1.00 17.13 ? 4   LEU A CG  1 
ATOM   24   C CD1 . LEU A 1 4   ? -7.335  1.845   7.718   1.00 16.75 ? 4   LEU A CD1 1 
ATOM   25   C CD2 . LEU A 1 4   ? -9.084  0.975   6.034   1.00 15.26 ? 4   LEU A CD2 1 
ATOM   26   N N   . ASN A 1 5   ? -5.654  4.248   3.100   1.00 15.40 ? 5   ASN A N   1 
ATOM   27   C CA  . ASN A 1 5   ? -5.093  4.475   1.769   1.00 14.09 ? 5   ASN A CA  1 
ATOM   28   C C   . ASN A 1 5   ? -4.482  3.246   1.139   1.00 13.29 ? 5   ASN A C   1 
ATOM   29   O O   . ASN A 1 5   ? -3.497  2.760   1.716   1.00 12.54 ? 5   ASN A O   1 
ATOM   30   C CB  . ASN A 1 5   ? -3.995  5.553   2.032   1.00 14.18 ? 5   ASN A CB  1 
ATOM   31   C CG  . ASN A 1 5   ? -4.612  6.808   2.605   1.00 16.09 ? 5   ASN A CG  1 
ATOM   32   O OD1 . ASN A 1 5   ? -5.521  7.495   2.027   1.00 17.38 ? 5   ASN A OD1 1 
ATOM   33   N ND2 . ASN A 1 5   ? -4.183  7.297   3.770   1.00 16.71 ? 5   ASN A ND2 1 
ATOM   34   N N   . CYS A 1 6   ? -4.930  2.683   0.015   1.00 13.05 ? 6   CYS A N   1 
ATOM   35   C CA  . CYS A 1 6   ? -4.347  1.466   -0.565  1.00 10.93 ? 6   CYS A CA  1 
ATOM   36   C C   . CYS A 1 6   ? -3.469  1.957   -1.731  1.00 10.99 ? 6   CYS A C   1 
ATOM   37   O O   . CYS A 1 6   ? -3.914  2.804   -2.569  1.00 10.67 ? 6   CYS A O   1 
ATOM   38   C CB  . CYS A 1 6   ? -5.397  0.405   -0.834  1.00 11.50 ? 6   CYS A CB  1 
ATOM   39   S SG  . CYS A 1 6   ? -6.286  -0.404  0.554   1.00 11.09 ? 6   CYS A SG  1 
ATOM   40   N N   . ILE A 1 7   ? -2.227  1.560   -1.731  1.00 9.28  ? 7   ILE A N   1 
ATOM   41   C CA  . ILE A 1 7   ? -1.283  1.996   -2.753  1.00 9.76  ? 7   ILE A CA  1 
ATOM   42   C C   . ILE A 1 7   ? -0.793  0.741   -3.437  1.00 9.22  ? 7   ILE A C   1 
ATOM   43   O O   . ILE A 1 7   ? -0.363  -0.155  -2.670  1.00 8.78  ? 7   ILE A O   1 
ATOM   44   C CB  . ILE A 1 7   ? -0.222  2.935   -2.032  1.00 10.27 ? 7   ILE A CB  1 
ATOM   45   C CG1 . ILE A 1 7   ? 0.398   3.744   -3.271  1.00 11.38 ? 7   ILE A CG1 1 
ATOM   46   C CG2 . ILE A 1 7   ? 0.521   2.023   -1.123  1.00 10.31 ? 7   ILE A CG2 1 
ATOM   47   C CD1 . ILE A 1 7   ? 1.885   4.051   -3.272  1.00 12.29 ? 7   ILE A CD1 1 
ATOM   48   N N   . VAL A 1 8   ? -1.000  0.631   -4.757  1.00 7.43  ? 8   VAL A N   1 
ATOM   49   C CA  . VAL A 1 8   ? -0.593  -0.525  -5.540  1.00 6.24  ? 8   VAL A CA  1 
ATOM   50   C C   . VAL A 1 8   ? -0.116  -0.150  -6.931  1.00 7.12  ? 8   VAL A C   1 
ATOM   51   O O   . VAL A 1 8   ? -0.746  0.771   -7.377  1.00 7.18  ? 8   VAL A O   1 
ATOM   52   C CB  . VAL A 1 8   ? -1.909  -1.250  -6.101  1.00 6.24  ? 8   VAL A CB  1 
ATOM   53   C CG1 . VAL A 1 8   ? -1.541  -2.679  -6.148  1.00 4.66  ? 8   VAL A CG1 1 
ATOM   54   C CG2 . VAL A 1 8   ? -3.081  -0.699  -5.381  1.00 4.16  ? 8   VAL A CG2 1 
ATOM   55   N N   . ALA A 1 9   ? 0.760   -0.931  -7.540  1.00 8.60  ? 9   ALA A N   1 
ATOM   56   C CA  . ALA A 1 9   ? 1.206   -0.718  -8.936  1.00 8.84  ? 9   ALA A CA  1 
ATOM   57   C C   . ALA A 1 9   ? 0.692   -2.066  -9.533  1.00 8.28  ? 9   ALA A C   1 
ATOM   58   O O   . ALA A 1 9   ? 1.029   -2.965  -8.762  1.00 6.99  ? 9   ALA A O   1 
ATOM   59   C CB  . ALA A 1 9   ? 2.735   -0.686  -8.955  1.00 9.46  ? 9   ALA A CB  1 
ATOM   60   N N   . VAL A 1 10  ? -0.024  -2.014  -10.607 1.00 9.01  ? 10  VAL A N   1 
ATOM   61   C CA  . VAL A 1 10  ? -0.609  -3.252  -11.242 1.00 9.18  ? 10  VAL A CA  1 
ATOM   62   C C   . VAL A 1 10  ? -0.164  -3.321  -12.696 1.00 8.75  ? 10  VAL A C   1 
ATOM   63   O O   . VAL A 1 10  ? 0.017   -2.265  -13.299 1.00 8.67  ? 10  VAL A O   1 
ATOM   64   C CB  . VAL A 1 10  ? -2.153  -3.188  -11.244 1.00 9.15  ? 10  VAL A CB  1 
ATOM   65   C CG1 . VAL A 1 10  ? -2.973  -3.785  -10.032 1.00 10.60 ? 10  VAL A CG1 1 
ATOM   66   C CG2 . VAL A 1 10  ? -2.722  -1.764  -11.028 1.00 8.71  ? 10  VAL A CG2 1 
ATOM   67   N N   . SER A 1 11  ? -0.123  -4.515  -13.279 1.00 9.31  ? 11  SER A N   1 
ATOM   68   C CA  . SER A 1 11  ? 0.223   -4.538  -14.759 1.00 10.16 ? 11  SER A CA  1 
ATOM   69   C C   . SER A 1 11  ? -1.162  -4.448  -15.441 1.00 11.05 ? 11  SER A C   1 
ATOM   70   O O   . SER A 1 11  ? -2.162  -4.254  -14.742 1.00 11.51 ? 11  SER A O   1 
ATOM   71   C CB  . SER A 1 11  ? 1.184   -5.628  -15.097 1.00 8.83  ? 11  SER A CB  1 
ATOM   72   O OG  . SER A 1 11  ? 0.562   -6.899  -14.782 1.00 9.17  ? 11  SER A OG  1 
ATOM   73   N N   . GLN A 1 12  ? -1.343  -4.589  -16.724 1.00 13.42 ? 12  GLN A N   1 
ATOM   74   C CA  . GLN A 1 12  ? -2.700  -4.515  -17.371 1.00 15.17 ? 12  GLN A CA  1 
ATOM   75   C C   . GLN A 1 12  ? -3.543  -5.773  -17.291 1.00 15.08 ? 12  GLN A C   1 
ATOM   76   O O   . GLN A 1 12  ? -4.823  -5.829  -17.504 1.00 14.75 ? 12  GLN A O   1 
ATOM   77   C CB  . GLN A 1 12  ? -2.475  -4.074  -18.801 1.00 17.05 ? 12  GLN A CB  1 
ATOM   78   C CG  . GLN A 1 12  ? -2.022  -2.640  -19.061 1.00 18.36 ? 12  GLN A CG  1 
ATOM   79   C CD  . GLN A 1 12  ? -2.835  -2.138  -20.277 1.00 19.92 ? 12  GLN A CD  1 
ATOM   80   O OE1 . GLN A 1 12  ? -2.878  -0.947  -20.626 1.00 21.16 ? 12  GLN A OE1 1 
ATOM   81   N NE2 . GLN A 1 12  ? -3.506  -3.097  -20.957 1.00 20.16 ? 12  GLN A NE2 1 
ATOM   82   N N   . ASN A 1 13  ? -2.953  -6.846  -16.933 1.00 15.64 ? 13  ASN A N   1 
ATOM   83   C CA  . ASN A 1 13  ? -3.600  -8.205  -16.773 1.00 16.14 ? 13  ASN A CA  1 
ATOM   84   C C   . ASN A 1 13  ? -3.783  -8.405  -15.268 1.00 16.55 ? 13  ASN A C   1 
ATOM   85   O O   . ASN A 1 13  ? -4.049  -9.426  -14.630 1.00 17.58 ? 13  ASN A O   1 
ATOM   86   C CB  . ASN A 1 13  ? -2.770  -9.161  -17.675 1.00 16.94 ? 13  ASN A CB  1 
ATOM   87   C CG  . ASN A 1 13  ? -1.588  -9.655  -16.894 1.00 18.16 ? 13  ASN A CG  1 
ATOM   88   O OD1 . ASN A 1 13  ? -0.959  -10.679 -17.291 1.00 20.23 ? 13  ASN A OD1 1 
ATOM   89   N ND2 . ASN A 1 13  ? -1.274  -9.021  -15.752 1.00 15.87 ? 13  ASN A ND2 1 
ATOM   90   N N   . MET A 1 14  ? -3.700  -7.289  -14.527 1.00 15.83 ? 14  MET A N   1 
ATOM   91   C CA  . MET A 1 14  ? -3.860  -7.031  -13.133 1.00 15.75 ? 14  MET A CA  1 
ATOM   92   C C   . MET A 1 14  ? -2.833  -7.726  -12.252 1.00 15.31 ? 14  MET A C   1 
ATOM   93   O O   . MET A 1 14  ? -3.243  -7.690  -11.060 1.00 16.52 ? 14  MET A O   1 
ATOM   94   C CB  . MET A 1 14  ? -5.247  -7.542  -12.651 1.00 17.16 ? 14  MET A CB  1 
ATOM   95   C CG  . MET A 1 14  ? -6.227  -7.189  -13.787 1.00 17.64 ? 14  MET A CG  1 
ATOM   96   S SD  . MET A 1 14  ? -6.300  -5.367  -13.348 1.00 19.18 ? 14  MET A SD  1 
ATOM   97   C CE  . MET A 1 14  ? -7.183  -5.640  -11.800 1.00 17.62 ? 14  MET A CE  1 
ATOM   98   N N   . GLY A 1 15  ? -1.749  -8.255  -12.761 1.00 12.24 ? 15  GLY A N   1 
ATOM   99   C CA  . GLY A 1 15  ? -0.914  -8.944  -11.758 1.00 11.75 ? 15  GLY A CA  1 
ATOM   100  C C   . GLY A 1 15  ? -0.288  -7.843  -10.921 1.00 11.76 ? 15  GLY A C   1 
ATOM   101  O O   . GLY A 1 15  ? -0.179  -6.762  -11.616 1.00 11.15 ? 15  GLY A O   1 
ATOM   102  N N   . ILE A 1 16  ? 0.083   -8.222  -9.720  1.00 11.02 ? 16  ILE A N   1 
ATOM   103  C CA  . ILE A 1 16  ? 0.844   -7.383  -8.821  1.00 11.73 ? 16  ILE A CA  1 
ATOM   104  C C   . ILE A 1 16  ? 2.136   -8.172  -8.424  1.00 12.28 ? 16  ILE A C   1 
ATOM   105  O O   . ILE A 1 16  ? 2.979   -7.634  -7.701  1.00 11.53 ? 16  ILE A O   1 
ATOM   106  C CB  . ILE A 1 16  ? 0.077   -6.804  -7.571  1.00 10.30 ? 16  ILE A CB  1 
ATOM   107  C CG1 . ILE A 1 16  ? -0.214  -7.787  -6.450  1.00 10.15 ? 16  ILE A CG1 1 
ATOM   108  C CG2 . ILE A 1 16  ? -1.239  -5.997  -7.914  1.00 10.09 ? 16  ILE A CG2 1 
ATOM   109  C CD1 . ILE A 1 16  ? -1.185  -7.133  -5.356  1.00 9.85  ? 16  ILE A CD1 1 
ATOM   110  N N   . GLY A 1 17  ? 2.373   -9.442  -8.769  1.00 14.13 ? 17  GLY A N   1 
ATOM   111  C CA  . GLY A 1 17  ? 3.646   -10.122 -8.163  1.00 15.09 ? 17  GLY A CA  1 
ATOM   112  C C   . GLY A 1 17  ? 3.976   -11.300 -9.072  1.00 15.98 ? 17  GLY A C   1 
ATOM   113  O O   . GLY A 1 17  ? 3.150   -11.692 -9.898  1.00 17.82 ? 17  GLY A O   1 
ATOM   114  N N   . LYS A 1 18  ? 5.150   -11.859 -9.062  1.00 16.18 ? 18  LYS A N   1 
ATOM   115  C CA  . LYS A 1 18  ? 5.764   -12.944 -9.770  1.00 16.33 ? 18  LYS A CA  1 
ATOM   116  C C   . LYS A 1 18  ? 7.013   -13.364 -8.921  1.00 16.50 ? 18  LYS A C   1 
ATOM   117  O O   . LYS A 1 18  ? 8.024   -12.586 -8.765  1.00 15.46 ? 18  LYS A O   1 
ATOM   118  C CB  . LYS A 1 18  ? 6.276   -12.899 -11.196 1.00 16.40 ? 18  LYS A CB  1 
ATOM   119  C CG  . LYS A 1 18  ? 5.572   -13.935 -12.160 1.00 19.42 ? 18  LYS A CG  1 
ATOM   120  C CD  . LYS A 1 18  ? 6.641   -14.104 -13.250 1.00 20.64 ? 18  LYS A CD  1 
ATOM   121  C CE  . LYS A 1 18  ? 7.966   -14.360 -12.522 1.00 22.10 ? 18  LYS A CE  1 
ATOM   122  N NZ  . LYS A 1 18  ? 9.032   -14.883 -13.478 1.00 22.30 ? 18  LYS A NZ  1 
ATOM   123  N N   . ASN A 1 19  ? 6.818   -14.592 -8.473  1.00 16.99 ? 19  ASN A N   1 
ATOM   124  C CA  . ASN A 1 19  ? 7.866   -15.260 -7.642  1.00 17.96 ? 19  ASN A CA  1 
ATOM   125  C C   . ASN A 1 19  ? 8.324   -14.446 -6.437  1.00 17.82 ? 19  ASN A C   1 
ATOM   126  O O   . ASN A 1 19  ? 9.522   -14.265 -6.183  1.00 18.72 ? 19  ASN A O   1 
ATOM   127  C CB  . ASN A 1 19  ? 9.032   -15.484 -8.608  1.00 19.55 ? 19  ASN A CB  1 
ATOM   128  C CG  . ASN A 1 19  ? 8.798   -16.048 -9.968  1.00 20.22 ? 19  ASN A CG  1 
ATOM   129  O OD1 . ASN A 1 19  ? 7.766   -16.515 -10.417 1.00 20.76 ? 19  ASN A OD1 1 
ATOM   130  N ND2 . ASN A 1 19  ? 9.925   -15.999 -10.733 1.00 21.96 ? 19  ASN A ND2 1 
ATOM   131  N N   . GLY A 1 20  ? 7.373   -13.848 -5.736  1.00 17.64 ? 20  GLY A N   1 
ATOM   132  C CA  . GLY A 1 20  ? 7.575   -13.041 -4.608  1.00 19.98 ? 20  GLY A CA  1 
ATOM   133  C C   . GLY A 1 20  ? 8.468   -11.826 -4.950  1.00 19.84 ? 20  GLY A C   1 
ATOM   134  O O   . GLY A 1 20  ? 9.236   -11.341 -4.120  1.00 21.28 ? 20  GLY A O   1 
ATOM   135  N N   . ASP A 1 21  ? 8.315   -11.455 -6.186  1.00 19.28 ? 21  ASP A N   1 
ATOM   136  C CA  . ASP A 1 21  ? 9.071   -10.230 -6.746  1.00 19.24 ? 21  ASP A CA  1 
ATOM   137  C C   . ASP A 1 21  ? 7.897   -9.664  -7.565  1.00 17.71 ? 21  ASP A C   1 
ATOM   138  O O   . ASP A 1 21  ? 6.815   -10.270 -7.510  1.00 16.76 ? 21  ASP A O   1 
ATOM   139  C CB  . ASP A 1 21  ? 10.314  -10.695 -7.375  1.00 19.95 ? 21  ASP A CB  1 
ATOM   140  C CG  . ASP A 1 21  ? 11.456  -9.816  -7.715  1.00 21.47 ? 21  ASP A CG  1 
ATOM   141  O OD1 . ASP A 1 21  ? 11.460  -8.604  -7.509  1.00 21.14 ? 21  ASP A OD1 1 
ATOM   142  O OD2 . ASP A 1 21  ? 12.397  -10.485 -8.271  1.00 22.53 ? 21  ASP A OD2 1 
ATOM   143  N N   . LEU A 1 22  ? 8.143   -8.600  -8.229  1.00 17.42 ? 22  LEU A N   1 
ATOM   144  C CA  . LEU A 1 22  ? 7.229   -7.829  -9.065  1.00 16.01 ? 22  LEU A CA  1 
ATOM   145  C C   . LEU A 1 22  ? 7.545   -8.312  -10.482 1.00 15.39 ? 22  LEU A C   1 
ATOM   146  O O   . LEU A 1 22  ? 8.682   -8.725  -10.695 1.00 15.48 ? 22  LEU A O   1 
ATOM   147  C CB  . LEU A 1 22  ? 7.329   -6.400  -8.835  1.00 16.46 ? 22  LEU A CB  1 
ATOM   148  C CG  . LEU A 1 22  ? 8.165   -5.212  -9.140  1.00 17.45 ? 22  LEU A CG  1 
ATOM   149  C CD1 . LEU A 1 22  ? 7.889   -4.256  -7.945  1.00 17.04 ? 22  LEU A CD1 1 
ATOM   150  C CD2 . LEU A 1 22  ? 9.610   -5.554  -9.247  1.00 18.08 ? 22  LEU A CD2 1 
ATOM   151  N N   . PRO A 1 23  ? 6.496   -8.281  -11.244 1.00 14.17 ? 23  PRO A N   1 
ATOM   152  C CA  . PRO A 1 23  ? 6.468   -8.768  -12.595 1.00 12.85 ? 23  PRO A CA  1 
ATOM   153  C C   . PRO A 1 23  ? 7.362   -8.007  -13.534 1.00 11.80 ? 23  PRO A C   1 
ATOM   154  O O   . PRO A 1 23  ? 7.973   -8.670  -14.440 1.00 14.19 ? 23  PRO A O   1 
ATOM   155  C CB  . PRO A 1 23  ? 4.972   -8.504  -13.044 1.00 11.73 ? 23  PRO A CB  1 
ATOM   156  C CG  . PRO A 1 23  ? 4.362   -8.814  -11.719 1.00 11.58 ? 23  PRO A CG  1 
ATOM   157  C CD  . PRO A 1 23  ? 5.117   -7.765  -10.820 1.00 13.37 ? 23  PRO A CD  1 
ATOM   158  N N   . TRP A 1 24  ? 7.337   -6.711  -13.388 1.00 10.35 ? 24  TRP A N   1 
ATOM   159  C CA  . TRP A 1 24  ? 8.118   -5.833  -14.215 1.00 8.95  ? 24  TRP A CA  1 
ATOM   160  C C   . TRP A 1 24  ? 9.494   -5.581  -13.614 1.00 11.48 ? 24  TRP A C   1 
ATOM   161  O O   . TRP A 1 24  ? 9.728   -5.876  -12.367 1.00 10.00 ? 24  TRP A O   1 
ATOM   162  C CB  . TRP A 1 24  ? 7.437   -4.455  -14.332 1.00 9.64  ? 24  TRP A CB  1 
ATOM   163  C CG  . TRP A 1 24  ? 6.931   -3.973  -13.029 1.00 7.81  ? 24  TRP A CG  1 
ATOM   164  C CD1 . TRP A 1 24  ? 7.469   -3.156  -12.112 1.00 7.50  ? 24  TRP A CD1 1 
ATOM   165  C CD2 . TRP A 1 24  ? 5.624   -4.425  -12.506 1.00 7.36  ? 24  TRP A CD2 1 
ATOM   166  N NE1 . TRP A 1 24  ? 6.594   -3.017  -11.007 1.00 7.19  ? 24  TRP A NE1 1 
ATOM   167  C CE2 . TRP A 1 24  ? 5.444   -3.829  -11.247 1.00 6.20  ? 24  TRP A CE2 1 
ATOM   168  C CE3 . TRP A 1 24  ? 4.624   -5.275  -13.033 1.00 8.17  ? 24  TRP A CE3 1 
ATOM   169  C CZ2 . TRP A 1 24  ? 4.318   -4.075  -10.586 1.00 5.61  ? 24  TRP A CZ2 1 
ATOM   170  C CZ3 . TRP A 1 24  ? 3.430   -5.536  -12.371 1.00 7.32  ? 24  TRP A CZ3 1 
ATOM   171  C CH2 . TRP A 1 24  ? 3.311   -4.866  -11.144 1.00 7.34  ? 24  TRP A CH2 1 
ATOM   172  N N   . PRO A 1 25  ? 10.250  -4.970  -14.563 1.00 12.67 ? 25  PRO A N   1 
ATOM   173  C CA  . PRO A 1 25  ? 11.628  -4.592  -14.181 1.00 14.80 ? 25  PRO A CA  1 
ATOM   174  C C   . PRO A 1 25  ? 11.366  -3.611  -13.074 1.00 16.86 ? 25  PRO A C   1 
ATOM   175  O O   . PRO A 1 25  ? 10.190  -3.271  -12.852 1.00 18.27 ? 25  PRO A O   1 
ATOM   176  C CB  . PRO A 1 25  ? 12.331  -4.263  -15.506 1.00 12.82 ? 25  PRO A CB  1 
ATOM   177  C CG  . PRO A 1 25  ? 11.308  -4.173  -16.534 1.00 12.67 ? 25  PRO A CG  1 
ATOM   178  C CD  . PRO A 1 25  ? 9.975   -4.680  -15.936 1.00 12.26 ? 25  PRO A CD  1 
ATOM   179  N N   . PRO A 1 26  ? 12.315  -3.125  -12.304 1.00 18.86 ? 26  PRO A N   1 
ATOM   180  C CA  . PRO A 1 26  ? 12.090  -2.168  -11.226 1.00 19.07 ? 26  PRO A CA  1 
ATOM   181  C C   . PRO A 1 26  ? 12.061  -0.778  -11.805 1.00 19.51 ? 26  PRO A C   1 
ATOM   182  O O   . PRO A 1 26  ? 12.931  -0.375  -12.618 1.00 21.51 ? 26  PRO A O   1 
ATOM   183  C CB  . PRO A 1 26  ? 13.302  -2.399  -10.291 1.00 19.87 ? 26  PRO A CB  1 
ATOM   184  C CG  . PRO A 1 26  ? 14.390  -2.770  -11.233 1.00 19.84 ? 26  PRO A CG  1 
ATOM   185  C CD  . PRO A 1 26  ? 13.749  -3.449  -12.442 1.00 19.43 ? 26  PRO A CD  1 
ATOM   186  N N   . LEU A 1 27  ? 11.074  -0.018  -11.367 1.00 18.79 ? 27  LEU A N   1 
ATOM   187  C CA  . LEU A 1 27  ? 10.868  1.365   -11.807 1.00 17.48 ? 27  LEU A CA  1 
ATOM   188  C C   . LEU A 1 27  ? 11.181  2.269   -10.607 1.00 18.21 ? 27  LEU A C   1 
ATOM   189  O O   . LEU A 1 27  ? 10.175  2.400   -9.870  1.00 18.53 ? 27  LEU A O   1 
ATOM   190  C CB  . LEU A 1 27  ? 9.469   1.389   -12.401 1.00 14.99 ? 27  LEU A CB  1 
ATOM   191  C CG  . LEU A 1 27  ? 8.971   0.732   -13.618 1.00 13.40 ? 27  LEU A CG  1 
ATOM   192  C CD1 . LEU A 1 27  ? 7.530   1.062   -14.084 1.00 12.13 ? 27  LEU A CD1 1 
ATOM   193  C CD2 . LEU A 1 27  ? 9.876   0.990   -14.867 1.00 13.75 ? 27  LEU A CD2 1 
ATOM   194  N N   . ARG A 1 28  ? 12.358  2.740   -10.392 1.00 18.67 ? 28  ARG A N   1 
ATOM   195  C CA  . ARG A 1 28  ? 12.896  3.571   -9.326  1.00 19.28 ? 28  ARG A CA  1 
ATOM   196  C C   . ARG A 1 28  ? 12.142  4.879   -9.041  1.00 18.84 ? 28  ARG A C   1 
ATOM   197  O O   . ARG A 1 28  ? 12.221  5.455   -7.912  1.00 19.17 ? 28  ARG A O   1 
ATOM   198  C CB  . ARG A 1 28  ? 14.304  4.040   -9.725  1.00 20.36 ? 28  ARG A CB  1 
ATOM   199  C CG  . ARG A 1 28  ? 15.247  2.886   -9.425  1.00 23.33 ? 28  ARG A CG  1 
ATOM   200  C CD  . ARG A 1 28  ? 15.508  1.641   -10.141 1.00 24.09 ? 28  ARG A CD  1 
ATOM   201  N NE  . ARG A 1 28  ? 16.499  1.536   -11.174 1.00 25.37 ? 28  ARG A NE  1 
ATOM   202  C CZ  . ARG A 1 28  ? 17.442  0.923   -11.885 1.00 25.56 ? 28  ARG A CZ  1 
ATOM   203  N NH1 . ARG A 1 28  ? 17.987  1.585   -12.955 1.00 25.40 ? 28  ARG A NH1 1 
ATOM   204  N NH2 . ARG A 1 28  ? 17.977  -0.267  -11.566 1.00 25.30 ? 28  ARG A NH2 1 
ATOM   205  N N   . ASN A 1 29  ? 11.441  5.291   -10.071 1.00 17.10 ? 29  ASN A N   1 
ATOM   206  C CA  . ASN A 1 29  ? 10.563  6.499   -10.007 1.00 16.01 ? 29  ASN A CA  1 
ATOM   207  C C   . ASN A 1 29  ? 9.180   6.102   -9.512  1.00 14.02 ? 29  ASN A C   1 
ATOM   208  O O   . ASN A 1 29  ? 8.294   6.907   -9.151  1.00 13.91 ? 29  ASN A O   1 
ATOM   209  C CB  . ASN A 1 29  ? 10.423  7.185   -11.349 1.00 15.87 ? 29  ASN A CB  1 
ATOM   210  C CG  . ASN A 1 29  ? 11.566  8.201   -11.506 1.00 17.14 ? 29  ASN A CG  1 
ATOM   211  O OD1 . ASN A 1 29  ? 11.390  9.116   -12.366 1.00 17.20 ? 29  ASN A OD1 1 
ATOM   212  N ND2 . ASN A 1 29  ? 12.654  8.132   -10.728 1.00 17.49 ? 29  ASN A ND2 1 
ATOM   213  N N   . GLU A 1 30  ? 8.981   4.800   -9.681  1.00 12.64 ? 30  GLU A N   1 
ATOM   214  C CA  . GLU A 1 30  ? 7.662   4.276   -9.311  1.00 11.16 ? 30  GLU A CA  1 
ATOM   215  C C   . GLU A 1 30  ? 7.721   4.127   -7.792  1.00 11.35 ? 30  GLU A C   1 
ATOM   216  O O   . GLU A 1 30  ? 6.817   4.439   -7.068  1.00 11.21 ? 30  GLU A O   1 
ATOM   217  C CB  . GLU A 1 30  ? 7.289   2.956   -10.028 1.00 8.81  ? 30  GLU A CB  1 
ATOM   218  C CG  . GLU A 1 30  ? 5.787   2.935   -9.988  1.00 6.79  ? 30  GLU A CG  1 
ATOM   219  C CD  . GLU A 1 30  ? 5.119   2.612   -8.674  1.00 5.62  ? 30  GLU A CD  1 
ATOM   220  O OE1 . GLU A 1 30  ? 4.038   2.961   -8.211  1.00 6.54  ? 30  GLU A OE1 1 
ATOM   221  O OE2 . GLU A 1 30  ? 5.904   1.958   -8.046  1.00 4.95  ? 30  GLU A OE2 1 
ATOM   222  N N   . PHE A 1 31  ? 8.890   3.720   -7.420  1.00 14.09 ? 31  PHE A N   1 
ATOM   223  C CA  . PHE A 1 31  ? 9.302   3.496   -6.040  1.00 14.24 ? 31  PHE A CA  1 
ATOM   224  C C   . PHE A 1 31  ? 9.311   4.789   -5.241  1.00 13.27 ? 31  PHE A C   1 
ATOM   225  O O   . PHE A 1 31  ? 8.929   4.684   -4.084  1.00 12.43 ? 31  PHE A O   1 
ATOM   226  C CB  . PHE A 1 31  ? 10.687  2.896   -6.073  1.00 16.67 ? 31  PHE A CB  1 
ATOM   227  C CG  . PHE A 1 31  ? 10.939  1.456   -6.462  1.00 18.43 ? 31  PHE A CG  1 
ATOM   228  C CD1 . PHE A 1 31  ? 9.950   0.454   -6.444  1.00 18.75 ? 31  PHE A CD1 1 
ATOM   229  C CD2 . PHE A 1 31  ? 12.271  1.088   -6.781  1.00 18.15 ? 31  PHE A CD2 1 
ATOM   230  C CE1 . PHE A 1 31  ? 10.241  -0.855  -6.849  1.00 19.00 ? 31  PHE A CE1 1 
ATOM   231  C CE2 . PHE A 1 31  ? 12.586  -0.234  -7.163  1.00 17.85 ? 31  PHE A CE2 1 
ATOM   232  C CZ  . PHE A 1 31  ? 11.575  -1.206  -7.213  1.00 19.15 ? 31  PHE A CZ  1 
ATOM   233  N N   . ARG A 1 32  ? 9.741   5.882   -5.760  1.00 12.46 ? 32  ARG A N   1 
ATOM   234  C CA  . ARG A 1 32  ? 9.912   7.208   -5.112  1.00 12.05 ? 32  ARG A CA  1 
ATOM   235  C C   . ARG A 1 32  ? 8.500   7.783   -4.914  1.00 12.55 ? 32  ARG A C   1 
ATOM   236  O O   . ARG A 1 32  ? 8.251   8.380   -3.872  1.00 12.12 ? 32  ARG A O   1 
ATOM   237  C CB  . ARG A 1 32  ? 10.939  8.034   -5.860  1.00 14.10 ? 32  ARG A CB  1 
ATOM   238  C CG  . ARG A 1 32  ? 12.324  7.351   -5.755  1.00 16.19 ? 32  ARG A CG  1 
ATOM   239  C CD  . ARG A 1 32  ? 13.515  8.232   -6.028  1.00 18.56 ? 32  ARG A CD  1 
ATOM   240  N NE  . ARG A 1 32  ? 14.381  7.461   -6.963  1.00 20.62 ? 32  ARG A NE  1 
ATOM   241  C CZ  . ARG A 1 32  ? 14.991  7.748   -8.120  1.00 22.18 ? 32  ARG A CZ  1 
ATOM   242  N NH1 . ARG A 1 32  ? 15.226  8.942   -8.723  1.00 21.00 ? 32  ARG A NH1 1 
ATOM   243  N NH2 . ARG A 1 32  ? 15.005  6.617   -8.998  1.00 23.08 ? 32  ARG A NH2 1 
ATOM   244  N N   . TYR A 1 33  ? 7.619   7.586   -5.919  1.00 12.04 ? 33  TYR A N   1 
ATOM   245  C CA  . TYR A 1 33  ? 6.239   8.024   -5.631  1.00 11.80 ? 33  TYR A CA  1 
ATOM   246  C C   . TYR A 1 33  ? 5.736   7.223   -4.383  1.00 11.08 ? 33  TYR A C   1 
ATOM   247  O O   . TYR A 1 33  ? 5.106   7.816   -3.524  1.00 10.01 ? 33  TYR A O   1 
ATOM   248  C CB  . TYR A 1 33  ? 5.252   7.639   -6.679  1.00 12.16 ? 33  TYR A CB  1 
ATOM   249  C CG  . TYR A 1 33  ? 3.748   7.708   -6.571  1.00 12.08 ? 33  TYR A CG  1 
ATOM   250  C CD1 . TYR A 1 33  ? 2.986   6.576   -6.600  1.00 12.77 ? 33  TYR A CD1 1 
ATOM   251  C CD2 . TYR A 1 33  ? 3.132   8.925   -6.590  1.00 12.53 ? 33  TYR A CD2 1 
ATOM   252  C CE1 . TYR A 1 33  ? 1.582   6.667   -6.599  1.00 14.10 ? 33  TYR A CE1 1 
ATOM   253  C CE2 . TYR A 1 33  ? 1.720   9.047   -6.556  1.00 14.40 ? 33  TYR A CE2 1 
ATOM   254  C CZ  . TYR A 1 33  ? 0.968   7.911   -6.628  1.00 14.52 ? 33  TYR A CZ  1 
ATOM   255  O OH  . TYR A 1 33  ? -0.396  8.093   -6.646  1.00 17.25 ? 33  TYR A OH  1 
ATOM   256  N N   . PHE A 1 34  ? 6.004   5.903   -4.467  1.00 11.72 ? 34  PHE A N   1 
ATOM   257  C CA  . PHE A 1 34  ? 5.678   4.920   -3.465  1.00 12.09 ? 34  PHE A CA  1 
ATOM   258  C C   . PHE A 1 34  ? 6.094   5.515   -2.144  1.00 12.40 ? 34  PHE A C   1 
ATOM   259  O O   . PHE A 1 34  ? 5.219   5.790   -1.372  1.00 13.24 ? 34  PHE A O   1 
ATOM   260  C CB  . PHE A 1 34  ? 6.445   3.559   -3.593  1.00 13.46 ? 34  PHE A CB  1 
ATOM   261  C CG  . PHE A 1 34  ? 6.226   2.719   -2.386  1.00 14.29 ? 34  PHE A CG  1 
ATOM   262  C CD1 . PHE A 1 34  ? 4.922   2.302   -2.096  1.00 14.35 ? 34  PHE A CD1 1 
ATOM   263  C CD2 . PHE A 1 34  ? 7.229   2.326   -1.500  1.00 14.37 ? 34  PHE A CD2 1 
ATOM   264  C CE1 . PHE A 1 34  ? 4.620   1.534   -0.976  1.00 13.66 ? 34  PHE A CE1 1 
ATOM   265  C CE2 . PHE A 1 34  ? 6.905   1.638   -0.337  1.00 12.86 ? 34  PHE A CE2 1 
ATOM   266  C CZ  . PHE A 1 34  ? 5.609   1.191   -0.092  1.00 13.08 ? 34  PHE A CZ  1 
ATOM   267  N N   . GLN A 1 35  ? 7.339   5.755   -1.894  1.00 14.03 ? 35  GLN A N   1 
ATOM   268  C CA  . GLN A 1 35  ? 8.023   6.292   -0.805  1.00 17.20 ? 35  GLN A CA  1 
ATOM   269  C C   . GLN A 1 35  ? 7.436   7.688   -0.369  1.00 17.91 ? 35  GLN A C   1 
ATOM   270  O O   . GLN A 1 35  ? 7.057   7.770   0.819   1.00 18.32 ? 35  GLN A O   1 
ATOM   271  C CB  . GLN A 1 35  ? 9.513   6.413   -1.092  1.00 18.98 ? 35  GLN A CB  1 
ATOM   272  C CG  . GLN A 1 35  ? 10.416  5.275   -1.411  1.00 21.04 ? 35  GLN A CG  1 
ATOM   273  C CD  . GLN A 1 35  ? 10.551  4.198   -0.330  1.00 22.04 ? 35  GLN A CD  1 
ATOM   274  O OE1 . GLN A 1 35  ? 9.738   3.267   -0.334  1.00 22.23 ? 35  GLN A OE1 1 
ATOM   275  N NE2 . GLN A 1 35  ? 11.510  4.357   0.575   1.00 21.80 ? 35  GLN A NE2 1 
ATOM   276  N N   . ARG A 1 36  ? 7.317   8.653   -1.241  1.00 16.52 ? 36  ARG A N   1 
ATOM   277  C CA  . ARG A 1 36  ? 6.878   10.037  -0.933  1.00 16.86 ? 36  ARG A CA  1 
ATOM   278  C C   . ARG A 1 36  ? 5.473   10.020  -0.347  1.00 16.40 ? 36  ARG A C   1 
ATOM   279  O O   . ARG A 1 36  ? 5.065   10.532  0.661   1.00 15.35 ? 36  ARG A O   1 
ATOM   280  C CB  . ARG A 1 36  ? 7.002   10.788  -2.269  1.00 17.96 ? 36  ARG A CB  1 
ATOM   281  C CG  . ARG A 1 36  ? 7.489   12.199  -2.392  1.00 20.35 ? 36  ARG A CG  1 
ATOM   282  C CD  . ARG A 1 36  ? 7.243   13.100  -3.534  1.00 21.95 ? 36  ARG A CD  1 
ATOM   283  N NE  . ARG A 1 36  ? 5.776   13.477  -3.680  1.00 22.30 ? 36  ARG A NE  1 
ATOM   284  C CZ  . ARG A 1 36  ? 5.084   12.777  -4.623  1.00 22.14 ? 36  ARG A CZ  1 
ATOM   285  N NH1 . ARG A 1 36  ? 3.776   12.894  -4.827  1.00 20.95 ? 36  ARG A NH1 1 
ATOM   286  N NH2 . ARG A 1 36  ? 5.944   11.976  -5.308  1.00 21.35 ? 36  ARG A NH2 1 
ATOM   287  N N   . MET A 1 37  ? 4.640   9.215   -1.087  1.00 16.39 ? 37  MET A N   1 
ATOM   288  C CA  . MET A 1 37  ? 3.232   8.969   -0.758  1.00 16.30 ? 37  MET A CA  1 
ATOM   289  C C   . MET A 1 37  ? 2.997   8.444   0.654   1.00 16.22 ? 37  MET A C   1 
ATOM   290  O O   . MET A 1 37  ? 2.175   9.004   1.427   1.00 15.13 ? 37  MET A O   1 
ATOM   291  C CB  . MET A 1 37  ? 2.682   8.178   -1.875  1.00 16.16 ? 37  MET A CB  1 
ATOM   292  C CG  . MET A 1 37  ? 1.255   8.344   -2.190  1.00 16.59 ? 37  MET A CG  1 
ATOM   293  S SD  . MET A 1 37  ? 0.865   10.076  -2.563  1.00 18.85 ? 37  MET A SD  1 
ATOM   294  C CE  . MET A 1 37  ? 2.148   10.725  -3.640  1.00 17.39 ? 37  MET A CE  1 
ATOM   295  N N   . THR A 1 38  ? 3.712   7.421   1.040   1.00 16.22 ? 38  THR A N   1 
ATOM   296  C CA  . THR A 1 38  ? 3.671   6.695   2.318   1.00 16.11 ? 38  THR A CA  1 
ATOM   297  C C   . THR A 1 38  ? 4.535   7.308   3.393   1.00 16.05 ? 38  THR A C   1 
ATOM   298  O O   . THR A 1 38  ? 4.328   7.049   4.577   1.00 16.97 ? 38  THR A O   1 
ATOM   299  C CB  . THR A 1 38  ? 3.882   5.142   2.102   1.00 14.98 ? 38  THR A CB  1 
ATOM   300  O OG1 . THR A 1 38  ? 5.303   5.009   1.733   1.00 15.69 ? 38  THR A OG1 1 
ATOM   301  C CG2 . THR A 1 38  ? 2.974   4.589   1.002   1.00 15.00 ? 38  THR A CG2 1 
ATOM   302  N N   . THR A 1 39  ? 5.425   8.218   3.042   1.00 17.04 ? 39  THR A N   1 
ATOM   303  C CA  . THR A 1 39  ? 6.235   8.849   4.130   1.00 18.85 ? 39  THR A CA  1 
ATOM   304  C C   . THR A 1 39  ? 5.646   10.164  4.563   1.00 19.88 ? 39  THR A C   1 
ATOM   305  O O   . THR A 1 39  ? 5.361   10.364  5.775   1.00 21.04 ? 39  THR A O   1 
ATOM   306  C CB  . THR A 1 39  ? 7.760   8.934   3.806   1.00 18.33 ? 39  THR A CB  1 
ATOM   307  O OG1 . THR A 1 39  ? 8.089   7.607   3.224   1.00 18.56 ? 39  THR A OG1 1 
ATOM   308  C CG2 . THR A 1 39  ? 8.541   9.334   5.013   1.00 17.51 ? 39  THR A CG2 1 
ATOM   309  N N   . THR A 1 40  ? 5.465   11.087  3.603   1.00 19.94 ? 40  THR A N   1 
ATOM   310  C CA  . THR A 1 40  ? 4.810   12.321  4.046   1.00 21.25 ? 40  THR A CA  1 
ATOM   311  C C   . THR A 1 40  ? 3.787   12.172  5.180   1.00 21.89 ? 40  THR A C   1 
ATOM   312  O O   . THR A 1 40  ? 2.628   11.768  5.030   1.00 20.54 ? 40  THR A O   1 
ATOM   313  C CB  . THR A 1 40  ? 4.184   13.055  2.789   1.00 21.68 ? 40  THR A CB  1 
ATOM   314  O OG1 . THR A 1 40  ? 4.929   12.818  1.557   1.00 21.50 ? 40  THR A OG1 1 
ATOM   315  C CG2 . THR A 1 40  ? 4.180   14.585  3.002   1.00 21.57 ? 40  THR A CG2 1 
ATOM   316  N N   . SER A 1 41  ? 4.136   12.633  6.389   1.00 24.50 ? 41  SER A N   1 
ATOM   317  C CA  . SER A 1 41  ? 3.315   12.679  7.619   1.00 27.23 ? 41  SER A CA  1 
ATOM   318  C C   . SER A 1 41  ? 2.869   14.155  7.753   1.00 29.43 ? 41  SER A C   1 
ATOM   319  O O   . SER A 1 41  ? 3.776   15.033  7.729   1.00 29.58 ? 41  SER A O   1 
ATOM   320  C CB  . SER A 1 41  ? 3.977   12.310  8.900   1.00 27.88 ? 41  SER A CB  1 
ATOM   321  O OG  . SER A 1 41  ? 3.029   12.568  9.908   1.00 28.42 ? 41  SER A OG  1 
ATOM   322  N N   . SER A 1 42  ? 1.553   14.354  7.896   1.00 30.30 ? 42  SER A N   1 
ATOM   323  C CA  . SER A 1 42  ? 0.963   15.683  7.919   1.00 32.97 ? 42  SER A CA  1 
ATOM   324  C C   . SER A 1 42  ? 0.828   16.693  9.066   1.00 35.15 ? 42  SER A C   1 
ATOM   325  O O   . SER A 1 42  ? 0.349   17.865  8.776   1.00 36.37 ? 42  SER A O   1 
ATOM   326  C CB  . SER A 1 42  ? -0.474  15.517  7.326   1.00 32.48 ? 42  SER A CB  1 
ATOM   327  O OG  . SER A 1 42  ? -1.101  14.257  7.492   1.00 30.47 ? 42  SER A OG  1 
ATOM   328  N N   . VAL A 1 43  ? 1.172   16.337  10.274  1.00 35.99 ? 43  VAL A N   1 
ATOM   329  C CA  . VAL A 1 43  ? 1.125   17.117  11.507  1.00 37.08 ? 43  VAL A CA  1 
ATOM   330  C C   . VAL A 1 43  ? 2.591   17.283  11.926  1.00 37.69 ? 43  VAL A C   1 
ATOM   331  O O   . VAL A 1 43  ? 3.505   16.561  11.487  1.00 38.09 ? 43  VAL A O   1 
ATOM   332  C CB  . VAL A 1 43  ? 0.259   16.398  12.572  1.00 37.17 ? 43  VAL A CB  1 
ATOM   333  C CG1 . VAL A 1 43  ? 1.110   15.404  13.387  1.00 37.53 ? 43  VAL A CG1 1 
ATOM   334  C CG2 . VAL A 1 43  ? -0.530  17.309  13.472  1.00 36.70 ? 43  VAL A CG2 1 
ATOM   335  N N   . GLU A 1 44  ? 2.844   18.264  12.769  1.00 38.73 ? 44  GLU A N   1 
ATOM   336  C CA  . GLU A 1 44  ? 4.197   18.584  13.219  1.00 39.01 ? 44  GLU A CA  1 
ATOM   337  C C   . GLU A 1 44  ? 4.999   17.600  14.035  1.00 38.18 ? 44  GLU A C   1 
ATOM   338  O O   . GLU A 1 44  ? 5.924   18.063  14.752  1.00 37.54 ? 44  GLU A O   1 
ATOM   339  C CB  . GLU A 1 44  ? 4.172   20.074  13.678  1.00 40.83 ? 44  GLU A CB  1 
ATOM   340  C CG  . GLU A 1 44  ? 4.675   20.943  12.541  1.00 42.30 ? 44  GLU A CG  1 
ATOM   341  C CD  . GLU A 1 44  ? 4.529   22.360  12.183  1.00 43.64 ? 44  GLU A CD  1 
ATOM   342  O OE1 . GLU A 1 44  ? 3.601   23.123  12.534  1.00 43.96 ? 44  GLU A OE1 1 
ATOM   343  O OE2 . GLU A 1 44  ? 5.478   22.707  11.359  1.00 44.08 ? 44  GLU A OE2 1 
ATOM   344  N N   . GLY A 1 45  ? 4.818   16.276  13.897  1.00 36.94 ? 45  GLY A N   1 
ATOM   345  C CA  . GLY A 1 45  ? 5.594   15.248  14.613  1.00 34.73 ? 45  GLY A CA  1 
ATOM   346  C C   . GLY A 1 45  ? 5.109   13.844  14.947  1.00 33.21 ? 45  GLY A C   1 
ATOM   347  O O   . GLY A 1 45  ? 5.444   13.186  15.971  1.00 32.31 ? 45  GLY A O   1 
ATOM   348  N N   . LYS A 1 46  ? 4.269   13.263  14.076  1.00 31.76 ? 46  LYS A N   1 
ATOM   349  C CA  . LYS A 1 46  ? 3.703   11.894  14.186  1.00 30.25 ? 46  LYS A CA  1 
ATOM   350  C C   . LYS A 1 46  ? 4.217   11.152  12.927  1.00 28.98 ? 46  LYS A C   1 
ATOM   351  O O   . LYS A 1 46  ? 4.979   11.794  12.122  1.00 28.97 ? 46  LYS A O   1 
ATOM   352  C CB  . LYS A 1 46  ? 2.212   11.767  14.120  1.00 30.40 ? 46  LYS A CB  1 
ATOM   353  C CG  . LYS A 1 46  ? 1.354   12.399  15.203  1.00 30.72 ? 46  LYS A CG  1 
ATOM   354  C CD  . LYS A 1 46  ? 0.024   11.646  15.276  1.00 31.45 ? 46  LYS A CD  1 
ATOM   355  C CE  . LYS A 1 46  ? -0.689  11.816  16.584  1.00 32.65 ? 46  LYS A CE  1 
ATOM   356  N NZ  . LYS A 1 46  ? 0.031   11.107  17.703  1.00 33.59 ? 46  LYS A NZ  1 
ATOM   357  N N   . GLN A 1 47  ? 3.761   9.948   12.755  1.00 27.14 ? 47  GLN A N   1 
ATOM   358  C CA  . GLN A 1 47  ? 4.218   9.164   11.587  1.00 26.19 ? 47  GLN A CA  1 
ATOM   359  C C   . GLN A 1 47  ? 3.066   8.262   11.053  1.00 24.08 ? 47  GLN A C   1 
ATOM   360  O O   . GLN A 1 47  ? 2.218   7.886   11.888  1.00 22.56 ? 47  GLN A O   1 
ATOM   361  C CB  . GLN A 1 47  ? 5.401   8.292   11.924  1.00 27.76 ? 47  GLN A CB  1 
ATOM   362  C CG  . GLN A 1 47  ? 6.840   8.754   11.979  1.00 30.01 ? 47  GLN A CG  1 
ATOM   363  C CD  . GLN A 1 47  ? 7.621   7.458   12.238  1.00 31.14 ? 47  GLN A CD  1 
ATOM   364  O OE1 . GLN A 1 47  ? 7.005   6.426   12.536  1.00 31.92 ? 47  GLN A OE1 1 
ATOM   365  N NE2 . GLN A 1 47  ? 8.934   7.455   12.154  1.00 31.93 ? 47  GLN A NE2 1 
ATOM   366  N N   . ASN A 1 48  ? 3.168   7.999   9.757   1.00 20.87 ? 48  ASN A N   1 
ATOM   367  C CA  . ASN A 1 48  ? 2.174   7.102   9.103   1.00 20.10 ? 48  ASN A CA  1 
ATOM   368  C C   . ASN A 1 48  ? 2.597   5.662   9.500   1.00 18.91 ? 48  ASN A C   1 
ATOM   369  O O   . ASN A 1 48  ? 3.782   5.280   9.696   1.00 18.48 ? 48  ASN A O   1 
ATOM   370  C CB  . ASN A 1 48  ? 2.111   7.310   7.523   1.00 18.16 ? 48  ASN A CB  1 
ATOM   371  C CG  . ASN A 1 48  ? 1.989   8.793   7.267   1.00 17.91 ? 48  ASN A CG  1 
ATOM   372  O OD1 . ASN A 1 48  ? 1.424   9.498   8.143   1.00 17.28 ? 48  ASN A OD1 1 
ATOM   373  N ND2 . ASN A 1 48  ? 2.505   9.399   6.186   1.00 17.90 ? 48  ASN A ND2 1 
ATOM   374  N N   . LEU A 1 49  ? 1.579   4.837   9.584   1.00 17.56 ? 49  LEU A N   1 
ATOM   375  C CA  . LEU A 1 49  ? 1.683   3.416   9.901   1.00 16.67 ? 49  LEU A CA  1 
ATOM   376  C C   . LEU A 1 49  ? 1.548   2.721   8.562   1.00 16.07 ? 49  LEU A C   1 
ATOM   377  O O   . LEU A 1 49  ? 0.628   3.153   7.863   1.00 15.03 ? 49  LEU A O   1 
ATOM   378  C CB  . LEU A 1 49  ? 0.486   3.074   10.869  1.00 17.50 ? 49  LEU A CB  1 
ATOM   379  C CG  . LEU A 1 49  ? 0.127   1.580   10.886  1.00 17.70 ? 49  LEU A CG  1 
ATOM   380  C CD1 . LEU A 1 49  ? 1.319   0.702   11.208  1.00 18.02 ? 49  LEU A CD1 1 
ATOM   381  C CD2 . LEU A 1 49  ? -0.970  1.161   11.860  1.00 18.47 ? 49  LEU A CD2 1 
ATOM   382  N N   . VAL A 1 50  ? 2.311   1.748   8.173   1.00 16.37 ? 50  VAL A N   1 
ATOM   383  C CA  . VAL A 1 50  ? 2.248   0.967   6.967   1.00 15.74 ? 50  VAL A CA  1 
ATOM   384  C C   . VAL A 1 50  ? 1.966   -0.498  7.412   1.00 15.99 ? 50  VAL A C   1 
ATOM   385  O O   . VAL A 1 50  ? 2.606   -1.127  8.301   1.00 16.95 ? 50  VAL A O   1 
ATOM   386  C CB  . VAL A 1 50  ? 3.496   0.961   6.085   1.00 15.88 ? 50  VAL A CB  1 
ATOM   387  C CG1 . VAL A 1 50  ? 3.729   2.310   5.442   1.00 16.55 ? 50  VAL A CG1 1 
ATOM   388  C CG2 . VAL A 1 50  ? 4.756   0.488   6.731   1.00 15.65 ? 50  VAL A CG2 1 
ATOM   389  N N   . ILE A 1 51  ? 0.990   -1.015  6.777   1.00 14.89 ? 51  ILE A N   1 
ATOM   390  C CA  . ILE A 1 51  ? 0.454   -2.352  6.959   1.00 14.83 ? 51  ILE A CA  1 
ATOM   391  C C   . ILE A 1 51  ? 0.608   -3.052  5.592   1.00 15.48 ? 51  ILE A C   1 
ATOM   392  O O   . ILE A 1 51  ? 0.143   -2.489  4.629   1.00 13.25 ? 51  ILE A O   1 
ATOM   393  C CB  . ILE A 1 51  ? -1.045  -2.274  7.316   1.00 13.91 ? 51  ILE A CB  1 
ATOM   394  C CG1 . ILE A 1 51  ? -1.229  -1.431  8.635   1.00 13.44 ? 51  ILE A CG1 1 
ATOM   395  C CG2 . ILE A 1 51  ? -1.880  -3.571  7.296   1.00 13.56 ? 51  ILE A CG2 1 
ATOM   396  C CD1 . ILE A 1 51  ? -2.707  -1.485  9.123   1.00 11.36 ? 51  ILE A CD1 1 
ATOM   397  N N   . MET A 1 52  ? 1.289   -4.178  5.729   1.00 17.34 ? 52  MET A N   1 
ATOM   398  C CA  . MET A 1 52  ? 1.462   -5.025  4.520   1.00 20.10 ? 52  MET A CA  1 
ATOM   399  C C   . MET A 1 52  ? 1.442   -6.464  5.053   1.00 20.58 ? 52  MET A C   1 
ATOM   400  O O   . MET A 1 52  ? 1.451   -6.664  6.284   1.00 22.18 ? 52  MET A O   1 
ATOM   401  C CB  . MET A 1 52  ? 2.660   -4.591  3.734   1.00 21.97 ? 52  MET A CB  1 
ATOM   402  C CG  . MET A 1 52  ? 3.997   -5.161  3.826   1.00 22.94 ? 52  MET A CG  1 
ATOM   403  S SD  . MET A 1 52  ? 4.937   -4.717  5.306   1.00 25.39 ? 52  MET A SD  1 
ATOM   404  C CE  . MET A 1 52  ? 6.004   -3.448  4.548   1.00 24.39 ? 52  MET A CE  1 
ATOM   405  N N   . GLY A 1 53  ? 1.381   -7.429  4.181   1.00 20.36 ? 53  GLY A N   1 
ATOM   406  C CA  . GLY A 1 53  ? 1.394   -8.869  4.467   1.00 20.28 ? 53  GLY A CA  1 
ATOM   407  C C   . GLY A 1 53  ? 2.885   -9.252  4.688   1.00 19.18 ? 53  GLY A C   1 
ATOM   408  O O   . GLY A 1 53  ? 3.708   -8.518  4.242   1.00 18.48 ? 53  GLY A O   1 
ATOM   409  N N   . LYS A 1 54  ? 3.164   -10.365 5.311   1.00 19.93 ? 54  LYS A N   1 
ATOM   410  C CA  . LYS A 1 54  ? 4.553   -10.863 5.556   1.00 19.95 ? 54  LYS A CA  1 
ATOM   411  C C   . LYS A 1 54  ? 5.230   -11.137 4.221   1.00 18.91 ? 54  LYS A C   1 
ATOM   412  O O   . LYS A 1 54  ? 6.398   -10.814 4.188   1.00 19.40 ? 54  LYS A O   1 
ATOM   413  C CB  . LYS A 1 54  ? 4.676   -12.150 6.411   1.00 20.78 ? 54  LYS A CB  1 
ATOM   414  C CG  . LYS A 1 54  ? 3.808   -13.366 6.201   1.00 22.27 ? 54  LYS A CG  1 
ATOM   415  C CD  . LYS A 1 54  ? 3.917   -14.539 7.146   1.00 24.61 ? 54  LYS A CD  1 
ATOM   416  C CE  . LYS A 1 54  ? 2.856   -15.588 7.432   1.00 25.85 ? 54  LYS A CE  1 
ATOM   417  N NZ  . LYS A 1 54  ? 1.656   -15.098 8.264   1.00 27.12 ? 54  LYS A NZ  1 
ATOM   418  N N   . LYS A 1 55  ? 4.713   -11.769 3.191   1.00 18.81 ? 55  LYS A N   1 
ATOM   419  C CA  . LYS A 1 55  ? 5.437   -11.986 1.915   1.00 18.36 ? 55  LYS A CA  1 
ATOM   420  C C   . LYS A 1 55  ? 6.130   -10.712 1.419   1.00 19.30 ? 55  LYS A C   1 
ATOM   421  O O   . LYS A 1 55  ? 7.356   -10.473 1.292   1.00 20.18 ? 55  LYS A O   1 
ATOM   422  C CB  . LYS A 1 55  ? 4.348   -12.236 0.858   1.00 18.75 ? 55  LYS A CB  1 
ATOM   423  C CG  . LYS A 1 55  ? 4.860   -13.322 -0.158  1.00 19.20 ? 55  LYS A CG  1 
ATOM   424  C CD  . LYS A 1 55  ? 6.193   -12.923 -0.706  1.00 19.57 ? 55  LYS A CD  1 
ATOM   425  C CE  . LYS A 1 55  ? 7.418   -12.811 0.168   1.00 19.77 ? 55  LYS A CE  1 
ATOM   426  N NZ  . LYS A 1 55  ? 8.655   -12.645 -0.636  1.00 20.39 ? 55  LYS A NZ  1 
ATOM   427  N N   . THR A 1 56  ? 5.230   -9.788  1.134   1.00 18.58 ? 56  THR A N   1 
ATOM   428  C CA  . THR A 1 56  ? 5.389   -8.415  0.733   1.00 17.79 ? 56  THR A CA  1 
ATOM   429  C C   . THR A 1 56  ? 6.506   -7.809  1.588   1.00 17.58 ? 56  THR A C   1 
ATOM   430  O O   . THR A 1 56  ? 7.285   -7.124  1.003   1.00 16.78 ? 56  THR A O   1 
ATOM   431  C CB  . THR A 1 56  ? 4.165   -7.443  1.017   1.00 15.72 ? 56  THR A CB  1 
ATOM   432  O OG1 . THR A 1 56  ? 3.116   -7.932  0.177   1.00 15.02 ? 56  THR A OG1 1 
ATOM   433  C CG2 . THR A 1 56  ? 4.394   -5.992  0.688   1.00 16.13 ? 56  THR A CG2 1 
ATOM   434  N N   . TRP A 1 57  ? 6.450   -8.092  2.870   1.00 18.98 ? 57  TRP A N   1 
ATOM   435  C CA  . TRP A 1 57  ? 7.523   -7.575  3.714   1.00 19.94 ? 57  TRP A CA  1 
ATOM   436  C C   . TRP A 1 57  ? 8.917   -8.097  3.324   1.00 21.40 ? 57  TRP A C   1 
ATOM   437  O O   . TRP A 1 57  ? 9.994   -7.421  3.319   1.00 22.64 ? 57  TRP A O   1 
ATOM   438  C CB  . TRP A 1 57  ? 7.162   -8.137  5.093   1.00 19.93 ? 57  TRP A CB  1 
ATOM   439  C CG  . TRP A 1 57  ? 8.328   -8.185  6.011   1.00 20.71 ? 57  TRP A CG  1 
ATOM   440  C CD1 . TRP A 1 57  ? 9.022   -9.302  6.363   1.00 21.02 ? 57  TRP A CD1 1 
ATOM   441  C CD2 . TRP A 1 57  ? 8.928   -7.090  6.715   1.00 20.58 ? 57  TRP A CD2 1 
ATOM   442  N NE1 . TRP A 1 57  ? 10.017  -8.959  7.240   1.00 21.02 ? 57  TRP A NE1 1 
ATOM   443  C CE2 . TRP A 1 57  ? 9.966   -7.627  7.508   1.00 20.71 ? 57  TRP A CE2 1 
ATOM   444  C CE3 . TRP A 1 57  ? 8.638   -5.739  6.836   1.00 20.68 ? 57  TRP A CE3 1 
ATOM   445  C CZ2 . TRP A 1 57  ? 10.770  -6.847  8.315   1.00 20.94 ? 57  TRP A CZ2 1 
ATOM   446  C CZ3 . TRP A 1 57  ? 9.411   -4.930  7.634   1.00 20.76 ? 57  TRP A CZ3 1 
ATOM   447  C CH2 . TRP A 1 57  ? 10.469  -5.493  8.354   1.00 21.40 ? 57  TRP A CH2 1 
ATOM   448  N N   . PHE A 1 58  ? 8.867   -9.423  3.149   1.00 20.81 ? 58  PHE A N   1 
ATOM   449  C CA  . PHE A 1 58  ? 10.077  -10.219 2.823   1.00 20.29 ? 58  PHE A CA  1 
ATOM   450  C C   . PHE A 1 58  ? 10.521  -9.690  1.482   1.00 21.39 ? 58  PHE A C   1 
ATOM   451  O O   . PHE A 1 58  ? 11.692  -9.332  1.333   1.00 21.31 ? 58  PHE A O   1 
ATOM   452  C CB  . PHE A 1 58  ? 9.824   -11.729 3.048   1.00 21.06 ? 58  PHE A CB  1 
ATOM   453  C CG  . PHE A 1 58  ? 10.102  -12.072 4.521   1.00 20.93 ? 58  PHE A CG  1 
ATOM   454  C CD1 . PHE A 1 58  ? 9.175   -12.760 5.263   1.00 21.76 ? 58  PHE A CD1 1 
ATOM   455  C CD2 . PHE A 1 58  ? 11.261  -11.613 5.169   1.00 21.52 ? 58  PHE A CD2 1 
ATOM   456  C CE1 . PHE A 1 58  ? 9.350   -12.979 6.620   1.00 21.79 ? 58  PHE A CE1 1 
ATOM   457  C CE2 . PHE A 1 58  ? 11.550  -11.861 6.515   1.00 21.85 ? 58  PHE A CE2 1 
ATOM   458  C CZ  . PHE A 1 58  ? 10.521  -12.526 7.222   1.00 22.31 ? 58  PHE A CZ  1 
ATOM   459  N N   . SER A 1 59  ? 9.530   -9.542  0.576   1.00 21.18 ? 59  SER A N   1 
ATOM   460  C CA  . SER A 1 59  ? 9.630   -9.043  -0.759  1.00 21.14 ? 59  SER A CA  1 
ATOM   461  C C   . SER A 1 59  ? 10.437  -7.748  -0.971  1.00 21.31 ? 59  SER A C   1 
ATOM   462  O O   . SER A 1 59  ? 10.809  -7.383  -2.101  1.00 19.51 ? 59  SER A O   1 
ATOM   463  C CB  . SER A 1 59  ? 8.216   -8.594  -1.277  1.00 20.52 ? 59  SER A CB  1 
ATOM   464  O OG  . SER A 1 59  ? 7.680   -9.728  -1.863  1.00 19.52 ? 59  SER A OG  1 
ATOM   465  N N   . ILE A 1 60  ? 10.625  -7.082  0.136   1.00 21.54 ? 60  ILE A N   1 
ATOM   466  C CA  . ILE A 1 60  ? 11.360  -5.800  0.027   1.00 23.60 ? 60  ILE A CA  1 
ATOM   467  C C   . ILE A 1 60  ? 12.804  -6.118  0.329   1.00 24.83 ? 60  ILE A C   1 
ATOM   468  O O   . ILE A 1 60  ? 12.994  -6.926  1.209   1.00 24.87 ? 60  ILE A O   1 
ATOM   469  C CB  . ILE A 1 60  ? 10.732  -4.841  1.107   1.00 23.12 ? 60  ILE A CB  1 
ATOM   470  C CG1 . ILE A 1 60  ? 9.347   -4.344  0.686   1.00 23.49 ? 60  ILE A CG1 1 
ATOM   471  C CG2 . ILE A 1 60  ? 11.742  -3.786  1.501   1.00 23.74 ? 60  ILE A CG2 1 
ATOM   472  C CD1 . ILE A 1 60  ? 8.382   -3.878  1.777   1.00 22.63 ? 60  ILE A CD1 1 
ATOM   473  N N   . PRO A 1 61  ? 13.748  -5.418  -0.278  1.00 26.54 ? 61  PRO A N   1 
ATOM   474  C CA  . PRO A 1 61  ? 15.182  -5.670  -0.007  1.00 26.75 ? 61  PRO A CA  1 
ATOM   475  C C   . PRO A 1 61  ? 15.442  -5.515  1.478   1.00 27.71 ? 61  PRO A C   1 
ATOM   476  O O   . PRO A 1 61  ? 15.208  -4.542  2.194   1.00 27.43 ? 61  PRO A O   1 
ATOM   477  C CB  . PRO A 1 61  ? 15.803  -4.683  -0.996  1.00 26.92 ? 61  PRO A CB  1 
ATOM   478  C CG  . PRO A 1 61  ? 14.851  -4.866  -2.195  1.00 26.08 ? 61  PRO A CG  1 
ATOM   479  C CD  . PRO A 1 61  ? 13.578  -4.450  -1.390  1.00 26.27 ? 61  PRO A CD  1 
ATOM   480  N N   . GLU A 1 62  ? 15.932  -6.602  2.007   1.00 28.65 ? 62  GLU A N   1 
ATOM   481  C CA  . GLU A 1 62  ? 16.293  -6.870  3.397   1.00 30.68 ? 62  GLU A CA  1 
ATOM   482  C C   . GLU A 1 62  ? 16.858  -5.546  3.889   1.00 29.86 ? 62  GLU A C   1 
ATOM   483  O O   . GLU A 1 62  ? 16.466  -5.011  4.944   1.00 30.17 ? 62  GLU A O   1 
ATOM   484  C CB  . GLU A 1 62  ? 17.110  -8.103  3.606   1.00 32.82 ? 62  GLU A CB  1 
ATOM   485  C CG  . GLU A 1 62  ? 18.584  -8.392  3.793   1.00 35.63 ? 62  GLU A CG  1 
ATOM   486  C CD  . GLU A 1 62  ? 18.946  -8.748  5.212   1.00 37.39 ? 62  GLU A CD  1 
ATOM   487  O OE1 . GLU A 1 62  ? 19.560  -8.010  5.979   1.00 38.92 ? 62  GLU A OE1 1 
ATOM   488  O OE2 . GLU A 1 62  ? 18.524  -9.874  5.579   1.00 38.15 ? 62  GLU A OE2 1 
ATOM   489  N N   . LYS A 1 63  ? 17.717  -5.003  3.073   1.00 29.58 ? 63  LYS A N   1 
ATOM   490  C CA  . LYS A 1 63  ? 18.298  -3.688  3.445   1.00 29.47 ? 63  LYS A CA  1 
ATOM   491  C C   . LYS A 1 63  ? 17.292  -2.594  3.164   1.00 28.83 ? 63  LYS A C   1 
ATOM   492  O O   . LYS A 1 63  ? 17.682  -1.410  3.279   1.00 29.95 ? 63  LYS A O   1 
ATOM   493  C CB  . LYS A 1 63  ? 19.579  -3.490  2.625   1.00 29.60 ? 63  LYS A CB  1 
ATOM   494  C CG  . LYS A 1 63  ? 19.123  -3.758  1.142   1.00 29.74 ? 63  LYS A CG  1 
ATOM   495  C CD  . LYS A 1 63  ? 18.935  -2.373  0.510   1.00 30.44 ? 63  LYS A CD  1 
ATOM   496  C CE  . LYS A 1 63  ? 20.262  -1.664  0.351   1.00 30.47 ? 63  LYS A CE  1 
ATOM   497  N NZ  . LYS A 1 63  ? 20.029  -0.351  -0.342  1.00 30.95 ? 63  LYS A NZ  1 
ATOM   498  N N   . ASN A 1 64  ? 16.032  -2.848  2.814   1.00 28.27 ? 64  ASN A N   1 
ATOM   499  C CA  . ASN A 1 64  ? 15.183  -1.594  2.577   1.00 26.86 ? 64  ASN A CA  1 
ATOM   500  C C   . ASN A 1 64  ? 14.175  -1.442  3.720   1.00 26.21 ? 64  ASN A C   1 
ATOM   501  O O   . ASN A 1 64  ? 13.580  -0.385  3.904   1.00 25.32 ? 64  ASN A O   1 
ATOM   502  C CB  . ASN A 1 64  ? 14.595  -1.555  1.179   1.00 25.32 ? 64  ASN A CB  1 
ATOM   503  C CG  . ASN A 1 64  ? 15.716  -0.833  0.379   1.00 24.72 ? 64  ASN A CG  1 
ATOM   504  O OD1 . ASN A 1 64  ? 16.175  0.245   0.835   1.00 23.36 ? 64  ASN A OD1 1 
ATOM   505  N ND2 . ASN A 1 64  ? 16.142  -1.541  -0.661  1.00 24.08 ? 64  ASN A ND2 1 
ATOM   506  N N   . ARG A 1 65  ? 14.156  -2.557  4.387   1.00 25.44 ? 65  ARG A N   1 
ATOM   507  C CA  . ARG A 1 65  ? 13.213  -2.773  5.470   1.00 25.47 ? 65  ARG A CA  1 
ATOM   508  C C   . ARG A 1 65  ? 13.820  -2.975  6.833   1.00 25.68 ? 65  ARG A C   1 
ATOM   509  O O   . ARG A 1 65  ? 14.915  -3.605  6.885   1.00 26.71 ? 65  ARG A O   1 
ATOM   510  C CB  . ARG A 1 65  ? 12.342  -3.917  4.904   1.00 25.08 ? 65  ARG A CB  1 
ATOM   511  C CG  . ARG A 1 65  ? 12.666  -5.305  5.209   1.00 24.49 ? 65  ARG A CG  1 
ATOM   512  C CD  . ARG A 1 65  ? 11.747  -6.333  4.605   1.00 24.62 ? 65  ARG A CD  1 
ATOM   513  N NE  . ARG A 1 65  ? 12.405  -7.600  4.994   1.00 24.99 ? 65  ARG A NE  1 
ATOM   514  C CZ  . ARG A 1 65  ? 12.735  -8.709  4.320   1.00 24.42 ? 65  ARG A CZ  1 
ATOM   515  N NH1 . ARG A 1 65  ? 13.220  -9.744  5.011   1.00 23.40 ? 65  ARG A NH1 1 
ATOM   516  N NH2 . ARG A 1 65  ? 12.632  -8.879  3.008   1.00 23.56 ? 65  ARG A NH2 1 
ATOM   517  N N   . PRO A 1 66  ? 13.156  -2.416  7.855   1.00 24.77 ? 66  PRO A N   1 
ATOM   518  C CA  . PRO A 1 66  ? 11.947  -1.623  7.771   1.00 23.73 ? 66  PRO A CA  1 
ATOM   519  C C   . PRO A 1 66  ? 12.144  -0.376  6.885   1.00 22.21 ? 66  PRO A C   1 
ATOM   520  O O   . PRO A 1 66  ? 13.267  0.202   6.765   1.00 21.37 ? 66  PRO A O   1 
ATOM   521  C CB  . PRO A 1 66  ? 11.805  -0.953  9.180   1.00 24.90 ? 66  PRO A CB  1 
ATOM   522  C CG  . PRO A 1 66  ? 13.138  -1.171  9.880   1.00 24.06 ? 66  PRO A CG  1 
ATOM   523  C CD  . PRO A 1 66  ? 13.656  -2.486  9.251   1.00 24.80 ? 66  PRO A CD  1 
ATOM   524  N N   . LEU A 1 67  ? 11.016  0.026   6.363   1.00 21.34 ? 67  LEU A N   1 
ATOM   525  C CA  . LEU A 1 67  ? 10.831  1.223   5.528   1.00 20.93 ? 67  LEU A CA  1 
ATOM   526  C C   . LEU A 1 67  ? 10.751  2.340   6.578   1.00 21.39 ? 67  LEU A C   1 
ATOM   527  O O   . LEU A 1 67  ? 9.803   2.405   7.364   1.00 21.99 ? 67  LEU A O   1 
ATOM   528  C CB  . LEU A 1 67  ? 9.542   1.161   4.724   1.00 20.17 ? 67  LEU A CB  1 
ATOM   529  C CG  . LEU A 1 67  ? 9.446   0.160   3.630   1.00 20.68 ? 67  LEU A CG  1 
ATOM   530  C CD1 . LEU A 1 67  ? 8.096   0.125   2.975   1.00 20.44 ? 67  LEU A CD1 1 
ATOM   531  C CD2 . LEU A 1 67  ? 10.644  0.504   2.697   1.00 21.36 ? 67  LEU A CD2 1 
ATOM   532  N N   . LYS A 1 68  ? 11.740  3.160   6.623   1.00 22.33 ? 68  LYS A N   1 
ATOM   533  C CA  . LYS A 1 68  ? 12.025  4.290   7.461   1.00 22.87 ? 68  LYS A CA  1 
ATOM   534  C C   . LYS A 1 68  ? 11.043  5.455   7.350   1.00 22.85 ? 68  LYS A C   1 
ATOM   535  O O   . LYS A 1 68  ? 10.318  5.905   6.410   1.00 22.15 ? 68  LYS A O   1 
ATOM   536  C CB  . LYS A 1 68  ? 13.449  4.762   7.060   1.00 23.56 ? 68  LYS A CB  1 
ATOM   537  C CG  . LYS A 1 68  ? 14.659  3.843   7.105   1.00 24.23 ? 68  LYS A CG  1 
ATOM   538  C CD  . LYS A 1 68  ? 14.787  2.519   6.435   1.00 23.98 ? 68  LYS A CD  1 
ATOM   539  C CE  . LYS A 1 68  ? 15.421  2.506   5.041   1.00 23.80 ? 68  LYS A CE  1 
ATOM   540  N NZ  . LYS A 1 68  ? 16.554  1.537   5.072   1.00 22.27 ? 68  LYS A NZ  1 
ATOM   541  N N   . GLY A 1 69  ? 11.076  6.197   8.442   1.00 23.46 ? 69  GLY A N   1 
ATOM   542  C CA  . GLY A 1 69  ? 10.230  7.439   8.651   1.00 23.72 ? 69  GLY A CA  1 
ATOM   543  C C   . GLY A 1 69  ? 8.790   6.902   8.711   1.00 22.65 ? 69  GLY A C   1 
ATOM   544  O O   . GLY A 1 69  ? 7.823   7.624   8.479   1.00 24.06 ? 69  GLY A O   1 
ATOM   545  N N   . ARG A 1 70  ? 8.733   5.629   9.049   1.00 22.20 ? 70  ARG A N   1 
ATOM   546  C CA  . ARG A 1 70  ? 7.446   4.916   9.081   1.00 22.26 ? 70  ARG A CA  1 
ATOM   547  C C   . ARG A 1 70  ? 7.446   3.679   9.974   1.00 23.08 ? 70  ARG A C   1 
ATOM   548  O O   . ARG A 1 70  ? 8.406   2.872   9.885   1.00 23.66 ? 70  ARG A O   1 
ATOM   549  C CB  . ARG A 1 70  ? 7.087   4.485   7.662   1.00 21.32 ? 70  ARG A CB  1 
ATOM   550  C CG  . ARG A 1 70  ? 6.633   5.548   6.697   1.00 21.00 ? 70  ARG A CG  1 
ATOM   551  C CD  . ARG A 1 70  ? 6.822   5.238   5.225   1.00 21.31 ? 70  ARG A CD  1 
ATOM   552  N NE  . ARG A 1 70  ? 8.208   5.078   4.816   1.00 20.93 ? 70  ARG A NE  1 
ATOM   553  C CZ  . ARG A 1 70  ? 8.766   4.639   3.704   1.00 20.78 ? 70  ARG A CZ  1 
ATOM   554  N NH1 . ARG A 1 70  ? 8.087   4.251   2.624   1.00 19.96 ? 70  ARG A NH1 1 
ATOM   555  N NH2 . ARG A 1 70  ? 10.099  4.480   3.645   1.00 20.66 ? 70  ARG A NH2 1 
ATOM   556  N N   . ILE A 1 71  ? 6.363   3.602   10.760  1.00 22.75 ? 71  ILE A N   1 
ATOM   557  C CA  . ILE A 1 71  ? 6.152   2.425   11.621  1.00 22.97 ? 71  ILE A CA  1 
ATOM   558  C C   . ILE A 1 71  ? 5.634   1.377   10.604  1.00 23.09 ? 71  ILE A C   1 
ATOM   559  O O   . ILE A 1 71  ? 4.734   1.719   9.808   1.00 22.45 ? 71  ILE A O   1 
ATOM   560  C CB  . ILE A 1 71  ? 5.065   2.550   12.748  1.00 22.73 ? 71  ILE A CB  1 
ATOM   561  C CG1 . ILE A 1 71  ? 5.284   3.866   13.558  1.00 22.04 ? 71  ILE A CG1 1 
ATOM   562  C CG2 . ILE A 1 71  ? 4.917   1.252   13.550  1.00 22.86 ? 71  ILE A CG2 1 
ATOM   563  C CD1 . ILE A 1 71  ? 4.017   4.698   13.850  1.00 22.20 ? 71  ILE A CD1 1 
ATOM   564  N N   . ASN A 1 72  ? 6.136   0.158   10.659  1.00 22.66 ? 72  ASN A N   1 
ATOM   565  C CA  . ASN A 1 72  ? 5.736   -0.879  9.740   1.00 22.47 ? 72  ASN A CA  1 
ATOM   566  C C   . ASN A 1 72  ? 5.397   -2.198  10.466  1.00 22.61 ? 72  ASN A C   1 
ATOM   567  O O   . ASN A 1 72  ? 6.213   -2.808  11.162  1.00 24.95 ? 72  ASN A O   1 
ATOM   568  C CB  . ASN A 1 72  ? 6.583   -0.815  8.542   1.00 23.08 ? 72  ASN A CB  1 
ATOM   569  C CG  . ASN A 1 72  ? 7.985   -0.648  8.099   1.00 23.75 ? 72  ASN A CG  1 
ATOM   570  O OD1 . ASN A 1 72  ? 8.598   -1.473  7.361   1.00 22.80 ? 72  ASN A OD1 1 
ATOM   571  N ND2 . ASN A 1 72  ? 8.579   0.444   8.575   1.00 23.71 ? 72  ASN A ND2 1 
ATOM   572  N N   . LEU A 1 73  ? 4.180   -2.620  10.303  1.00 19.69 ? 73  LEU A N   1 
ATOM   573  C CA  . LEU A 1 73  ? 3.366   -3.673  10.725  1.00 19.82 ? 73  LEU A CA  1 
ATOM   574  C C   . LEU A 1 73  ? 3.244   -4.605  9.493   1.00 20.59 ? 73  LEU A C   1 
ATOM   575  O O   . LEU A 1 73  ? 3.079   -4.049  8.429   1.00 20.47 ? 73  LEU A O   1 
ATOM   576  C CB  . LEU A 1 73  ? 1.930   -3.180  11.048  1.00 18.41 ? 73  LEU A CB  1 
ATOM   577  C CG  . LEU A 1 73  ? 0.949   -3.855  11.950  1.00 18.42 ? 73  LEU A CG  1 
ATOM   578  C CD1 . LEU A 1 73  ? 0.477   -2.877  13.037  1.00 17.44 ? 73  LEU A CD1 1 
ATOM   579  C CD2 . LEU A 1 73  ? -0.359  -4.295  11.269  1.00 19.49 ? 73  LEU A CD2 1 
ATOM   580  N N   . VAL A 1 74  ? 3.306   -5.876  9.765   1.00 21.71 ? 74  VAL A N   1 
ATOM   581  C CA  . VAL A 1 74  ? 3.145   -7.028  8.897   1.00 22.66 ? 74  VAL A CA  1 
ATOM   582  C C   . VAL A 1 74  ? 1.797   -7.623  9.436   1.00 24.85 ? 74  VAL A C   1 
ATOM   583  O O   . VAL A 1 74  ? 1.291   -7.699  10.561  1.00 25.12 ? 74  VAL A O   1 
ATOM   584  C CB  . VAL A 1 74  ? 4.279   -8.057  8.796   1.00 21.92 ? 74  VAL A CB  1 
ATOM   585  C CG1 . VAL A 1 74  ? 4.045   -9.100  7.696   1.00 21.67 ? 74  VAL A CG1 1 
ATOM   586  C CG2 . VAL A 1 74  ? 5.745   -7.540  8.619   1.00 20.72 ? 74  VAL A CG2 1 
ATOM   587  N N   . LEU A 1 75  ? 0.953   -8.010  8.509   1.00 26.99 ? 75  LEU A N   1 
ATOM   588  C CA  . LEU A 1 75  ? -0.314  -8.612  8.956   1.00 29.90 ? 75  LEU A CA  1 
ATOM   589  C C   . LEU A 1 75  ? 0.193   -10.036 9.097   1.00 32.11 ? 75  LEU A C   1 
ATOM   590  O O   . LEU A 1 75  ? 0.712   -10.469 8.047   1.00 33.21 ? 75  LEU A O   1 
ATOM   591  C CB  . LEU A 1 75  ? -1.443  -8.282  8.000   1.00 29.26 ? 75  LEU A CB  1 
ATOM   592  C CG  . LEU A 1 75  ? -2.259  -7.067  8.380   1.00 28.50 ? 75  LEU A CG  1 
ATOM   593  C CD1 . LEU A 1 75  ? -3.712  -7.299  7.973   1.00 28.85 ? 75  LEU A CD1 1 
ATOM   594  C CD2 . LEU A 1 75  ? -2.098  -6.836  9.887   1.00 28.67 ? 75  LEU A CD2 1 
ATOM   595  N N   . SER A 1 76  ? 0.090   -10.629 10.287  1.00 34.56 ? 76  SER A N   1 
ATOM   596  C CA  . SER A 1 76  ? 0.553   -12.029 10.384  1.00 36.40 ? 76  SER A CA  1 
ATOM   597  C C   . SER A 1 76  ? -0.336  -12.734 11.412  1.00 38.82 ? 76  SER A C   1 
ATOM   598  O O   . SER A 1 76  ? -0.116  -12.411 12.573  1.00 39.66 ? 76  SER A O   1 
ATOM   599  C CB  . SER A 1 76  ? 2.014   -12.286 10.678  1.00 35.43 ? 76  SER A CB  1 
ATOM   600  O OG  . SER A 1 76  ? 2.344   -13.441 9.866   1.00 34.35 ? 76  SER A OG  1 
ATOM   601  N N   . ARG A 1 77  ? -1.173  -13.594 10.875  1.00 41.15 ? 77  ARG A N   1 
ATOM   602  C CA  . ARG A 1 77  ? -2.164  -14.458 11.554  1.00 43.10 ? 77  ARG A CA  1 
ATOM   603  C C   . ARG A 1 77  ? -1.456  -15.580 12.324  1.00 43.22 ? 77  ARG A C   1 
ATOM   604  O O   . ARG A 1 77  ? -1.718  -15.974 13.491  1.00 42.94 ? 77  ARG A O   1 
ATOM   605  C CB  . ARG A 1 77  ? -3.092  -15.025 10.484  1.00 44.57 ? 77  ARG A CB  1 
ATOM   606  C CG  . ARG A 1 77  ? -4.073  -16.160 10.633  1.00 46.12 ? 77  ARG A CG  1 
ATOM   607  C CD  . ARG A 1 77  ? -5.498  -15.756 10.443  1.00 47.44 ? 77  ARG A CD  1 
ATOM   608  N NE  . ARG A 1 77  ? -6.399  -16.265 11.488  1.00 48.67 ? 77  ARG A NE  1 
ATOM   609  C CZ  . ARG A 1 77  ? -6.039  -16.409 12.784  1.00 48.77 ? 77  ARG A CZ  1 
ATOM   610  N NH1 . ARG A 1 77  ? -4.837  -16.042 13.239  1.00 48.85 ? 77  ARG A NH1 1 
ATOM   611  N NH2 . ARG A 1 77  ? -6.851  -17.014 13.676  1.00 48.77 ? 77  ARG A NH2 1 
ATOM   612  N N   . GLU A 1 78  ? -0.483  -16.108 11.591  1.00 43.05 ? 78  GLU A N   1 
ATOM   613  C CA  . GLU A 1 78  ? 0.427   -17.193 11.960  1.00 42.77 ? 78  GLU A CA  1 
ATOM   614  C C   . GLU A 1 78  ? 1.759   -16.989 12.667  1.00 42.27 ? 78  GLU A C   1 
ATOM   615  O O   . GLU A 1 78  ? 2.417   -18.080 12.654  1.00 41.64 ? 78  GLU A O   1 
ATOM   616  C CB  . GLU A 1 78  ? 0.848   -17.845 10.617  1.00 42.64 ? 78  GLU A CB  1 
ATOM   617  C CG  . GLU A 1 78  ? 1.420   -19.266 10.576  1.00 42.72 ? 78  GLU A CG  1 
ATOM   618  C CD  . GLU A 1 78  ? 2.655   -19.295 9.709   1.00 42.82 ? 78  GLU A CD  1 
ATOM   619  O OE1 . GLU A 1 78  ? 3.210   -20.257 9.213   1.00 43.09 ? 78  GLU A OE1 1 
ATOM   620  O OE2 . GLU A 1 78  ? 3.025   -18.102 9.611   1.00 42.57 ? 78  GLU A OE2 1 
ATOM   621  N N   . LEU A 1 79  ? 2.227   -15.884 13.249  1.00 41.90 ? 79  LEU A N   1 
ATOM   622  C CA  . LEU A 1 79  ? 3.584   -15.934 13.865  1.00 41.72 ? 79  LEU A CA  1 
ATOM   623  C C   . LEU A 1 79  ? 3.784   -15.209 15.180  1.00 41.51 ? 79  LEU A C   1 
ATOM   624  O O   . LEU A 1 79  ? 3.307   -14.106 15.385  1.00 41.95 ? 79  LEU A O   1 
ATOM   625  C CB  . LEU A 1 79  ? 4.629   -15.381 12.912  1.00 41.69 ? 79  LEU A CB  1 
ATOM   626  C CG  . LEU A 1 79  ? 4.583   -15.594 11.423  1.00 41.49 ? 79  LEU A CG  1 
ATOM   627  C CD1 . LEU A 1 79  ? 5.047   -14.281 10.733  1.00 41.60 ? 79  LEU A CD1 1 
ATOM   628  C CD2 . LEU A 1 79  ? 5.568   -16.747 11.167  1.00 41.59 ? 79  LEU A CD2 1 
ATOM   629  N N   . LYS A 1 80  ? 4.575   -15.811 16.047  1.00 41.96 ? 80  LYS A N   1 
ATOM   630  C CA  . LYS A 1 80  ? 4.871   -15.264 17.380  1.00 41.76 ? 80  LYS A CA  1 
ATOM   631  C C   . LYS A 1 80  ? 5.625   -13.937 17.232  1.00 41.83 ? 80  LYS A C   1 
ATOM   632  O O   . LYS A 1 80  ? 5.767   -13.204 18.250  1.00 41.16 ? 80  LYS A O   1 
ATOM   633  C CB  . LYS A 1 80  ? 5.547   -16.161 18.366  1.00 41.71 ? 80  LYS A CB  1 
ATOM   634  C CG  . LYS A 1 80  ? 5.605   -15.785 19.836  1.00 42.06 ? 80  LYS A CG  1 
ATOM   635  C CD  . LYS A 1 80  ? 4.537   -14.979 20.518  1.00 42.13 ? 80  LYS A CD  1 
ATOM   636  C CE  . LYS A 1 80  ? 3.309   -15.756 20.942  1.00 42.12 ? 80  LYS A CE  1 
ATOM   637  N NZ  . LYS A 1 80  ? 2.810   -16.649 19.863  1.00 42.02 ? 80  LYS A NZ  1 
ATOM   638  N N   . GLU A 1 81  ? 5.973   -13.697 15.967  1.00 42.07 ? 81  GLU A N   1 
ATOM   639  C CA  . GLU A 1 81  ? 6.706   -12.454 15.798  1.00 42.52 ? 81  GLU A CA  1 
ATOM   640  C C   . GLU A 1 81  ? 6.944   -11.527 14.658  1.00 41.86 ? 81  GLU A C   1 
ATOM   641  O O   . GLU A 1 81  ? 7.494   -11.868 13.616  1.00 42.61 ? 81  GLU A O   1 
ATOM   642  C CB  . GLU A 1 81  ? 8.179   -12.831 16.204  1.00 43.51 ? 81  GLU A CB  1 
ATOM   643  C CG  . GLU A 1 81  ? 9.378   -11.895 16.212  1.00 44.81 ? 81  GLU A CG  1 
ATOM   644  C CD  . GLU A 1 81  ? 10.717  -12.216 15.581  1.00 45.36 ? 81  GLU A CD  1 
ATOM   645  O OE1 . GLU A 1 81  ? 11.690  -11.434 15.691  1.00 45.66 ? 81  GLU A OE1 1 
ATOM   646  O OE2 . GLU A 1 81  ? 10.840  -13.270 14.893  1.00 44.91 ? 81  GLU A OE2 1 
ATOM   647  N N   . PRO A 1 82  ? 6.646   -10.254 14.946  1.00 41.32 ? 82  PRO A N   1 
ATOM   648  C CA  . PRO A 1 82  ? 6.992   -9.164  14.008  1.00 40.91 ? 82  PRO A CA  1 
ATOM   649  C C   . PRO A 1 82  ? 8.469   -9.444  13.633  1.00 40.69 ? 82  PRO A C   1 
ATOM   650  O O   . PRO A 1 82  ? 9.361   -9.381  14.520  1.00 40.73 ? 82  PRO A O   1 
ATOM   651  C CB  . PRO A 1 82  ? 6.891   -7.966  14.923  1.00 41.08 ? 82  PRO A CB  1 
ATOM   652  C CG  . PRO A 1 82  ? 6.616   -8.429  16.338  1.00 40.53 ? 82  PRO A CG  1 
ATOM   653  C CD  . PRO A 1 82  ? 5.999   -9.757  16.174  1.00 40.38 ? 82  PRO A CD  1 
ATOM   654  N N   . PRO A 1 83  ? 8.665   -9.821  12.383  1.00 40.41 ? 83  PRO A N   1 
ATOM   655  C CA  . PRO A 1 83  ? 9.963   -10.172 11.805  1.00 39.49 ? 83  PRO A CA  1 
ATOM   656  C C   . PRO A 1 83  ? 10.985  -9.105  12.148  1.00 39.09 ? 83  PRO A C   1 
ATOM   657  O O   . PRO A 1 83  ? 10.456  -7.982  12.355  1.00 38.18 ? 83  PRO A O   1 
ATOM   658  C CB  . PRO A 1 83  ? 9.764   -10.126 10.279  1.00 39.70 ? 83  PRO A CB  1 
ATOM   659  C CG  . PRO A 1 83  ? 8.282   -10.298 10.053  1.00 39.43 ? 83  PRO A CG  1 
ATOM   660  C CD  . PRO A 1 83  ? 7.598   -9.892  11.343  1.00 40.01 ? 83  PRO A CD  1 
ATOM   661  N N   . GLN A 1 84  ? 12.256  -9.462  12.105  1.00 38.31 ? 84  GLN A N   1 
ATOM   662  C CA  . GLN A 1 84  ? 13.276  -8.422  12.414  1.00 38.18 ? 84  GLN A CA  1 
ATOM   663  C C   . GLN A 1 84  ? 13.167  -7.301  11.356  1.00 37.38 ? 84  GLN A C   1 
ATOM   664  O O   . GLN A 1 84  ? 13.233  -7.480  10.135  1.00 37.26 ? 84  GLN A O   1 
ATOM   665  C CB  . GLN A 1 84  ? 14.735  -8.869  12.539  1.00 38.05 ? 84  GLN A CB  1 
ATOM   666  C CG  . GLN A 1 84  ? 15.574  -7.984  13.461  1.00 38.66 ? 84  GLN A CG  1 
ATOM   667  C CD  . GLN A 1 84  ? 16.817  -8.564  14.116  1.00 38.93 ? 84  GLN A CD  1 
ATOM   668  O OE1 . GLN A 1 84  ? 16.853  -9.667  14.715  1.00 39.31 ? 84  GLN A OE1 1 
ATOM   669  N NE2 . GLN A 1 84  ? 17.948  -7.862  14.073  1.00 38.92 ? 84  GLN A NE2 1 
ATOM   670  N N   . GLY A 1 85  ? 12.992  -6.126  11.934  1.00 36.85 ? 85  GLY A N   1 
ATOM   671  C CA  . GLY A 1 85  ? 12.837  -4.844  11.256  1.00 35.54 ? 85  GLY A CA  1 
ATOM   672  C C   . GLY A 1 85  ? 11.361  -4.430  11.386  1.00 35.17 ? 85  GLY A C   1 
ATOM   673  O O   . GLY A 1 85  ? 11.099  -3.191  11.267  1.00 35.39 ? 85  GLY A O   1 
ATOM   674  N N   . ALA A 1 86  ? 10.507  -5.445  11.571  1.00 34.22 ? 86  ALA A N   1 
ATOM   675  C CA  . ALA A 1 86  ? 9.057   -5.082  11.719  1.00 33.14 ? 86  ALA A CA  1 
ATOM   676  C C   . ALA A 1 86  ? 8.913   -4.318  13.048  1.00 32.55 ? 86  ALA A C   1 
ATOM   677  O O   . ALA A 1 86  ? 9.683   -4.555  14.011  1.00 32.84 ? 86  ALA A O   1 
ATOM   678  C CB  . ALA A 1 86  ? 8.192   -6.316  11.582  1.00 32.53 ? 86  ALA A CB  1 
ATOM   679  N N   . HIS A 1 87  ? 7.978   -3.396  13.117  1.00 30.85 ? 87  HIS A N   1 
ATOM   680  C CA  . HIS A 1 87  ? 7.685   -2.612  14.321  1.00 30.27 ? 87  HIS A CA  1 
ATOM   681  C C   . HIS A 1 87  ? 6.481   -3.189  15.090  1.00 29.69 ? 87  HIS A C   1 
ATOM   682  O O   . HIS A 1 87  ? 6.323   -2.855  16.275  1.00 30.54 ? 87  HIS A O   1 
ATOM   683  C CB  . HIS A 1 87  ? 7.405   -1.109  14.086  1.00 29.54 ? 87  HIS A CB  1 
ATOM   684  C CG  . HIS A 1 87  ? 8.554   -0.362  13.523  1.00 29.46 ? 87  HIS A CG  1 
ATOM   685  N ND1 . HIS A 1 87  ? 9.513   -0.816  12.666  1.00 29.33 ? 87  HIS A ND1 1 
ATOM   686  C CD2 . HIS A 1 87  ? 8.908   0.943   13.726  1.00 29.54 ? 87  HIS A CD2 1 
ATOM   687  C CE1 . HIS A 1 87  ? 10.367  0.142   12.363  1.00 28.94 ? 87  HIS A CE1 1 
ATOM   688  N NE2 . HIS A 1 87  ? 10.029  1.227   13.002  1.00 28.71 ? 87  HIS A NE2 1 
ATOM   689  N N   . PHE A 1 88  ? 5.671   -4.026  14.500  1.00 28.58 ? 88  PHE A N   1 
ATOM   690  C CA  . PHE A 1 88  ? 4.464   -4.654  15.011  1.00 28.13 ? 88  PHE A CA  1 
ATOM   691  C C   . PHE A 1 88  ? 3.837   -5.754  14.123  1.00 28.99 ? 88  PHE A C   1 
ATOM   692  O O   . PHE A 1 88  ? 4.073   -5.798  12.881  1.00 29.59 ? 88  PHE A O   1 
ATOM   693  C CB  . PHE A 1 88  ? 3.324   -3.632  15.028  1.00 27.01 ? 88  PHE A CB  1 
ATOM   694  C CG  . PHE A 1 88  ? 3.469   -2.568  16.068  1.00 25.65 ? 88  PHE A CG  1 
ATOM   695  C CD1 . PHE A 1 88  ? 2.846   -2.786  17.321  1.00 25.38 ? 88  PHE A CD1 1 
ATOM   696  C CD2 . PHE A 1 88  ? 4.165   -1.416  15.801  1.00 24.20 ? 88  PHE A CD2 1 
ATOM   697  C CE1 . PHE A 1 88  ? 2.973   -1.795  18.267  1.00 25.14 ? 88  PHE A CE1 1 
ATOM   698  C CE2 . PHE A 1 88  ? 4.301   -0.423  16.746  1.00 23.67 ? 88  PHE A CE2 1 
ATOM   699  C CZ  . PHE A 1 88  ? 3.692   -0.622  17.973  1.00 23.69 ? 88  PHE A CZ  1 
ATOM   700  N N   . LEU A 1 89  ? 2.969   -6.525  14.749  1.00 29.63 ? 89  LEU A N   1 
ATOM   701  C CA  . LEU A 1 89  ? 2.238   -7.623  14.064  1.00 30.41 ? 89  LEU A CA  1 
ATOM   702  C C   . LEU A 1 89  ? 0.828   -7.615  14.643  1.00 31.68 ? 89  LEU A C   1 
ATOM   703  O O   . LEU A 1 89  ? 0.741   -7.269  15.842  1.00 32.94 ? 89  LEU A O   1 
ATOM   704  C CB  . LEU A 1 89  ? 2.882   -8.989  14.301  1.00 30.47 ? 89  LEU A CB  1 
ATOM   705  C CG  . LEU A 1 89  ? 2.691   -10.223 13.408  1.00 30.08 ? 89  LEU A CG  1 
ATOM   706  C CD1 . LEU A 1 89  ? 3.954   -11.106 13.515  1.00 30.43 ? 89  LEU A CD1 1 
ATOM   707  C CD2 . LEU A 1 89  ? 1.511   -11.054 13.809  1.00 29.60 ? 89  LEU A CD2 1 
ATOM   708  N N   . SER A 1 90  ? -0.163  -8.023  13.885  1.00 32.81 ? 90  SER A N   1 
ATOM   709  C CA  . SER A 1 90  ? -1.563  -8.113  14.281  1.00 33.87 ? 90  SER A CA  1 
ATOM   710  C C   . SER A 1 90  ? -2.175  -9.236  13.450  1.00 34.57 ? 90  SER A C   1 
ATOM   711  O O   . SER A 1 90  ? -1.673  -9.442  12.321  1.00 35.84 ? 90  SER A O   1 
ATOM   712  C CB  . SER A 1 90  ? -2.261  -6.777  14.247  1.00 34.64 ? 90  SER A CB  1 
ATOM   713  O OG  . SER A 1 90  ? -1.438  -5.724  14.781  1.00 34.53 ? 90  SER A OG  1 
ATOM   714  N N   . ARG A 1 91  ? -3.125  -10.006 13.946  1.00 34.42 ? 91  ARG A N   1 
ATOM   715  C CA  . ARG A 1 91  ? -3.677  -11.142 13.180  1.00 34.79 ? 91  ARG A CA  1 
ATOM   716  C C   . ARG A 1 91  ? -4.705  -10.647 12.170  1.00 34.00 ? 91  ARG A C   1 
ATOM   717  O O   . ARG A 1 91  ? -5.017  -11.442 11.270  1.00 32.89 ? 91  ARG A O   1 
ATOM   718  C CB  . ARG A 1 91  ? -4.365  -12.269 13.917  1.00 36.23 ? 91  ARG A CB  1 
ATOM   719  C CG  . ARG A 1 91  ? -3.921  -13.592 14.403  1.00 37.59 ? 91  ARG A CG  1 
ATOM   720  C CD  . ARG A 1 91  ? -2.851  -13.665 15.430  1.00 39.48 ? 91  ARG A CD  1 
ATOM   721  N NE  . ARG A 1 91  ? -1.484  -13.606 14.871  1.00 40.81 ? 91  ARG A NE  1 
ATOM   722  C CZ  . ARG A 1 91  ? -0.503  -12.892 15.425  1.00 41.90 ? 91  ARG A CZ  1 
ATOM   723  N NH1 . ARG A 1 91  ? 0.740   -12.772 14.899  1.00 41.88 ? 91  ARG A NH1 1 
ATOM   724  N NH2 . ARG A 1 91  ? -0.690  -12.250 16.607  1.00 42.38 ? 91  ARG A NH2 1 
ATOM   725  N N   . SER A 1 92  ? -5.152  -9.415  12.384  1.00 33.74 ? 92  SER A N   1 
ATOM   726  C CA  . SER A 1 92  ? -6.176  -8.949  11.391  1.00 33.47 ? 92  SER A CA  1 
ATOM   727  C C   . SER A 1 92  ? -6.020  -7.462  11.152  1.00 33.10 ? 92  SER A C   1 
ATOM   728  O O   . SER A 1 92  ? -5.436  -6.741  11.973  1.00 32.86 ? 92  SER A O   1 
ATOM   729  C CB  . SER A 1 92  ? -7.555  -9.446  11.781  1.00 33.69 ? 92  SER A CB  1 
ATOM   730  O OG  . SER A 1 92  ? -8.265  -8.671  12.750  1.00 34.51 ? 92  SER A OG  1 
ATOM   731  N N   . LEU A 1 93  ? -6.525  -7.002  10.017  1.00 33.52 ? 93  LEU A N   1 
ATOM   732  C CA  . LEU A 1 93  ? -6.405  -5.536  9.755   1.00 33.70 ? 93  LEU A CA  1 
ATOM   733  C C   . LEU A 1 93  ? -6.982  -4.804  10.972  1.00 33.33 ? 93  LEU A C   1 
ATOM   734  O O   . LEU A 1 93  ? -6.389  -3.855  11.530  1.00 32.66 ? 93  LEU A O   1 
ATOM   735  C CB  . LEU A 1 93  ? -6.926  -5.221  8.352   1.00 33.64 ? 93  LEU A CB  1 
ATOM   736  C CG  . LEU A 1 93  ? -6.926  -3.756  7.915   1.00 34.19 ? 93  LEU A CG  1 
ATOM   737  C CD1 . LEU A 1 93  ? -5.554  -3.085  7.971   1.00 33.47 ? 93  LEU A CD1 1 
ATOM   738  C CD2 . LEU A 1 93  ? -7.454  -3.672  6.452   1.00 33.98 ? 93  LEU A CD2 1 
ATOM   739  N N   . ASP A 1 94  ? -8.122  -5.284  11.443  1.00 33.22 ? 94  ASP A N   1 
ATOM   740  C CA  . ASP A 1 94  ? -8.804  -4.628  12.581  1.00 33.44 ? 94  ASP A CA  1 
ATOM   741  C C   . ASP A 1 94  ? -8.058  -4.536  13.894  1.00 32.82 ? 94  ASP A C   1 
ATOM   742  O O   . ASP A 1 94  ? -8.322  -3.595  14.648  1.00 32.17 ? 94  ASP A O   1 
ATOM   743  C CB  . ASP A 1 94  ? -10.236 -5.128  12.531  1.00 34.41 ? 94  ASP A CB  1 
ATOM   744  C CG  . ASP A 1 94  ? -10.650 -4.851  11.068  1.00 36.08 ? 94  ASP A CG  1 
ATOM   745  O OD1 . ASP A 1 94  ? -10.605 -5.871  10.287  1.00 36.97 ? 94  ASP A OD1 1 
ATOM   746  O OD2 . ASP A 1 94  ? -10.934 -3.645  10.858  1.00 35.70 ? 94  ASP A OD2 1 
ATOM   747  N N   . ASP A 1 95  ? -7.160  -5.478  14.146  1.00 33.00 ? 95  ASP A N   1 
ATOM   748  C CA  . ASP A 1 95  ? -6.339  -5.390  15.376  1.00 32.47 ? 95  ASP A CA  1 
ATOM   749  C C   . ASP A 1 95  ? -5.277  -4.367  14.911  1.00 31.81 ? 95  ASP A C   1 
ATOM   750  O O   . ASP A 1 95  ? -4.646  -3.631  15.683  1.00 32.09 ? 95  ASP A O   1 
ATOM   751  C CB  . ASP A 1 95  ? -5.892  -6.633  16.048  1.00 32.62 ? 95  ASP A CB  1 
ATOM   752  C CG  . ASP A 1 95  ? -6.280  -7.981  15.504  1.00 33.60 ? 95  ASP A CG  1 
ATOM   753  O OD1 . ASP A 1 95  ? -7.376  -8.536  15.811  1.00 34.11 ? 95  ASP A OD1 1 
ATOM   754  O OD2 . ASP A 1 95  ? -5.472  -8.557  14.715  1.00 33.44 ? 95  ASP A OD2 1 
ATOM   755  N N   . ALA A 1 96  ? -5.140  -4.311  13.598  1.00 31.49 ? 96  ALA A N   1 
ATOM   756  C CA  . ALA A 1 96  ? -4.149  -3.376  13.020  1.00 31.69 ? 96  ALA A CA  1 
ATOM   757  C C   . ALA A 1 96  ? -4.688  -1.971  13.307  1.00 31.90 ? 96  ALA A C   1 
ATOM   758  O O   . ALA A 1 96  ? -3.950  -1.147  13.958  1.00 32.38 ? 96  ALA A O   1 
ATOM   759  C CB  . ALA A 1 96  ? -3.816  -3.791  11.624  1.00 30.49 ? 96  ALA A CB  1 
ATOM   760  N N   . LEU A 1 97  ? -5.953  -1.753  12.954  1.00 31.46 ? 97  LEU A N   1 
ATOM   761  C CA  . LEU A 1 97  ? -6.458  -0.373  13.229  1.00 32.26 ? 97  LEU A CA  1 
ATOM   762  C C   . LEU A 1 97  ? -6.747  -0.190  14.707  1.00 33.56 ? 97  LEU A C   1 
ATOM   763  O O   . LEU A 1 97  ? -6.741  0.988   15.112  1.00 35.74 ? 97  LEU A O   1 
ATOM   764  C CB  . LEU A 1 97  ? -7.450  0.066   12.163  1.00 30.67 ? 97  LEU A CB  1 
ATOM   765  C CG  . LEU A 1 97  ? -7.248  -0.173  10.673  1.00 29.28 ? 97  LEU A CG  1 
ATOM   766  C CD1 . LEU A 1 97  ? -5.900  0.267   10.143  1.00 28.05 ? 97  LEU A CD1 1 
ATOM   767  C CD2 . LEU A 1 97  ? -7.367  -1.647  10.324  1.00 28.60 ? 97  LEU A CD2 1 
ATOM   768  N N   . LYS A 1 98  ? -6.914  -1.179  15.547  1.00 34.39 ? 98  LYS A N   1 
ATOM   769  C CA  . LYS A 1 98  ? -7.176  -0.932  16.975  1.00 35.49 ? 98  LYS A CA  1 
ATOM   770  C C   . LYS A 1 98  ? -5.952  -0.423  17.747  1.00 36.75 ? 98  LYS A C   1 
ATOM   771  O O   . LYS A 1 98  ? -6.320  0.313   18.702  1.00 37.70 ? 98  LYS A O   1 
ATOM   772  C CB  . LYS A 1 98  ? -7.697  -2.149  17.719  1.00 34.77 ? 98  LYS A CB  1 
ATOM   773  C CG  . LYS A 1 98  ? -7.155  -3.449  17.129  1.00 33.84 ? 98  LYS A CG  1 
ATOM   774  C CD  . LYS A 1 98  ? -7.635  -4.718  17.805  1.00 33.49 ? 98  LYS A CD  1 
ATOM   775  C CE  . LYS A 1 98  ? -8.856  -5.301  17.115  1.00 33.58 ? 98  LYS A CE  1 
ATOM   776  N NZ  . LYS A 1 98  ? -10.117 -5.001  17.828  1.00 33.38 ? 98  LYS A NZ  1 
ATOM   777  N N   . LEU A 1 99  ? -4.715  -0.754  17.358  1.00 36.78 ? 99  LEU A N   1 
ATOM   778  C CA  . LEU A 1 99  ? -3.592  -0.250  18.119  1.00 37.47 ? 99  LEU A CA  1 
ATOM   779  C C   . LEU A 1 99  ? -3.624  1.295   17.938  1.00 38.55 ? 99  LEU A C   1 
ATOM   780  O O   . LEU A 1 99  ? -2.841  2.015   18.611  1.00 38.72 ? 99  LEU A O   1 
ATOM   781  C CB  . LEU A 1 99  ? -2.202  -0.684  17.752  1.00 37.42 ? 99  LEU A CB  1 
ATOM   782  C CG  . LEU A 1 99  ? -1.408  -1.762  17.131  1.00 37.65 ? 99  LEU A CG  1 
ATOM   783  C CD1 . LEU A 1 99  ? 0.089   -1.701  17.475  1.00 37.41 ? 99  LEU A CD1 1 
ATOM   784  C CD2 . LEU A 1 99  ? -1.890  -3.162  17.545  1.00 38.03 ? 99  LEU A CD2 1 
ATOM   785  N N   . THR A 1 100 ? -4.460  1.719   17.004  1.00 38.55 ? 100 THR A N   1 
ATOM   786  C CA  . THR A 1 100 ? -4.493  3.177   16.765  1.00 39.95 ? 100 THR A CA  1 
ATOM   787  C C   . THR A 1 100 ? -4.832  3.951   18.056  1.00 40.65 ? 100 THR A C   1 
ATOM   788  O O   . THR A 1 100 ? -4.096  4.899   18.414  1.00 40.84 ? 100 THR A O   1 
ATOM   789  C CB  . THR A 1 100 ? -5.365  3.700   15.573  1.00 39.84 ? 100 THR A CB  1 
ATOM   790  O OG1 . THR A 1 100 ? -5.033  3.008   14.329  1.00 39.19 ? 100 THR A OG1 1 
ATOM   791  C CG2 . THR A 1 100 ? -5.107  5.222   15.363  1.00 40.12 ? 100 THR A CG2 1 
ATOM   792  N N   . GLU A 1 101 ? -5.937  3.525   18.611  1.00 40.87 ? 101 GLU A N   1 
ATOM   793  C CA  . GLU A 1 101 ? -6.614  3.938   19.818  1.00 41.82 ? 101 GLU A CA  1 
ATOM   794  C C   . GLU A 1 101 ? -6.021  3.243   21.075  1.00 41.80 ? 101 GLU A C   1 
ATOM   795  O O   . GLU A 1 101 ? -6.341  3.443   22.264  1.00 42.08 ? 101 GLU A O   1 
ATOM   796  C CB  . GLU A 1 101 ? -8.079  3.524   19.910  1.00 41.58 ? 101 GLU A CB  1 
ATOM   797  C CG  . GLU A 1 101 ? -9.190  4.096   19.081  1.00 42.14 ? 101 GLU A CG  1 
ATOM   798  C CD  . GLU A 1 101 ? -9.267  3.511   17.704  1.00 42.62 ? 101 GLU A CD  1 
ATOM   799  O OE1 . GLU A 1 101 ? -8.992  4.247   16.751  1.00 42.78 ? 101 GLU A OE1 1 
ATOM   800  O OE2 . GLU A 1 101 ? -9.585  2.286   17.759  1.00 42.48 ? 101 GLU A OE2 1 
ATOM   801  N N   . GLN A 1 102 ? -5.124  2.361   20.762  1.00 41.93 ? 102 GLN A N   1 
ATOM   802  C CA  . GLN A 1 102 ? -4.374  1.605   21.778  1.00 43.03 ? 102 GLN A CA  1 
ATOM   803  C C   . GLN A 1 102 ? -3.385  2.622   22.345  1.00 43.25 ? 102 GLN A C   1 
ATOM   804  O O   . GLN A 1 102 ? -2.993  3.562   21.617  1.00 42.97 ? 102 GLN A O   1 
ATOM   805  C CB  . GLN A 1 102 ? -3.681  0.458   21.044  1.00 43.77 ? 102 GLN A CB  1 
ATOM   806  C CG  . GLN A 1 102 ? -4.658  -0.711  20.960  1.00 44.17 ? 102 GLN A CG  1 
ATOM   807  C CD  . GLN A 1 102 ? -4.258  -1.771  21.956  1.00 44.55 ? 102 GLN A CD  1 
ATOM   808  O OE1 . GLN A 1 102 ? -3.176  -1.626  22.553  1.00 45.10 ? 102 GLN A OE1 1 
ATOM   809  N NE2 . GLN A 1 102 ? -5.123  -2.792  21.987  1.00 44.30 ? 102 GLN A NE2 1 
ATOM   810  N N   . PRO A 1 103 ? -3.064  2.418   23.605  1.00 43.53 ? 103 PRO A N   1 
ATOM   811  C CA  . PRO A 1 103 ? -2.099  3.300   24.290  1.00 43.32 ? 103 PRO A CA  1 
ATOM   812  C C   . PRO A 1 103 ? -0.808  2.936   23.540  1.00 43.50 ? 103 PRO A C   1 
ATOM   813  O O   . PRO A 1 103 ? 0.234   3.597   23.521  1.00 43.77 ? 103 PRO A O   1 
ATOM   814  C CB  . PRO A 1 103 ? -2.038  2.781   25.730  1.00 43.34 ? 103 PRO A CB  1 
ATOM   815  C CG  . PRO A 1 103 ? -2.443  1.336   25.578  1.00 43.19 ? 103 PRO A CG  1 
ATOM   816  C CD  . PRO A 1 103 ? -3.519  1.328   24.500  1.00 43.30 ? 103 PRO A CD  1 
ATOM   817  N N   . GLU A 1 104 ? -0.972  1.770   22.927  1.00 43.48 ? 104 GLU A N   1 
ATOM   818  C CA  . GLU A 1 104 ? 0.077   1.138   22.141  1.00 43.38 ? 104 GLU A CA  1 
ATOM   819  C C   . GLU A 1 104 ? 0.644   2.093   21.107  1.00 42.72 ? 104 GLU A C   1 
ATOM   820  O O   . GLU A 1 104 ? 1.799   2.455   21.109  1.00 42.28 ? 104 GLU A O   1 
ATOM   821  C CB  . GLU A 1 104 ? -0.506  -0.024  21.309  1.00 44.18 ? 104 GLU A CB  1 
ATOM   822  C CG  . GLU A 1 104 ? 0.285   -1.338  21.557  1.00 45.27 ? 104 GLU A CG  1 
ATOM   823  C CD  . GLU A 1 104 ? -0.024  -1.911  22.914  1.00 45.76 ? 104 GLU A CD  1 
ATOM   824  O OE1 . GLU A 1 104 ? 0.075   -1.328  23.987  1.00 46.21 ? 104 GLU A OE1 1 
ATOM   825  O OE2 . GLU A 1 104 ? -0.458  -3.083  22.787  1.00 46.67 ? 104 GLU A OE2 1 
ATOM   826  N N   . LEU A 1 105 ? -0.297  2.496   20.262  1.00 42.39 ? 105 LEU A N   1 
ATOM   827  C CA  . LEU A 1 105 ? -0.013  3.367   19.111  1.00 42.73 ? 105 LEU A CA  1 
ATOM   828  C C   . LEU A 1 105 ? -0.790  4.648   18.905  1.00 42.07 ? 105 LEU A C   1 
ATOM   829  O O   . LEU A 1 105 ? -0.667  5.209   17.808  1.00 41.87 ? 105 LEU A O   1 
ATOM   830  C CB  . LEU A 1 105 ? -0.186  2.277   17.992  1.00 42.92 ? 105 LEU A CB  1 
ATOM   831  C CG  . LEU A 1 105 ? 0.403   2.506   16.629  1.00 42.92 ? 105 LEU A CG  1 
ATOM   832  C CD1 . LEU A 1 105 ? 1.595   1.580   16.423  1.00 42.96 ? 105 LEU A CD1 1 
ATOM   833  C CD2 . LEU A 1 105 ? -0.691  2.185   15.619  1.00 42.92 ? 105 LEU A CD2 1 
ATOM   834  N N   . ALA A 1 106 ? -1.508  5.165   19.874  1.00 41.61 ? 106 ALA A N   1 
ATOM   835  C CA  . ALA A 1 106 ? -2.354  6.329   19.932  1.00 40.32 ? 106 ALA A CA  1 
ATOM   836  C C   . ALA A 1 106 ? -1.680  7.667   19.658  1.00 39.95 ? 106 ALA A C   1 
ATOM   837  O O   . ALA A 1 106 ? -2.166  8.430   18.768  1.00 39.87 ? 106 ALA A O   1 
ATOM   838  C CB  . ALA A 1 106 ? -3.078  6.334   21.275  1.00 40.48 ? 106 ALA A CB  1 
ATOM   839  N N   . ASN A 1 107 ? -0.614  8.001   20.386  1.00 38.54 ? 107 ASN A N   1 
ATOM   840  C CA  . ASN A 1 107 ? 0.031   9.300   20.097  1.00 37.07 ? 107 ASN A CA  1 
ATOM   841  C C   . ASN A 1 107 ? 1.112   9.179   19.029  1.00 36.14 ? 107 ASN A C   1 
ATOM   842  O O   . ASN A 1 107 ? 1.928   10.135  19.055  1.00 36.61 ? 107 ASN A O   1 
ATOM   843  C CB  . ASN A 1 107 ? 0.520   10.040  21.349  1.00 37.12 ? 107 ASN A CB  1 
ATOM   844  C CG  . ASN A 1 107 ? 1.018   11.446  21.008  1.00 36.13 ? 107 ASN A CG  1 
ATOM   845  O OD1 . ASN A 1 107 ? 1.596   12.188  21.813  1.00 36.05 ? 107 ASN A OD1 1 
ATOM   846  N ND2 . ASN A 1 107 ? 0.768   11.717  19.734  1.00 35.26 ? 107 ASN A ND2 1 
ATOM   847  N N   . LYS A 1 108 ? 1.084   8.155   18.181  1.00 34.19 ? 108 LYS A N   1 
ATOM   848  C CA  . LYS A 1 108 ? 2.104   7.984   17.125  1.00 31.93 ? 108 LYS A CA  1 
ATOM   849  C C   . LYS A 1 108 ? 1.667   8.213   15.667  1.00 29.71 ? 108 LYS A C   1 
ATOM   850  O O   . LYS A 1 108 ? 2.136   9.196   15.042  1.00 29.29 ? 108 LYS A O   1 
ATOM   851  C CB  . LYS A 1 108 ? 2.704   6.601   17.259  1.00 32.06 ? 108 LYS A CB  1 
ATOM   852  C CG  . LYS A 1 108 ? 3.164   6.204   18.658  1.00 32.52 ? 108 LYS A CG  1 
ATOM   853  C CD  . LYS A 1 108 ? 3.359   4.670   18.752  1.00 32.28 ? 108 LYS A CD  1 
ATOM   854  C CE  . LYS A 1 108 ? 3.489   4.108   17.320  1.00 32.77 ? 108 LYS A CE  1 
ATOM   855  N NZ  . LYS A 1 108 ? 4.511   3.030   17.111  1.00 31.78 ? 108 LYS A NZ  1 
ATOM   856  N N   . VAL A 1 109 ? 0.884   7.406   15.042  1.00 26.93 ? 109 VAL A N   1 
ATOM   857  C CA  . VAL A 1 109 ? 0.260   7.240   13.756  1.00 25.50 ? 109 VAL A CA  1 
ATOM   858  C C   . VAL A 1 109 ? -0.535  8.459   13.258  1.00 24.41 ? 109 VAL A C   1 
ATOM   859  O O   . VAL A 1 109 ? -1.334  8.996   14.003  1.00 24.90 ? 109 VAL A O   1 
ATOM   860  C CB  . VAL A 1 109 ? -0.718  6.009   13.864  1.00 25.06 ? 109 VAL A CB  1 
ATOM   861  C CG1 . VAL A 1 109 ? -1.828  6.321   14.916  1.00 25.29 ? 109 VAL A CG1 1 
ATOM   862  C CG2 . VAL A 1 109 ? -1.441  5.659   12.588  1.00 25.59 ? 109 VAL A CG2 1 
ATOM   863  N N   . ASP A 1 110 ? -0.431  8.932   12.059  1.00 23.35 ? 110 ASP A N   1 
ATOM   864  C CA  . ASP A 1 110 ? -1.143  10.039  11.361  1.00 23.54 ? 110 ASP A CA  1 
ATOM   865  C C   . ASP A 1 110 ? -2.090  9.329   10.324  1.00 22.64 ? 110 ASP A C   1 
ATOM   866  O O   . ASP A 1 110 ? -3.277  9.097   10.692  1.00 23.24 ? 110 ASP A O   1 
ATOM   867  C CB  . ASP A 1 110 ? -0.190  10.955  10.631  1.00 24.05 ? 110 ASP A CB  1 
ATOM   868  C CG  . ASP A 1 110 ? -0.617  12.213  9.973   1.00 25.01 ? 110 ASP A CG  1 
ATOM   869  O OD1 . ASP A 1 110 ? 0.290   13.000  9.617   1.00 25.82 ? 110 ASP A OD1 1 
ATOM   870  O OD2 . ASP A 1 110 ? -1.830  12.492  9.716   1.00 26.44 ? 110 ASP A OD2 1 
ATOM   871  N N   . MET A 1 111 ? -1.452  8.986   9.214   1.00 19.08 ? 111 MET A N   1 
ATOM   872  C CA  . MET A 1 111 ? -2.135  8.267   8.124   1.00 18.90 ? 111 MET A CA  1 
ATOM   873  C C   . MET A 1 111 ? -1.963  6.768   8.037   1.00 17.03 ? 111 MET A C   1 
ATOM   874  O O   . MET A 1 111 ? -0.813  6.365   8.289   1.00 16.99 ? 111 MET A O   1 
ATOM   875  C CB  . MET A 1 111 ? -1.598  8.889   6.803   1.00 18.81 ? 111 MET A CB  1 
ATOM   876  C CG  . MET A 1 111 ? -2.150  10.292  6.674   1.00 18.98 ? 111 MET A CG  1 
ATOM   877  S SD  . MET A 1 111 ? -1.885  10.897  4.962   1.00 20.16 ? 111 MET A SD  1 
ATOM   878  C CE  . MET A 1 111 ? -0.126  10.425  4.801   1.00 19.92 ? 111 MET A CE  1 
ATOM   879  N N   . VAL A 1 112 ? -2.872  5.905   7.712   1.00 16.57 ? 112 VAL A N   1 
ATOM   880  C CA  . VAL A 1 112 ? -2.629  4.456   7.598   1.00 15.94 ? 112 VAL A CA  1 
ATOM   881  C C   . VAL A 1 112 ? -2.679  4.022   6.122   1.00 14.77 ? 112 VAL A C   1 
ATOM   882  O O   . VAL A 1 112 ? -3.562  4.358   5.274   1.00 14.04 ? 112 VAL A O   1 
ATOM   883  C CB  . VAL A 1 112 ? -3.386  3.590   8.611   1.00 17.07 ? 112 VAL A CB  1 
ATOM   884  C CG1 . VAL A 1 112 ? -3.734  4.382   9.881   1.00 17.05 ? 112 VAL A CG1 1 
ATOM   885  C CG2 . VAL A 1 112 ? -4.485  2.780   7.992   1.00 17.43 ? 112 VAL A CG2 1 
ATOM   886  N N   . TRP A 1 113 ? -1.617  3.335   5.745   1.00 13.07 ? 113 TRP A N   1 
ATOM   887  C CA  . TRP A 1 113 ? -1.400  2.911   4.342   1.00 12.05 ? 113 TRP A CA  1 
ATOM   888  C C   . TRP A 1 113 ? -1.171  1.420   4.194   1.00 12.31 ? 113 TRP A C   1 
ATOM   889  O O   . TRP A 1 113 ? -0.234  1.011   4.984   1.00 15.00 ? 113 TRP A O   1 
ATOM   890  C CB  . TRP A 1 113 ? -0.178  3.571   3.702   1.00 11.02 ? 113 TRP A CB  1 
ATOM   891  C CG  . TRP A 1 113 ? -0.334  5.034   3.320   1.00 9.38  ? 113 TRP A CG  1 
ATOM   892  C CD1 . TRP A 1 113 ? -0.152  6.091   4.140   1.00 9.64  ? 113 TRP A CD1 1 
ATOM   893  C CD2 . TRP A 1 113 ? -0.670  5.553   2.016   1.00 9.04  ? 113 TRP A CD2 1 
ATOM   894  N NE1 . TRP A 1 113 ? -0.364  7.280   3.439   1.00 10.28 ? 113 TRP A NE1 1 
ATOM   895  C CE2 . TRP A 1 113 ? -0.740  6.968   2.159   1.00 9.42  ? 113 TRP A CE2 1 
ATOM   896  C CE3 . TRP A 1 113 ? -1.020  4.976   0.824   1.00 7.75  ? 113 TRP A CE3 1 
ATOM   897  C CZ2 . TRP A 1 113 ? -1.051  7.801   1.088   1.00 8.87  ? 113 TRP A CZ2 1 
ATOM   898  C CZ3 . TRP A 1 113 ? -1.372  5.848   -0.229  1.00 8.70  ? 113 TRP A CZ3 1 
ATOM   899  C CH2 . TRP A 1 113 ? -1.370  7.211   -0.140  1.00 7.02  ? 113 TRP A CH2 1 
ATOM   900  N N   . ILE A 1 114 ? -1.952  0.855   3.366   1.00 11.03 ? 114 ILE A N   1 
ATOM   901  C CA  . ILE A 1 114 ? -1.935  -0.594  3.066   1.00 11.76 ? 114 ILE A CA  1 
ATOM   902  C C   . ILE A 1 114 ? -0.983  -0.669  1.904   1.00 12.67 ? 114 ILE A C   1 
ATOM   903  O O   . ILE A 1 114 ? -1.358  -0.080  0.857   1.00 13.89 ? 114 ILE A O   1 
ATOM   904  C CB  . ILE A 1 114 ? -3.405  -1.168  2.785   1.00 12.21 ? 114 ILE A CB  1 
ATOM   905  C CG1 . ILE A 1 114 ? -4.312  -1.113  4.083   1.00 11.26 ? 114 ILE A CG1 1 
ATOM   906  C CG2 . ILE A 1 114 ? -3.486  -2.512  1.999   1.00 11.21 ? 114 ILE A CG2 1 
ATOM   907  C CD1 . ILE A 1 114 ? -4.182  0.269   4.828   1.00 12.95 ? 114 ILE A CD1 1 
ATOM   908  N N   . VAL A 1 115 ? 0.097   -1.340  2.093   1.00 12.30 ? 115 VAL A N   1 
ATOM   909  C CA  . VAL A 1 115 ? 1.177   -1.533  1.123   1.00 12.02 ? 115 VAL A CA  1 
ATOM   910  C C   . VAL A 1 115 ? 1.173   -2.902  0.473   1.00 13.38 ? 115 VAL A C   1 
ATOM   911  O O   . VAL A 1 115 ? 2.015   -3.240  -0.400  1.00 12.77 ? 115 VAL A O   1 
ATOM   912  C CB  . VAL A 1 115 ? 2.517   -0.997  1.610   1.00 10.01 ? 115 VAL A CB  1 
ATOM   913  C CG1 . VAL A 1 115 ? 2.191   0.461   1.911   1.00 9.40  ? 115 VAL A CG1 1 
ATOM   914  C CG2 . VAL A 1 115 ? 3.245   -1.646  2.744   1.00 9.99  ? 115 VAL A CG2 1 
ATOM   915  N N   . GLY A 1 116 ? 0.126   -3.647  0.886   1.00 14.89 ? 116 GLY A N   1 
ATOM   916  C CA  . GLY A 1 116 ? -0.082  -4.965  0.305   1.00 16.38 ? 116 GLY A CA  1 
ATOM   917  C C   . GLY A 1 116 ? -0.033  -6.194  1.175   1.00 18.06 ? 116 GLY A C   1 
ATOM   918  O O   . GLY A 1 116 ? 0.339   -6.078  2.326   1.00 18.10 ? 116 GLY A O   1 
ATOM   919  N N   . GLY A 1 117 ? -0.412  -7.348  0.642   1.00 18.70 ? 117 GLY A N   1 
ATOM   920  C CA  . GLY A 1 117 ? -0.910  -7.589  -0.688  1.00 20.00 ? 117 GLY A CA  1 
ATOM   921  C C   . GLY A 1 117 ? -2.339  -7.917  -0.965  1.00 21.31 ? 117 GLY A C   1 
ATOM   922  O O   . GLY A 1 117 ? -3.293  -7.743  -0.142  1.00 21.31 ? 117 GLY A O   1 
ATOM   923  N N   . SER A 1 118 ? -2.525  -8.392  -2.218  1.00 21.93 ? 118 SER A N   1 
ATOM   924  C CA  . SER A 1 118 ? -3.912  -8.698  -2.696  1.00 22.76 ? 118 SER A CA  1 
ATOM   925  C C   . SER A 1 118 ? -4.990  -8.959  -1.688  1.00 23.78 ? 118 SER A C   1 
ATOM   926  O O   . SER A 1 118 ? -6.138  -8.433  -1.831  1.00 24.72 ? 118 SER A O   1 
ATOM   927  C CB  . SER A 1 118 ? -3.785  -9.929  -3.586  1.00 23.37 ? 118 SER A CB  1 
ATOM   928  O OG  . SER A 1 118 ? -2.530  -10.349 -3.000  1.00 23.91 ? 118 SER A OG  1 
ATOM   929  N N   . SER A 1 119 ? -4.722  -9.817  -0.726  1.00 23.97 ? 119 SER A N   1 
ATOM   930  C CA  . SER A 1 119 ? -5.680  -10.228 0.317   1.00 25.06 ? 119 SER A CA  1 
ATOM   931  C C   . SER A 1 119 ? -5.908  -9.257  1.491   1.00 24.19 ? 119 SER A C   1 
ATOM   932  O O   . SER A 1 119 ? -7.013  -9.305  2.062   1.00 24.35 ? 119 SER A O   1 
ATOM   933  C CB  . SER A 1 119 ? -5.083  -11.556 0.812   1.00 26.71 ? 119 SER A CB  1 
ATOM   934  O OG  . SER A 1 119 ? -3.648  -11.406 0.824   1.00 29.22 ? 119 SER A OG  1 
ATOM   935  N N   . VAL A 1 120 ? -4.967  -8.452  1.885   1.00 23.35 ? 120 VAL A N   1 
ATOM   936  C CA  . VAL A 1 120 ? -4.967  -7.463  2.955   1.00 23.40 ? 120 VAL A CA  1 
ATOM   937  C C   . VAL A 1 120 ? -5.645  -6.267  2.272   1.00 23.64 ? 120 VAL A C   1 
ATOM   938  O O   . VAL A 1 120 ? -6.407  -5.488  2.852   1.00 23.95 ? 120 VAL A O   1 
ATOM   939  C CB  . VAL A 1 120 ? -3.746  -7.105  3.809   1.00 22.98 ? 120 VAL A CB  1 
ATOM   940  C CG1 . VAL A 1 120 ? -2.425  -7.911  3.804   1.00 21.16 ? 120 VAL A CG1 1 
ATOM   941  C CG2 . VAL A 1 120 ? -3.439  -5.618  3.604   1.00 22.85 ? 120 VAL A CG2 1 
ATOM   942  N N   . TYR A 1 121 ? -5.459  -6.169  0.960   1.00 24.10 ? 121 TYR A N   1 
ATOM   943  C CA  . TYR A 1 121 ? -6.040  -5.178  0.072   1.00 23.38 ? 121 TYR A CA  1 
ATOM   944  C C   . TYR A 1 121 ? -7.564  -5.471  0.002   1.00 25.68 ? 121 TYR A C   1 
ATOM   945  O O   . TYR A 1 121 ? -8.439  -4.566  0.126   1.00 26.86 ? 121 TYR A O   1 
ATOM   946  C CB  . TYR A 1 121 ? -5.692  -5.146  -1.428  1.00 21.96 ? 121 TYR A CB  1 
ATOM   947  C CG  . TYR A 1 121 ? -4.290  -4.678  -1.761  1.00 19.40 ? 121 TYR A CG  1 
ATOM   948  C CD1 . TYR A 1 121 ? -3.559  -5.446  -2.713  1.00 18.43 ? 121 TYR A CD1 1 
ATOM   949  C CD2 . TYR A 1 121 ? -3.732  -3.560  -1.185  1.00 17.96 ? 121 TYR A CD2 1 
ATOM   950  C CE1 . TYR A 1 121 ? -2.268  -5.051  -3.046  1.00 17.61 ? 121 TYR A CE1 1 
ATOM   951  C CE2 . TYR A 1 121 ? -2.444  -3.191  -1.496  1.00 17.58 ? 121 TYR A CE2 1 
ATOM   952  C CZ  . TYR A 1 121 ? -1.702  -3.941  -2.416  1.00 17.04 ? 121 TYR A CZ  1 
ATOM   953  O OH  . TYR A 1 121 ? -0.445  -3.566  -2.678  1.00 15.43 ? 121 TYR A OH  1 
ATOM   954  N N   . LYS A 1 122 ? -7.799  -6.741  -0.284  1.00 26.51 ? 122 LYS A N   1 
ATOM   955  C CA  . LYS A 1 122 ? -9.124  -7.342  -0.390  1.00 27.86 ? 122 LYS A CA  1 
ATOM   956  C C   . LYS A 1 122 ? -9.905  -7.071  0.892   1.00 28.54 ? 122 LYS A C   1 
ATOM   957  O O   . LYS A 1 122 ? -11.122 -6.823  0.839   1.00 28.68 ? 122 LYS A O   1 
ATOM   958  C CB  . LYS A 1 122 ? -9.080  -8.825  -0.712  1.00 29.00 ? 122 LYS A CB  1 
ATOM   959  C CG  . LYS A 1 122 ? -9.267  -9.308  -2.129  1.00 29.36 ? 122 LYS A CG  1 
ATOM   960  C CD  . LYS A 1 122 ? -8.908  -10.771 -2.446  1.00 30.79 ? 122 LYS A CD  1 
ATOM   961  C CE  . LYS A 1 122 ? -8.233  -10.934 -3.822  1.00 31.83 ? 122 LYS A CE  1 
ATOM   962  N NZ  . LYS A 1 122 ? -6.724  -10.896 -3.736  1.00 31.59 ? 122 LYS A NZ  1 
ATOM   963  N N   . GLU A 1 123 ? -9.297  -7.059  2.066   1.00 29.04 ? 123 GLU A N   1 
ATOM   964  C CA  . GLU A 1 123 ? -10.047 -6.785  3.297   1.00 29.44 ? 123 GLU A CA  1 
ATOM   965  C C   . GLU A 1 123 ? -10.355 -5.270  3.332   1.00 29.27 ? 123 GLU A C   1 
ATOM   966  O O   . GLU A 1 123 ? -11.547 -4.875  3.387   1.00 28.91 ? 123 GLU A O   1 
ATOM   967  C CB  . GLU A 1 123 ? -9.346  -7.128  4.577   1.00 30.69 ? 123 GLU A CB  1 
ATOM   968  C CG  . GLU A 1 123 ? -9.182  -8.574  5.076   1.00 31.71 ? 123 GLU A CG  1 
ATOM   969  C CD  . GLU A 1 123 ? -8.054  -8.480  6.083   1.00 32.38 ? 123 GLU A CD  1 
ATOM   970  O OE1 . GLU A 1 123 ? -6.884  -8.705  5.808   1.00 33.28 ? 123 GLU A OE1 1 
ATOM   971  O OE2 . GLU A 1 123 ? -8.540  -8.062  7.153   1.00 33.20 ? 123 GLU A OE2 1 
ATOM   972  N N   . ALA A 1 124 ? -9.277  -4.508  3.274   1.00 27.85 ? 124 ALA A N   1 
ATOM   973  C CA  . ALA A 1 124 ? -9.330  -3.075  3.278   1.00 27.88 ? 124 ALA A CA  1 
ATOM   974  C C   . ALA A 1 124 ? -10.424 -2.535  2.397   1.00 28.92 ? 124 ALA A C   1 
ATOM   975  O O   . ALA A 1 124 ? -11.290 -1.759  2.905   1.00 29.88 ? 124 ALA A O   1 
ATOM   976  C CB  . ALA A 1 124 ? -7.922  -2.593  2.958   1.00 28.32 ? 124 ALA A CB  1 
ATOM   977  N N   . MET A 1 125 ? -10.449 -2.860  1.118   1.00 28.80 ? 125 MET A N   1 
ATOM   978  C CA  . MET A 1 125 ? -11.347 -2.459  0.068   1.00 28.70 ? 125 MET A CA  1 
ATOM   979  C C   . MET A 1 125 ? -12.798 -2.644  0.455   1.00 29.59 ? 125 MET A C   1 
ATOM   980  O O   . MET A 1 125 ? -13.714 -1.786  0.183   1.00 30.24 ? 125 MET A O   1 
ATOM   981  C CB  . MET A 1 125 ? -10.914 -3.140  -1.210  1.00 29.71 ? 125 MET A CB  1 
ATOM   982  C CG  . MET A 1 125 ? -10.652 -2.292  -2.422  1.00 30.59 ? 125 MET A CG  1 
ATOM   983  S SD  . MET A 1 125 ? -9.536  -3.212  -3.594  1.00 31.77 ? 125 MET A SD  1 
ATOM   984  C CE  . MET A 1 125 ? -10.085 -2.544  -5.177  1.00 30.56 ? 125 MET A CE  1 
ATOM   985  N N   . ASN A 1 126 ? -13.117 -3.666  1.164   1.00 28.83 ? 126 ASN A N   1 
ATOM   986  C CA  . ASN A 1 126 ? -14.438 -4.057  1.650   1.00 28.56 ? 126 ASN A CA  1 
ATOM   987  C C   . ASN A 1 126 ? -14.853 -3.325  2.925   1.00 28.36 ? 126 ASN A C   1 
ATOM   988  O O   . ASN A 1 126 ? -16.035 -3.289  3.324   1.00 28.90 ? 126 ASN A O   1 
ATOM   989  C CB  . ASN A 1 126 ? -14.235 -5.536  2.082   1.00 29.04 ? 126 ASN A CB  1 
ATOM   990  C CG  . ASN A 1 126 ? -14.639 -6.554  1.025   1.00 28.74 ? 126 ASN A CG  1 
ATOM   991  O OD1 . ASN A 1 126 ? -15.748 -6.250  0.596   1.00 29.59 ? 126 ASN A OD1 1 
ATOM   992  N ND2 . ASN A 1 126 ? -13.951 -7.637  0.729   1.00 28.70 ? 126 ASN A ND2 1 
ATOM   993  N N   . HIS A 1 127 ? -13.822 -2.843  3.628   1.00 27.56 ? 127 HIS A N   1 
ATOM   994  C CA  . HIS A 1 127 ? -14.067 -2.204  4.926   1.00 25.83 ? 127 HIS A CA  1 
ATOM   995  C C   . HIS A 1 127 ? -14.665 -0.834  4.889   1.00 25.75 ? 127 HIS A C   1 
ATOM   996  O O   . HIS A 1 127 ? -14.282 -0.038  4.031   1.00 24.79 ? 127 HIS A O   1 
ATOM   997  C CB  . HIS A 1 127 ? -12.756 -2.154  5.696   1.00 25.61 ? 127 HIS A CB  1 
ATOM   998  C CG  . HIS A 1 127 ? -12.390 -1.381  6.863   1.00 24.79 ? 127 HIS A CG  1 
ATOM   999  N ND1 . HIS A 1 127 ? -11.965 -0.065  6.840   1.00 25.72 ? 127 HIS A ND1 1 
ATOM   1000 C CD2 . HIS A 1 127 ? -12.290 -1.744  8.152   1.00 24.86 ? 127 HIS A CD2 1 
ATOM   1001 C CE1 . HIS A 1 127 ? -11.656 0.308   8.095   1.00 25.71 ? 127 HIS A CE1 1 
ATOM   1002 N NE2 . HIS A 1 127 ? -11.862 -0.687  8.920   1.00 24.94 ? 127 HIS A NE2 1 
ATOM   1003 N N   . PRO A 1 128 ? -15.516 -0.602  5.902   1.00 26.16 ? 128 PRO A N   1 
ATOM   1004 C CA  . PRO A 1 128 ? -16.171 0.673   6.076   1.00 25.66 ? 128 PRO A CA  1 
ATOM   1005 C C   . PRO A 1 128 ? -15.307 1.901   6.190   1.00 25.72 ? 128 PRO A C   1 
ATOM   1006 O O   . PRO A 1 128 ? -14.126 2.129   6.554   1.00 27.23 ? 128 PRO A O   1 
ATOM   1007 C CB  . PRO A 1 128 ? -17.078 0.602   7.301   1.00 25.87 ? 128 PRO A CB  1 
ATOM   1008 C CG  . PRO A 1 128 ? -17.092 -0.846  7.655   1.00 26.53 ? 128 PRO A CG  1 
ATOM   1009 C CD  . PRO A 1 128 ? -15.933 -1.553  6.934   1.00 26.07 ? 128 PRO A CD  1 
ATOM   1010 N N   . GLY A 1 129 ? -16.103 2.855   5.784   1.00 24.78 ? 129 GLY A N   1 
ATOM   1011 C CA  . GLY A 1 129 ? -15.784 4.263   5.684   1.00 23.34 ? 129 GLY A CA  1 
ATOM   1012 C C   . GLY A 1 129 ? -15.110 4.602   4.307   1.00 21.03 ? 129 GLY A C   1 
ATOM   1013 O O   . GLY A 1 129 ? -15.200 4.156   3.158   1.00 20.17 ? 129 GLY A O   1 
ATOM   1014 N N   . HIS A 1 130 ? -14.384 5.613   4.669   1.00 19.13 ? 130 HIS A N   1 
ATOM   1015 C CA  . HIS A 1 130 ? -13.586 6.346   3.705   1.00 18.52 ? 130 HIS A CA  1 
ATOM   1016 C C   . HIS A 1 130 ? -12.347 5.580   3.350   1.00 17.27 ? 130 HIS A C   1 
ATOM   1017 O O   . HIS A 1 130 ? -11.592 5.231   4.273   1.00 17.94 ? 130 HIS A O   1 
ATOM   1018 C CB  . HIS A 1 130 ? -13.367 7.790   4.325   1.00 16.48 ? 130 HIS A CB  1 
ATOM   1019 C CG  . HIS A 1 130 ? -12.949 8.459   3.047   1.00 15.81 ? 130 HIS A CG  1 
ATOM   1020 N ND1 . HIS A 1 130 ? -13.807 8.874   2.108   1.00 16.34 ? 130 HIS A ND1 1 
ATOM   1021 C CD2 . HIS A 1 130 ? -11.677 8.676   2.630   1.00 15.17 ? 130 HIS A CD2 1 
ATOM   1022 C CE1 . HIS A 1 130 ? -13.012 9.354   1.113   1.00 16.11 ? 130 HIS A CE1 1 
ATOM   1023 N NE2 . HIS A 1 130 ? -11.719 9.296   1.440   1.00 14.83 ? 130 HIS A NE2 1 
ATOM   1024 N N   . LEU A 1 131 ? -12.120 5.299   2.090   1.00 16.56 ? 131 LEU A N   1 
ATOM   1025 C CA  . LEU A 1 131 ? -10.893 4.567   1.643   1.00 13.63 ? 131 LEU A CA  1 
ATOM   1026 C C   . LEU A 1 131 ? -10.486 5.327   0.398   1.00 12.63 ? 131 LEU A C   1 
ATOM   1027 O O   . LEU A 1 131 ? -11.327 5.811   -0.344  1.00 13.41 ? 131 LEU A O   1 
ATOM   1028 C CB  . LEU A 1 131 ? -11.368 3.191   1.288   1.00 14.74 ? 131 LEU A CB  1 
ATOM   1029 C CG  . LEU A 1 131 ? -11.062 1.775   1.564   1.00 15.06 ? 131 LEU A CG  1 
ATOM   1030 C CD1 . LEU A 1 131 ? -9.698  1.228   1.066   1.00 14.74 ? 131 LEU A CD1 1 
ATOM   1031 C CD2 . LEU A 1 131 ? -11.031 1.617   3.076   1.00 14.61 ? 131 LEU A CD2 1 
ATOM   1032 N N   . LYS A 1 132 ? -9.232  5.331   0.095   1.00 12.10 ? 132 LYS A N   1 
ATOM   1033 C CA  . LYS A 1 132 ? -8.522  5.881   -1.028  1.00 10.67 ? 132 LYS A CA  1 
ATOM   1034 C C   . LYS A 1 132 ? -7.508  4.827   -1.562  1.00 10.86 ? 132 LYS A C   1 
ATOM   1035 O O   . LYS A 1 132 ? -6.562  4.472   -0.766  1.00 11.98 ? 132 LYS A O   1 
ATOM   1036 C CB  . LYS A 1 132 ? -7.747  7.140   -0.717  1.00 8.27  ? 132 LYS A CB  1 
ATOM   1037 C CG  . LYS A 1 132 ? -8.700  8.250   -1.231  1.00 9.71  ? 132 LYS A CG  1 
ATOM   1038 C CD  . LYS A 1 132 ? -8.110  9.570   -1.563  1.00 8.23  ? 132 LYS A CD  1 
ATOM   1039 C CE  . LYS A 1 132 ? -7.854  10.514  -0.515  1.00 9.55  ? 132 LYS A CE  1 
ATOM   1040 N NZ  . LYS A 1 132 ? -7.224  10.725  0.795   1.00 9.62  ? 132 LYS A NZ  1 
ATOM   1041 N N   . LEU A 1 133 ? -7.758  4.413   -2.795  1.00 10.09 ? 133 LEU A N   1 
ATOM   1042 C CA  . LEU A 1 133 ? -6.815  3.413   -3.403  1.00 10.47 ? 133 LEU A CA  1 
ATOM   1043 C C   . LEU A 1 133 ? -5.957  4.214   -4.398  1.00 8.33  ? 133 LEU A C   1 
ATOM   1044 O O   . LEU A 1 133 ? -6.537  5.012   -5.095  1.00 9.14  ? 133 LEU A O   1 
ATOM   1045 C CB  . LEU A 1 133 ? -7.470  2.239   -3.968  1.00 11.25 ? 133 LEU A CB  1 
ATOM   1046 C CG  . LEU A 1 133 ? -8.296  1.057   -3.692  1.00 11.45 ? 133 LEU A CG  1 
ATOM   1047 C CD1 . LEU A 1 133 ? -8.638  0.811   -2.260  1.00 11.74 ? 133 LEU A CD1 1 
ATOM   1048 C CD2 . LEU A 1 133 ? -9.475  1.162   -4.681  1.00 12.50 ? 133 LEU A CD2 1 
ATOM   1049 N N   . PHE A 1 134 ? -4.650  4.018   -4.373  1.00 6.54  ? 134 PHE A N   1 
ATOM   1050 C CA  . PHE A 1 134 ? -3.792  4.852   -5.263  1.00 4.69  ? 134 PHE A CA  1 
ATOM   1051 C C   . PHE A 1 134 ? -3.135  3.711   -6.103  1.00 6.66  ? 134 PHE A C   1 
ATOM   1052 O O   . PHE A 1 134 ? -2.434  2.829   -5.509  1.00 6.52  ? 134 PHE A O   1 
ATOM   1053 C CB  . PHE A 1 134 ? -2.800  5.751   -4.628  1.00 3.44  ? 134 PHE A CB  1 
ATOM   1054 C CG  . PHE A 1 134 ? -3.260  6.841   -3.689  1.00 2.28  ? 134 PHE A CG  1 
ATOM   1055 C CD1 . PHE A 1 134 ? -3.899  6.514   -2.546  1.00 2.00  ? 134 PHE A CD1 1 
ATOM   1056 C CD2 . PHE A 1 134 ? -3.144  8.177   -4.099  1.00 2.60  ? 134 PHE A CD2 1 
ATOM   1057 C CE1 . PHE A 1 134 ? -4.367  7.469   -1.629  1.00 3.00  ? 134 PHE A CE1 1 
ATOM   1058 C CE2 . PHE A 1 134 ? -3.652  9.165   -3.203  1.00 3.27  ? 134 PHE A CE2 1 
ATOM   1059 C CZ  . PHE A 1 134 ? -4.250  8.799   -2.019  1.00 2.00  ? 134 PHE A CZ  1 
ATOM   1060 N N   . VAL A 1 135 ? -3.450  3.817   -7.382  1.00 6.18  ? 135 VAL A N   1 
ATOM   1061 C CA  . VAL A 1 135 ? -2.970  2.786   -8.284  1.00 6.51  ? 135 VAL A CA  1 
ATOM   1062 C C   . VAL A 1 135 ? -2.092  3.172   -9.426  1.00 8.25  ? 135 VAL A C   1 
ATOM   1063 O O   . VAL A 1 135 ? -2.540  4.009   -10.208 1.00 9.51  ? 135 VAL A O   1 
ATOM   1064 C CB  . VAL A 1 135 ? -4.290  2.223   -8.939  1.00 6.10  ? 135 VAL A CB  1 
ATOM   1065 C CG1 . VAL A 1 135 ? -3.799  1.376   -10.096 1.00 6.21  ? 135 VAL A CG1 1 
ATOM   1066 C CG2 . VAL A 1 135 ? -4.886  1.482   -7.776  1.00 7.55  ? 135 VAL A CG2 1 
ATOM   1067 N N   . THR A 1 136 ? -0.918  2.549   -9.527  1.00 8.78  ? 136 THR A N   1 
ATOM   1068 C CA  . THR A 1 136 ? -0.062  2.856   -10.695 1.00 8.11  ? 136 THR A CA  1 
ATOM   1069 C C   . THR A 1 136 ? -0.466  1.780   -11.667 1.00 7.77  ? 136 THR A C   1 
ATOM   1070 O O   . THR A 1 136 ? -0.489  0.578   -11.396 1.00 8.49  ? 136 THR A O   1 
ATOM   1071 C CB  . THR A 1 136 ? 1.446   2.668   -10.365 1.00 8.59  ? 136 THR A CB  1 
ATOM   1072 O OG1 . THR A 1 136 ? 1.542   3.679   -9.325  1.00 9.41  ? 136 THR A OG1 1 
ATOM   1073 C CG2 . THR A 1 136 ? 2.234   2.688   -11.678 1.00 8.92  ? 136 THR A CG2 1 
ATOM   1074 N N   . ARG A 1 137 ? -0.937  2.250   -12.771 1.00 8.82  ? 137 ARG A N   1 
ATOM   1075 C CA  . ARG A 1 137 ? -1.501  1.570   -13.893 1.00 9.44  ? 137 ARG A CA  1 
ATOM   1076 C C   . ARG A 1 137 ? -0.368  1.201   -14.804 1.00 10.20 ? 137 ARG A C   1 
ATOM   1077 O O   . ARG A 1 137 ? -0.125  2.054   -15.656 1.00 11.35 ? 137 ARG A O   1 
ATOM   1078 C CB  . ARG A 1 137 ? -2.607  2.465   -14.487 1.00 8.46  ? 137 ARG A CB  1 
ATOM   1079 C CG  . ARG A 1 137 ? -3.528  1.372   -15.102 1.00 10.51 ? 137 ARG A CG  1 
ATOM   1080 C CD  . ARG A 1 137 ? -4.122  0.556   -14.001 1.00 12.22 ? 137 ARG A CD  1 
ATOM   1081 N NE  . ARG A 1 137 ? -5.421  0.992   -13.513 1.00 12.65 ? 137 ARG A NE  1 
ATOM   1082 C CZ  . ARG A 1 137 ? -6.392  0.174   -13.068 1.00 14.97 ? 137 ARG A CZ  1 
ATOM   1083 N NH1 . ARG A 1 137 ? -6.056  -1.120  -13.146 1.00 17.32 ? 137 ARG A NH1 1 
ATOM   1084 N NH2 . ARG A 1 137 ? -7.615  0.463   -12.497 1.00 14.44 ? 137 ARG A NH2 1 
ATOM   1085 N N   . ILE A 1 138 ? 0.340   0.082   -14.551 1.00 10.30 ? 138 ILE A N   1 
ATOM   1086 C CA  . ILE A 1 138 ? 1.440   -0.211  -15.548 1.00 12.16 ? 138 ILE A CA  1 
ATOM   1087 C C   . ILE A 1 138 ? 0.879   -0.660  -16.911 1.00 11.30 ? 138 ILE A C   1 
ATOM   1088 O O   . ILE A 1 138 ? 0.182   -1.677  -16.916 1.00 10.95 ? 138 ILE A O   1 
ATOM   1089 C CB  . ILE A 1 138 ? 2.629   -1.154  -15.093 1.00 11.45 ? 138 ILE A CB  1 
ATOM   1090 C CG1 . ILE A 1 138 ? 3.027   -0.801  -13.670 1.00 11.40 ? 138 ILE A CG1 1 
ATOM   1091 C CG2 . ILE A 1 138 ? 3.658   -0.815  -16.246 1.00 12.88 ? 138 ILE A CG2 1 
ATOM   1092 C CD1 . ILE A 1 138 ? 4.498   -0.452  -13.382 1.00 11.38 ? 138 ILE A CD1 1 
ATOM   1093 N N   . MET A 1 139 ? 1.167   0.041   -17.936 1.00 13.66 ? 139 MET A N   1 
ATOM   1094 C CA  . MET A 1 139 ? 0.669   -0.191  -19.285 1.00 16.77 ? 139 MET A CA  1 
ATOM   1095 C C   . MET A 1 139 ? 1.293   -1.196  -20.244 1.00 17.63 ? 139 MET A C   1 
ATOM   1096 O O   . MET A 1 139 ? 1.631   -0.779  -21.349 1.00 17.30 ? 139 MET A O   1 
ATOM   1097 C CB  . MET A 1 139 ? 0.563   1.143   -20.051 1.00 17.94 ? 139 MET A CB  1 
ATOM   1098 C CG  . MET A 1 139 ? -0.883  1.672   -19.676 1.00 20.45 ? 139 MET A CG  1 
ATOM   1099 S SD  . MET A 1 139 ? -0.500  3.487   -19.705 1.00 23.20 ? 139 MET A SD  1 
ATOM   1100 C CE  . MET A 1 139 ? -1.402  3.865   -18.193 1.00 23.44 ? 139 MET A CE  1 
ATOM   1101 N N   . GLN A 1 140 ? 1.247   -2.435  -19.874 1.00 19.32 ? 140 GLN A N   1 
ATOM   1102 C CA  . GLN A 1 140 ? 1.827   -3.532  -20.774 1.00 20.86 ? 140 GLN A CA  1 
ATOM   1103 C C   . GLN A 1 140 ? 1.611   -4.620  -19.738 1.00 20.55 ? 140 GLN A C   1 
ATOM   1104 O O   . GLN A 1 140 ? 1.928   -4.220  -18.629 1.00 20.22 ? 140 GLN A O   1 
ATOM   1105 C CB  . GLN A 1 140 ? 3.168   -3.212  -21.244 1.00 22.90 ? 140 GLN A CB  1 
ATOM   1106 C CG  . GLN A 1 140 ? 4.618   -3.574  -21.270 1.00 24.81 ? 140 GLN A CG  1 
ATOM   1107 C CD  . GLN A 1 140 ? 5.454   -2.347  -21.642 1.00 25.02 ? 140 GLN A CD  1 
ATOM   1108 O OE1 . GLN A 1 140 ? 6.584   -2.604  -22.023 1.00 25.47 ? 140 GLN A OE1 1 
ATOM   1109 N NE2 . GLN A 1 140 ? 4.914   -1.117  -21.512 1.00 24.74 ? 140 GLN A NE2 1 
ATOM   1110 N N   . ASP A 1 141 ? 0.985   -5.707  -20.105 1.00 20.81 ? 141 ASP A N   1 
ATOM   1111 C CA  . ASP A 1 141 ? 0.798   -6.712  -19.013 1.00 20.29 ? 141 ASP A CA  1 
ATOM   1112 C C   . ASP A 1 141 ? 2.027   -7.637  -19.051 1.00 19.75 ? 141 ASP A C   1 
ATOM   1113 O O   . ASP A 1 141 ? 2.590   -7.787  -20.130 1.00 19.40 ? 141 ASP A O   1 
ATOM   1114 C CB  . ASP A 1 141 ? -0.502  -7.460  -19.029 1.00 21.36 ? 141 ASP A CB  1 
ATOM   1115 C CG  . ASP A 1 141 ? -1.027  -7.816  -20.411 1.00 21.12 ? 141 ASP A CG  1 
ATOM   1116 O OD1 . ASP A 1 141 ? -0.428  -8.694  -21.042 1.00 21.21 ? 141 ASP A OD1 1 
ATOM   1117 O OD2 . ASP A 1 141 ? -2.023  -7.099  -20.693 1.00 21.88 ? 141 ASP A OD2 1 
ATOM   1118 N N   . PHE A 1 142 ? 2.322   -8.156  -17.898 1.00 18.68 ? 142 PHE A N   1 
ATOM   1119 C CA  . PHE A 1 142 ? 3.418   -9.074  -17.611 1.00 17.98 ? 142 PHE A CA  1 
ATOM   1120 C C   . PHE A 1 142 ? 2.816   -10.350 -16.912 1.00 19.87 ? 142 PHE A C   1 
ATOM   1121 O O   . PHE A 1 142 ? 1.671   -10.335 -16.389 1.00 20.18 ? 142 PHE A O   1 
ATOM   1122 C CB  . PHE A 1 142 ? 4.382   -8.337  -16.729 1.00 15.07 ? 142 PHE A CB  1 
ATOM   1123 C CG  . PHE A 1 142 ? 5.029   -7.048  -17.142 1.00 14.80 ? 142 PHE A CG  1 
ATOM   1124 C CD1 . PHE A 1 142 ? 6.312   -7.107  -17.808 1.00 13.58 ? 142 PHE A CD1 1 
ATOM   1125 C CD2 . PHE A 1 142 ? 4.512   -5.796  -16.795 1.00 13.14 ? 142 PHE A CD2 1 
ATOM   1126 C CE1 . PHE A 1 142 ? 6.953   -5.919  -18.119 1.00 12.77 ? 142 PHE A CE1 1 
ATOM   1127 C CE2 . PHE A 1 142 ? 5.209   -4.648  -17.140 1.00 13.35 ? 142 PHE A CE2 1 
ATOM   1128 C CZ  . PHE A 1 142 ? 6.447   -4.704  -17.809 1.00 12.22 ? 142 PHE A CZ  1 
ATOM   1129 N N   . GLU A 1 143 ? 3.636   -11.389 -16.836 1.00 20.38 ? 143 GLU A N   1 
ATOM   1130 C CA  . GLU A 1 143 ? 3.256   -12.684 -16.278 1.00 21.70 ? 143 GLU A CA  1 
ATOM   1131 C C   . GLU A 1 143 ? 3.172   -12.591 -14.781 1.00 20.78 ? 143 GLU A C   1 
ATOM   1132 O O   . GLU A 1 143 ? 4.290   -12.255 -14.331 1.00 21.71 ? 143 GLU A O   1 
ATOM   1133 C CB  . GLU A 1 143 ? 4.292   -13.802 -16.631 1.00 22.48 ? 143 GLU A CB  1 
ATOM   1134 C CG  . GLU A 1 143 ? 3.513   -14.929 -17.315 1.00 24.72 ? 143 GLU A CG  1 
ATOM   1135 C CD  . GLU A 1 143 ? 2.790   -15.834 -16.326 1.00 26.10 ? 143 GLU A CD  1 
ATOM   1136 O OE1 . GLU A 1 143 ? 1.589   -16.172 -16.398 1.00 26.14 ? 143 GLU A OE1 1 
ATOM   1137 O OE2 . GLU A 1 143 ? 3.605   -16.254 -15.437 1.00 27.24 ? 143 GLU A OE2 1 
ATOM   1138 N N   . SER A 1 144 ? 2.052   -12.839 -14.107 1.00 20.14 ? 144 SER A N   1 
ATOM   1139 C CA  . SER A 1 144 ? 2.103   -12.644 -12.603 1.00 19.70 ? 144 SER A CA  1 
ATOM   1140 C C   . SER A 1 144 ? 1.569   -13.887 -11.903 1.00 19.44 ? 144 SER A C   1 
ATOM   1141 O O   . SER A 1 144 ? 0.853   -14.500 -12.688 1.00 19.32 ? 144 SER A O   1 
ATOM   1142 C CB  . SER A 1 144 ? 1.294   -11.415 -12.291 1.00 18.52 ? 144 SER A CB  1 
ATOM   1143 O OG  . SER A 1 144 ? 1.693   -10.433 -13.254 1.00 18.45 ? 144 SER A OG  1 
ATOM   1144 N N   . ASP A 1 145 ? 1.864   -14.109 -10.630 1.00 19.86 ? 145 ASP A N   1 
ATOM   1145 C CA  . ASP A 1 145 ? 1.259   -15.362 -10.046 1.00 20.62 ? 145 ASP A CA  1 
ATOM   1146 C C   . ASP A 1 145 ? 0.153   -14.890 -9.089  1.00 21.76 ? 145 ASP A C   1 
ATOM   1147 O O   . ASP A 1 145 ? -0.818  -15.662 -8.760  1.00 22.83 ? 145 ASP A O   1 
ATOM   1148 C CB  . ASP A 1 145 ? 2.337   -16.343 -9.631  1.00 20.33 ? 145 ASP A CB  1 
ATOM   1149 C CG  . ASP A 1 145 ? 3.329   -15.685 -8.683  1.00 21.03 ? 145 ASP A CG  1 
ATOM   1150 O OD1 . ASP A 1 145 ? 3.087   -14.826 -7.777  1.00 21.61 ? 145 ASP A OD1 1 
ATOM   1151 O OD2 . ASP A 1 145 ? 4.472   -16.089 -8.895  1.00 20.55 ? 145 ASP A OD2 1 
ATOM   1152 N N   . THR A 1 146 ? 0.212   -13.566 -8.795  1.00 19.82 ? 146 THR A N   1 
ATOM   1153 C CA  . THR A 1 146 ? -0.726  -12.904 -7.974  1.00 18.06 ? 146 THR A CA  1 
ATOM   1154 C C   . THR A 1 146 ? -1.412  -11.713 -8.718  1.00 17.91 ? 146 THR A C   1 
ATOM   1155 O O   . THR A 1 146 ? -0.902  -10.992 -9.587  1.00 16.03 ? 146 THR A O   1 
ATOM   1156 C CB  . THR A 1 146 ? -0.213  -12.250 -6.628  1.00 17.43 ? 146 THR A CB  1 
ATOM   1157 O OG1 . THR A 1 146 ? 0.979   -12.884 -6.187  1.00 17.93 ? 146 THR A OG1 1 
ATOM   1158 C CG2 . THR A 1 146 ? -1.302  -12.411 -5.562  1.00 18.16 ? 146 THR A CG2 1 
ATOM   1159 N N   . PHE A 1 147 ? -2.641  -11.522 -8.214  1.00 16.44 ? 147 PHE A N   1 
ATOM   1160 C CA  . PHE A 1 147 ? -3.431  -10.424 -8.788  1.00 16.08 ? 147 PHE A CA  1 
ATOM   1161 C C   . PHE A 1 147 ? -3.967  -9.439  -7.739  1.00 16.39 ? 147 PHE A C   1 
ATOM   1162 O O   . PHE A 1 147 ? -4.101  -9.649  -6.524  1.00 14.76 ? 147 PHE A O   1 
ATOM   1163 C CB  . PHE A 1 147 ? -4.330  -10.965 -9.840  1.00 15.05 ? 147 PHE A CB  1 
ATOM   1164 C CG  . PHE A 1 147 ? -3.581  -11.838 -10.815 1.00 16.12 ? 147 PHE A CG  1 
ATOM   1165 C CD1 . PHE A 1 147 ? -3.431  -13.223 -10.530 1.00 15.58 ? 147 PHE A CD1 1 
ATOM   1166 C CD2 . PHE A 1 147 ? -3.095  -11.314 -11.985 1.00 15.61 ? 147 PHE A CD2 1 
ATOM   1167 C CE1 . PHE A 1 147 ? -2.705  -13.946 -11.464 1.00 15.95 ? 147 PHE A CE1 1 
ATOM   1168 C CE2 . PHE A 1 147 ? -2.447  -12.145 -12.956 1.00 16.71 ? 147 PHE A CE2 1 
ATOM   1169 C CZ  . PHE A 1 147 ? -2.195  -13.464 -12.649 1.00 14.38 ? 147 PHE A CZ  1 
ATOM   1170 N N   . PHE A 1 148 ? -4.320  -8.292  -8.349  1.00 17.02 ? 148 PHE A N   1 
ATOM   1171 C CA  . PHE A 1 148 ? -4.882  -7.234  -7.481  1.00 19.50 ? 148 PHE A CA  1 
ATOM   1172 C C   . PHE A 1 148 ? -6.344  -7.516  -7.780  1.00 20.87 ? 148 PHE A C   1 
ATOM   1173 O O   . PHE A 1 148 ? -6.649  -7.643  -9.004  1.00 20.89 ? 148 PHE A O   1 
ATOM   1174 C CB  . PHE A 1 148 ? -4.437  -5.798  -7.718  1.00 20.21 ? 148 PHE A CB  1 
ATOM   1175 C CG  . PHE A 1 148 ? -5.401  -4.740  -7.257  1.00 21.51 ? 148 PHE A CG  1 
ATOM   1176 C CD1 . PHE A 1 148 ? -5.437  -4.386  -5.875  1.00 22.13 ? 148 PHE A CD1 1 
ATOM   1177 C CD2 . PHE A 1 148 ? -6.206  -4.097  -8.185  1.00 21.20 ? 148 PHE A CD2 1 
ATOM   1178 C CE1 . PHE A 1 148 ? -6.318  -3.412  -5.444  1.00 22.31 ? 148 PHE A CE1 1 
ATOM   1179 C CE2 . PHE A 1 148 ? -7.045  -3.075  -7.735  1.00 22.17 ? 148 PHE A CE2 1 
ATOM   1180 C CZ  . PHE A 1 148 ? -7.133  -2.739  -6.375  1.00 21.94 ? 148 PHE A CZ  1 
ATOM   1181 N N   . PRO A 1 149 ? -7.099  -7.609  -6.693  1.00 21.32 ? 149 PRO A N   1 
ATOM   1182 C CA  . PRO A 1 149 ? -8.559  -7.810  -6.865  1.00 21.37 ? 149 PRO A CA  1 
ATOM   1183 C C   . PRO A 1 149 ? -9.213  -6.615  -7.509  1.00 23.73 ? 149 PRO A C   1 
ATOM   1184 O O   . PRO A 1 149 ? -8.759  -5.457  -7.679  1.00 25.35 ? 149 PRO A O   1 
ATOM   1185 C CB  . PRO A 1 149 ? -9.002  -8.061  -5.463  1.00 20.85 ? 149 PRO A CB  1 
ATOM   1186 C CG  . PRO A 1 149 ? -7.955  -7.588  -4.531  1.00 20.15 ? 149 PRO A CG  1 
ATOM   1187 C CD  . PRO A 1 149 ? -6.676  -7.398  -5.321  1.00 20.93 ? 149 PRO A CD  1 
ATOM   1188 N N   . GLU A 1 150 ? -10.409 -6.722  -7.936  1.00 25.49 ? 150 GLU A N   1 
ATOM   1189 C CA  . GLU A 1 150 ? -11.432 -6.013  -8.628  1.00 27.39 ? 150 GLU A CA  1 
ATOM   1190 C C   . GLU A 1 150 ? -12.080 -4.834  -7.938  1.00 27.51 ? 150 GLU A C   1 
ATOM   1191 O O   . GLU A 1 150 ? -12.587 -4.887  -6.797  1.00 28.64 ? 150 GLU A O   1 
ATOM   1192 C CB  . GLU A 1 150 ? -12.439 -7.060  -9.062  1.00 28.69 ? 150 GLU A CB  1 
ATOM   1193 C CG  . GLU A 1 150 ? -13.796 -7.168  -9.608  1.00 30.61 ? 150 GLU A CG  1 
ATOM   1194 C CD  . GLU A 1 150 ? -14.231 -6.440  -10.847 1.00 31.20 ? 150 GLU A CD  1 
ATOM   1195 O OE1 . GLU A 1 150 ? -15.088 -5.584  -10.821 1.00 31.80 ? 150 GLU A OE1 1 
ATOM   1196 O OE2 . GLU A 1 150 ? -13.674 -6.802  -11.907 1.00 32.21 ? 150 GLU A OE2 1 
ATOM   1197 N N   . ILE A 1 151 ? -12.024 -3.725  -8.693  1.00 26.57 ? 151 ILE A N   1 
ATOM   1198 C CA  . ILE A 1 151 ? -12.627 -2.496  -8.226  1.00 25.41 ? 151 ILE A CA  1 
ATOM   1199 C C   . ILE A 1 151 ? -14.149 -2.374  -8.375  1.00 25.97 ? 151 ILE A C   1 
ATOM   1200 O O   . ILE A 1 151 ? -14.739 -1.866  -9.347  1.00 26.30 ? 151 ILE A O   1 
ATOM   1201 C CB  . ILE A 1 151 ? -11.793 -1.290  -8.742  1.00 24.52 ? 151 ILE A CB  1 
ATOM   1202 C CG1 . ILE A 1 151 ? -10.322 -1.532  -8.303  1.00 23.76 ? 151 ILE A CG1 1 
ATOM   1203 C CG2 . ILE A 1 151 ? -12.388 0.085   -8.275  1.00 23.13 ? 151 ILE A CG2 1 
ATOM   1204 C CD1 . ILE A 1 151 ? -9.397  -0.382  -8.830  1.00 23.56 ? 151 ILE A CD1 1 
ATOM   1205 N N   . ASP A 1 152 ? -14.904 -2.772  -7.355  1.00 25.60 ? 152 ASP A N   1 
ATOM   1206 C CA  . ASP A 1 152 ? -16.374 -2.592  -7.337  1.00 25.41 ? 152 ASP A CA  1 
ATOM   1207 C C   . ASP A 1 152 ? -16.786 -1.141  -7.630  1.00 24.71 ? 152 ASP A C   1 
ATOM   1208 O O   . ASP A 1 152 ? -16.852 -0.364  -6.672  1.00 24.73 ? 152 ASP A O   1 
ATOM   1209 C CB  . ASP A 1 152 ? -16.718 -3.017  -5.905  1.00 25.89 ? 152 ASP A CB  1 
ATOM   1210 C CG  . ASP A 1 152 ? -18.250 -3.079  -5.824  1.00 26.38 ? 152 ASP A CG  1 
ATOM   1211 O OD1 . ASP A 1 152 ? -18.722 -3.396  -4.707  1.00 27.60 ? 152 ASP A OD1 1 
ATOM   1212 O OD2 . ASP A 1 152 ? -18.828 -2.762  -6.878  1.00 26.36 ? 152 ASP A OD2 1 
ATOM   1213 N N   . LEU A 1 153 ? -17.052 -0.676  -8.851  1.00 24.19 ? 153 LEU A N   1 
ATOM   1214 C CA  . LEU A 1 153 ? -17.387 0.659   -9.246  1.00 22.82 ? 153 LEU A CA  1 
ATOM   1215 C C   . LEU A 1 153 ? -18.718 1.215   -8.764  1.00 23.44 ? 153 LEU A C   1 
ATOM   1216 O O   . LEU A 1 153 ? -19.123 2.368   -9.156  1.00 22.71 ? 153 LEU A O   1 
ATOM   1217 C CB  . LEU A 1 153 ? -17.462 0.800   -10.784 1.00 22.65 ? 153 LEU A CB  1 
ATOM   1218 C CG  . LEU A 1 153 ? -16.245 0.969   -11.671 1.00 22.66 ? 153 LEU A CG  1 
ATOM   1219 C CD1 . LEU A 1 153 ? -16.622 1.511   -13.046 1.00 22.34 ? 153 LEU A CD1 1 
ATOM   1220 C CD2 . LEU A 1 153 ? -15.268 1.999   -10.991 1.00 21.68 ? 153 LEU A CD2 1 
ATOM   1221 N N   . GLU A 1 154 ? -19.306 0.367   -7.959  1.00 24.44 ? 154 GLU A N   1 
ATOM   1222 C CA  . GLU A 1 154 ? -20.657 0.716   -7.412  1.00 25.27 ? 154 GLU A CA  1 
ATOM   1223 C C   . GLU A 1 154 ? -20.313 1.512   -6.155  1.00 25.39 ? 154 GLU A C   1 
ATOM   1224 O O   . GLU A 1 154 ? -21.174 2.165   -5.495  1.00 25.39 ? 154 GLU A O   1 
ATOM   1225 C CB  . GLU A 1 154 ? -21.370 -0.603  -7.222  1.00 26.09 ? 154 GLU A CB  1 
ATOM   1226 C CG  . GLU A 1 154 ? -22.886 -0.784  -7.200  1.00 28.61 ? 154 GLU A CG  1 
ATOM   1227 C CD  . GLU A 1 154 ? -23.570 0.407   -6.569  1.00 29.80 ? 154 GLU A CD  1 
ATOM   1228 O OE1 . GLU A 1 154 ? -24.227 1.300   -7.056  1.00 30.28 ? 154 GLU A OE1 1 
ATOM   1229 O OE2 . GLU A 1 154 ? -23.317 0.388   -5.343  1.00 32.00 ? 154 GLU A OE2 1 
ATOM   1230 N N   . LYS A 1 155 ? -19.036 1.301   -5.790  1.00 24.30 ? 155 LYS A N   1 
ATOM   1231 C CA  . LYS A 1 155 ? -18.478 1.945   -4.607  1.00 24.89 ? 155 LYS A CA  1 
ATOM   1232 C C   . LYS A 1 155 ? -17.263 2.798   -4.916  1.00 23.89 ? 155 LYS A C   1 
ATOM   1233 O O   . LYS A 1 155 ? -17.248 3.859   -4.283  1.00 25.05 ? 155 LYS A O   1 
ATOM   1234 C CB  . LYS A 1 155 ? -18.129 1.054   -3.414  1.00 25.32 ? 155 LYS A CB  1 
ATOM   1235 C CG  . LYS A 1 155 ? -17.987 -0.387  -3.923  1.00 27.35 ? 155 LYS A CG  1 
ATOM   1236 C CD  . LYS A 1 155 ? -18.549 -1.349  -2.860  1.00 28.98 ? 155 LYS A CD  1 
ATOM   1237 C CE  . LYS A 1 155 ? -17.509 -1.848  -1.854  1.00 29.91 ? 155 LYS A CE  1 
ATOM   1238 N NZ  . LYS A 1 155 ? -18.192 -3.016  -1.121  1.00 31.25 ? 155 LYS A NZ  1 
ATOM   1239 N N   . TYR A 1 156 ? -16.321 2.471   -5.770  1.00 22.73 ? 156 TYR A N   1 
ATOM   1240 C CA  . TYR A 1 156 ? -15.120 3.331   -6.070  1.00 20.25 ? 156 TYR A CA  1 
ATOM   1241 C C   . TYR A 1 156 ? -15.464 4.258   -7.223  1.00 19.51 ? 156 TYR A C   1 
ATOM   1242 O O   . TYR A 1 156 ? -16.166 3.780   -8.128  1.00 17.68 ? 156 TYR A O   1 
ATOM   1243 C CB  . TYR A 1 156 ? -13.823 2.454   -6.253  1.00 18.81 ? 156 TYR A CB  1 
ATOM   1244 C CG  . TYR A 1 156 ? -13.486 1.795   -4.934  1.00 18.85 ? 156 TYR A CG  1 
ATOM   1245 C CD1 . TYR A 1 156 ? -13.924 0.521   -4.571  1.00 19.76 ? 156 TYR A CD1 1 
ATOM   1246 C CD2 . TYR A 1 156 ? -12.826 2.511   -3.925  1.00 19.57 ? 156 TYR A CD2 1 
ATOM   1247 C CE1 . TYR A 1 156 ? -13.675 -0.011  -3.326  1.00 20.57 ? 156 TYR A CE1 1 
ATOM   1248 C CE2 . TYR A 1 156 ? -12.549 2.030   -2.629  1.00 20.05 ? 156 TYR A CE2 1 
ATOM   1249 C CZ  . TYR A 1 156 ? -12.952 0.740   -2.350  1.00 21.07 ? 156 TYR A CZ  1 
ATOM   1250 O OH  . TYR A 1 156 ? -12.647 0.161   -1.147  1.00 22.68 ? 156 TYR A OH  1 
ATOM   1251 N N   . LYS A 1 157 ? -14.972 5.520   -7.150  1.00 18.88 ? 157 LYS A N   1 
ATOM   1252 C CA  . LYS A 1 157 ? -15.145 6.533   -8.118  1.00 19.62 ? 157 LYS A CA  1 
ATOM   1253 C C   . LYS A 1 157 ? -13.687 6.834   -8.610  1.00 19.30 ? 157 LYS A C   1 
ATOM   1254 O O   . LYS A 1 157 ? -12.874 6.941   -7.743  1.00 17.44 ? 157 LYS A O   1 
ATOM   1255 C CB  . LYS A 1 157 ? -15.575 7.980   -7.776  1.00 20.17 ? 157 LYS A CB  1 
ATOM   1256 C CG  . LYS A 1 157 ? -17.039 8.280   -7.973  1.00 21.22 ? 157 LYS A CG  1 
ATOM   1257 C CD  . LYS A 1 157 ? -17.691 7.176   -8.777  1.00 23.12 ? 157 LYS A CD  1 
ATOM   1258 C CE  . LYS A 1 157 ? -19.091 7.562   -9.311  1.00 23.57 ? 157 LYS A CE  1 
ATOM   1259 N NZ  . LYS A 1 157 ? -18.961 8.511   -10.505 1.00 24.01 ? 157 LYS A NZ  1 
ATOM   1260 N N   . LEU A 1 158 ? -13.559 6.980   -9.926  1.00 19.16 ? 158 LEU A N   1 
ATOM   1261 C CA  . LEU A 1 158 ? -12.205 7.350   -10.461 1.00 17.89 ? 158 LEU A CA  1 
ATOM   1262 C C   . LEU A 1 158 ? -12.153 8.832   -10.217 1.00 17.31 ? 158 LEU A C   1 
ATOM   1263 O O   . LEU A 1 158 ? -13.175 9.385   -10.701 1.00 19.11 ? 158 LEU A O   1 
ATOM   1264 C CB  . LEU A 1 158 ? -12.103 6.812   -11.866 1.00 16.60 ? 158 LEU A CB  1 
ATOM   1265 C CG  . LEU A 1 158 ? -10.752 6.858   -12.642 1.00 15.90 ? 158 LEU A CG  1 
ATOM   1266 C CD1 . LEU A 1 158 ? -9.483  6.776   -11.783 1.00 13.88 ? 158 LEU A CD1 1 
ATOM   1267 C CD2 . LEU A 1 158 ? -10.790 5.570   -13.504 1.00 15.31 ? 158 LEU A CD2 1 
ATOM   1268 N N   . LEU A 1 159 ? -11.280 9.458   -9.514  1.00 16.39 ? 159 LEU A N   1 
ATOM   1269 C CA  . LEU A 1 159 ? -11.170 10.907  -9.259  1.00 16.26 ? 159 LEU A CA  1 
ATOM   1270 C C   . LEU A 1 159 ? -10.430 11.468  -10.491 1.00 18.05 ? 159 LEU A C   1 
ATOM   1271 O O   . LEU A 1 159 ? -9.353  10.866  -10.764 1.00 19.35 ? 159 LEU A O   1 
ATOM   1272 C CB  . LEU A 1 159 ? -10.446 11.120  -7.942  1.00 13.47 ? 159 LEU A CB  1 
ATOM   1273 C CG  . LEU A 1 159 ? -10.789 10.336  -6.654  1.00 13.05 ? 159 LEU A CG  1 
ATOM   1274 C CD1 . LEU A 1 159 ? -9.977  10.880  -5.477  1.00 12.16 ? 159 LEU A CD1 1 
ATOM   1275 C CD2 . LEU A 1 159 ? -12.227 10.513  -6.155  1.00 13.25 ? 159 LEU A CD2 1 
ATOM   1276 N N   . PRO A 1 160 ? -10.817 12.512  -11.168 1.00 18.82 ? 160 PRO A N   1 
ATOM   1277 C CA  . PRO A 1 160 ? -10.169 13.084  -12.355 1.00 19.22 ? 160 PRO A CA  1 
ATOM   1278 C C   . PRO A 1 160 ? -8.798  13.669  -12.255 1.00 19.52 ? 160 PRO A C   1 
ATOM   1279 O O   . PRO A 1 160 ? -8.017  13.968  -13.205 1.00 20.62 ? 160 PRO A O   1 
ATOM   1280 C CB  . PRO A 1 160 ? -11.179 14.087  -12.900 1.00 19.67 ? 160 PRO A CB  1 
ATOM   1281 C CG  . PRO A 1 160 ? -11.921 14.512  -11.640 1.00 19.80 ? 160 PRO A CG  1 
ATOM   1282 C CD  . PRO A 1 160 ? -12.058 13.251  -10.810 1.00 19.51 ? 160 PRO A CD  1 
ATOM   1283 N N   . GLU A 1 161 ? -8.310  13.802  -11.064 1.00 19.85 ? 161 GLU A N   1 
ATOM   1284 C CA  . GLU A 1 161 ? -6.949  14.336  -10.745 1.00 19.51 ? 161 GLU A CA  1 
ATOM   1285 C C   . GLU A 1 161 ? -6.913  14.388  -9.213  1.00 18.29 ? 161 GLU A C   1 
ATOM   1286 O O   . GLU A 1 161 ? -7.973  14.070  -8.639  1.00 17.79 ? 161 GLU A O   1 
ATOM   1287 C CB  . GLU A 1 161 ? -6.583  15.661  -11.326 1.00 19.25 ? 161 GLU A CB  1 
ATOM   1288 C CG  . GLU A 1 161 ? -7.663  16.721  -11.008 1.00 20.69 ? 161 GLU A CG  1 
ATOM   1289 C CD  . GLU A 1 161 ? -8.378  17.041  -12.309 1.00 21.41 ? 161 GLU A CD  1 
ATOM   1290 O OE1 . GLU A 1 161 ? -9.537  17.487  -12.306 1.00 20.63 ? 161 GLU A OE1 1 
ATOM   1291 O OE2 . GLU A 1 161 ? -7.493  16.743  -13.199 1.00 21.43 ? 161 GLU A OE2 1 
ATOM   1292 N N   . TYR A 1 162 ? -5.724  14.663  -8.709  1.00 16.59 ? 162 TYR A N   1 
ATOM   1293 C CA  . TYR A 1 162 ? -5.514  14.718  -7.290  1.00 15.17 ? 162 TYR A CA  1 
ATOM   1294 C C   . TYR A 1 162 ? -4.197  15.470  -6.959  1.00 15.14 ? 162 TYR A C   1 
ATOM   1295 O O   . TYR A 1 162 ? -3.103  15.087  -7.454  1.00 12.89 ? 162 TYR A O   1 
ATOM   1296 C CB  . TYR A 1 162 ? -5.409  13.271  -6.780  1.00 16.44 ? 162 TYR A CB  1 
ATOM   1297 C CG  . TYR A 1 162 ? -5.728  13.200  -5.268  1.00 18.43 ? 162 TYR A CG  1 
ATOM   1298 C CD1 . TYR A 1 162 ? -7.031  13.266  -4.782  1.00 18.83 ? 162 TYR A CD1 1 
ATOM   1299 C CD2 . TYR A 1 162 ? -4.639  13.134  -4.358  1.00 18.59 ? 162 TYR A CD2 1 
ATOM   1300 C CE1 . TYR A 1 162 ? -7.274  13.267  -3.398  1.00 20.22 ? 162 TYR A CE1 1 
ATOM   1301 C CE2 . TYR A 1 162 ? -4.948  13.155  -3.007  1.00 20.01 ? 162 TYR A CE2 1 
ATOM   1302 C CZ  . TYR A 1 162 ? -6.224  13.207  -2.482  1.00 20.28 ? 162 TYR A CZ  1 
ATOM   1303 O OH  . TYR A 1 162 ? -6.358  13.207  -1.086  1.00 20.82 ? 162 TYR A OH  1 
ATOM   1304 N N   . PRO A 1 163 ? -4.357  16.457  -6.111  1.00 14.04 ? 163 PRO A N   1 
ATOM   1305 C CA  . PRO A 1 163 ? -3.202  17.271  -5.664  1.00 15.06 ? 163 PRO A CA  1 
ATOM   1306 C C   . PRO A 1 163 ? -2.022  16.360  -5.327  1.00 14.55 ? 163 PRO A C   1 
ATOM   1307 O O   . PRO A 1 163 ? -2.194  15.453  -4.536  1.00 16.96 ? 163 PRO A O   1 
ATOM   1308 C CB  . PRO A 1 163 ? -3.685  18.070  -4.472  1.00 14.32 ? 163 PRO A CB  1 
ATOM   1309 C CG  . PRO A 1 163 ? -4.988  17.428  -4.076  1.00 14.34 ? 163 PRO A CG  1 
ATOM   1310 C CD  . PRO A 1 163 ? -5.542  16.981  -5.461  1.00 15.00 ? 163 PRO A CD  1 
ATOM   1311 N N   . GLY A 1 164 ? -0.923  16.531  -5.962  1.00 14.66 ? 164 GLY A N   1 
ATOM   1312 C CA  . GLY A 1 164 ? 0.400   15.860  -5.868  1.00 14.31 ? 164 GLY A CA  1 
ATOM   1313 C C   . GLY A 1 164 ? 0.596   14.623  -6.797  1.00 14.10 ? 164 GLY A C   1 
ATOM   1314 O O   . GLY A 1 164 ? 1.730   14.061  -6.900  1.00 15.32 ? 164 GLY A O   1 
ATOM   1315 N N   . VAL A 1 165 ? -0.457  14.282  -7.493  1.00 12.55 ? 165 VAL A N   1 
ATOM   1316 C CA  . VAL A 1 165 ? -0.383  13.119  -8.394  1.00 10.61 ? 165 VAL A CA  1 
ATOM   1317 C C   . VAL A 1 165 ? -0.398  13.583  -9.828  1.00 11.74 ? 165 VAL A C   1 
ATOM   1318 O O   . VAL A 1 165 ? -1.304  14.372  -10.147 1.00 11.97 ? 165 VAL A O   1 
ATOM   1319 C CB  . VAL A 1 165 ? -1.034  11.887  -7.821  1.00 9.51  ? 165 VAL A CB  1 
ATOM   1320 C CG1 . VAL A 1 165 ? -1.816  11.860  -6.531  1.00 5.91  ? 165 VAL A CG1 1 
ATOM   1321 C CG2 . VAL A 1 165 ? -1.491  10.831  -8.855  1.00 8.66  ? 165 VAL A CG2 1 
ATOM   1322 N N   . LEU A 1 166 ? 0.599   13.168  -10.644 1.00 10.88 ? 166 LEU A N   1 
ATOM   1323 C CA  . LEU A 1 166 ? 0.663   13.522  -12.063 1.00 9.29  ? 166 LEU A CA  1 
ATOM   1324 C C   . LEU A 1 166 ? -0.502  12.850  -12.815 1.00 9.63  ? 166 LEU A C   1 
ATOM   1325 O O   . LEU A 1 166 ? -0.810  11.697  -12.445 1.00 8.52  ? 166 LEU A O   1 
ATOM   1326 C CB  . LEU A 1 166 ? 2.010   13.055  -12.697 1.00 10.06 ? 166 LEU A CB  1 
ATOM   1327 C CG  . LEU A 1 166 ? 3.386   13.574  -12.390 1.00 7.89  ? 166 LEU A CG  1 
ATOM   1328 C CD1 . LEU A 1 166 ? 3.213   15.050  -11.954 1.00 7.87  ? 166 LEU A CD1 1 
ATOM   1329 C CD2 . LEU A 1 166 ? 3.898   12.652  -11.339 1.00 7.58  ? 166 LEU A CD2 1 
ATOM   1330 N N   . SER A 1 167 ? -1.047  13.491  -13.835 1.00 9.38  ? 167 SER A N   1 
ATOM   1331 C CA  . SER A 1 167 ? -2.184  12.953  -14.601 1.00 11.14 ? 167 SER A CA  1 
ATOM   1332 C C   . SER A 1 167 ? -1.557  12.251  -15.772 1.00 11.92 ? 167 SER A C   1 
ATOM   1333 O O   . SER A 1 167 ? -1.795  11.060  -15.975 1.00 12.83 ? 167 SER A O   1 
ATOM   1334 C CB  . SER A 1 167 ? -3.162  14.053  -15.001 1.00 11.66 ? 167 SER A CB  1 
ATOM   1335 O OG  . SER A 1 167 ? -2.953  15.020  -14.021 1.00 12.36 ? 167 SER A OG  1 
ATOM   1336 N N   . ASP A 1 168 ? -0.719  13.066  -16.446 1.00 11.38 ? 168 ASP A N   1 
ATOM   1337 C CA  . ASP A 1 168 ? 0.100   12.532  -17.554 1.00 10.24 ? 168 ASP A CA  1 
ATOM   1338 C C   . ASP A 1 168 ? 0.540   11.067  -17.405 1.00 10.02 ? 168 ASP A C   1 
ATOM   1339 O O   . ASP A 1 168 ? 0.942   10.546  -16.371 1.00 7.11  ? 168 ASP A O   1 
ATOM   1340 C CB  . ASP A 1 168 ? 1.397   13.359  -17.199 1.00 11.51 ? 168 ASP A CB  1 
ATOM   1341 C CG  . ASP A 1 168 ? 1.668   14.182  -15.945 1.00 12.42 ? 168 ASP A CG  1 
ATOM   1342 O OD1 . ASP A 1 168 ? 2.785   13.613  -15.569 1.00 13.77 ? 168 ASP A OD1 1 
ATOM   1343 O OD2 . ASP A 1 168 ? 1.083   15.193  -15.238 1.00 9.07  ? 168 ASP A OD2 1 
ATOM   1344 N N   . VAL A 1 169 ? 0.602   10.330  -18.539 1.00 11.61 ? 169 VAL A N   1 
ATOM   1345 C CA  . VAL A 1 169 ? 1.158   8.939   -18.592 1.00 10.80 ? 169 VAL A CA  1 
ATOM   1346 C C   . VAL A 1 169 ? 2.709   9.105   -18.410 1.00 10.20 ? 169 VAL A C   1 
ATOM   1347 O O   . VAL A 1 169 ? 3.407   9.954   -18.994 1.00 11.73 ? 169 VAL A O   1 
ATOM   1348 C CB  . VAL A 1 169 ? 0.747   8.233   -19.920 1.00 10.39 ? 169 VAL A CB  1 
ATOM   1349 C CG1 . VAL A 1 169 ? 1.657   7.042   -20.145 1.00 8.99  ? 169 VAL A CG1 1 
ATOM   1350 C CG2 . VAL A 1 169 ? -0.787  7.926   -19.878 1.00 8.95  ? 169 VAL A CG2 1 
ATOM   1351 N N   . GLN A 1 170 ? 3.350   8.403   -17.590 1.00 10.44 ? 170 GLN A N   1 
ATOM   1352 C CA  . GLN A 1 170 ? 4.766   8.412   -17.203 1.00 11.67 ? 170 GLN A CA  1 
ATOM   1353 C C   . GLN A 1 170 ? 5.307   7.187   -18.003 1.00 12.40 ? 170 GLN A C   1 
ATOM   1354 O O   . GLN A 1 170 ? 4.404   6.642   -18.508 1.00 10.77 ? 170 GLN A O   1 
ATOM   1355 C CB  . GLN A 1 170 ? 5.261   8.439   -15.835 1.00 11.07 ? 170 GLN A CB  1 
ATOM   1356 C CG  . GLN A 1 170 ? 4.416   9.215   -14.832 1.00 12.20 ? 170 GLN A CG  1 
ATOM   1357 C CD  . GLN A 1 170 ? 4.389   10.637  -15.459 1.00 11.02 ? 170 GLN A CD  1 
ATOM   1358 O OE1 . GLN A 1 170 ? 5.306   11.312  -15.279 1.00 9.32  ? 170 GLN A OE1 1 
ATOM   1359 N NE2 . GLN A 1 170 ? 3.315   10.903  -16.155 1.00 11.63 ? 170 GLN A NE2 1 
ATOM   1360 N N   . GLU A 1 171 ? 6.641   7.176   -18.078 1.00 12.82 ? 171 GLU A N   1 
ATOM   1361 C CA  . GLU A 1 171 ? 7.442   6.338   -18.827 1.00 12.51 ? 171 GLU A CA  1 
ATOM   1362 C C   . GLU A 1 171 ? 8.877   6.500   -18.374 1.00 12.88 ? 171 GLU A C   1 
ATOM   1363 O O   . GLU A 1 171 ? 9.508   7.564   -18.354 1.00 12.38 ? 171 GLU A O   1 
ATOM   1364 C CB  . GLU A 1 171 ? 7.523   6.861   -20.317 1.00 14.59 ? 171 GLU A CB  1 
ATOM   1365 C CG  . GLU A 1 171 ? 8.036   5.699   -21.244 1.00 16.50 ? 171 GLU A CG  1 
ATOM   1366 C CD  . GLU A 1 171 ? 7.921   6.032   -22.704 1.00 18.37 ? 171 GLU A CD  1 
ATOM   1367 O OE1 . GLU A 1 171 ? 6.962   5.632   -23.374 1.00 20.37 ? 171 GLU A OE1 1 
ATOM   1368 O OE2 . GLU A 1 171 ? 8.811   6.786   -23.152 1.00 18.39 ? 171 GLU A OE2 1 
ATOM   1369 N N   . GLU A 1 172 ? 9.332   5.375   -17.910 1.00 13.66 ? 172 GLU A N   1 
ATOM   1370 C CA  . GLU A 1 172 ? 10.589  5.003   -17.382 1.00 15.20 ? 172 GLU A CA  1 
ATOM   1371 C C   . GLU A 1 172 ? 10.888  3.592   -17.971 1.00 15.71 ? 172 GLU A C   1 
ATOM   1372 O O   . GLU A 1 172 ? 10.114  2.621   -18.039 1.00 16.31 ? 172 GLU A O   1 
ATOM   1373 C CB  . GLU A 1 172 ? 10.581  4.826   -15.874 1.00 16.94 ? 172 GLU A CB  1 
ATOM   1374 C CG  . GLU A 1 172 ? 11.590  5.185   -14.841 1.00 17.89 ? 172 GLU A CG  1 
ATOM   1375 C CD  . GLU A 1 172 ? 11.260  4.897   -13.417 1.00 18.24 ? 172 GLU A CD  1 
ATOM   1376 O OE1 . GLU A 1 172 ? 10.220  4.586   -12.907 1.00 19.14 ? 172 GLU A OE1 1 
ATOM   1377 O OE2 . GLU A 1 172 ? 12.254  4.894   -12.645 1.00 19.24 ? 172 GLU A OE2 1 
ATOM   1378 N N   . LYS A 1 173 ? 12.099  3.543   -18.331 1.00 16.57 ? 173 LYS A N   1 
ATOM   1379 C CA  . LYS A 1 173 ? 12.914  2.447   -18.892 1.00 17.07 ? 173 LYS A CA  1 
ATOM   1380 C C   . LYS A 1 173 ? 12.038  1.705   -19.871 1.00 16.68 ? 173 LYS A C   1 
ATOM   1381 O O   . LYS A 1 173 ? 12.114  0.534   -19.874 1.00 16.35 ? 173 LYS A O   1 
ATOM   1382 C CB  . LYS A 1 173 ? 13.341  1.608   -17.713 1.00 18.66 ? 173 LYS A CB  1 
ATOM   1383 C CG  . LYS A 1 173 ? 14.368  1.973   -16.647 1.00 19.66 ? 173 LYS A CG  1 
ATOM   1384 C CD  . LYS A 1 173 ? 14.612  0.837   -15.640 1.00 20.09 ? 173 LYS A CD  1 
ATOM   1385 C CE  . LYS A 1 173 ? 15.584  1.151   -14.518 1.00 21.17 ? 173 LYS A CE  1 
ATOM   1386 N NZ  . LYS A 1 173 ? 14.797  1.172   -13.178 1.00 22.11 ? 173 LYS A NZ  1 
ATOM   1387 N N   . GLY A 1 174 ? 11.223  2.373   -20.688 1.00 17.67 ? 174 GLY A N   1 
ATOM   1388 C CA  . GLY A 1 174 ? 10.418  1.673   -21.671 1.00 17.25 ? 174 GLY A CA  1 
ATOM   1389 C C   . GLY A 1 174 ? 9.036   1.256   -21.250 1.00 16.23 ? 174 GLY A C   1 
ATOM   1390 O O   . GLY A 1 174 ? 8.390   0.625   -22.117 1.00 17.12 ? 174 GLY A O   1 
ATOM   1391 N N   . ILE A 1 175 ? 8.638   1.532   -20.039 1.00 14.57 ? 175 ILE A N   1 
ATOM   1392 C CA  . ILE A 1 175 ? 7.304   1.232   -19.482 1.00 13.53 ? 175 ILE A CA  1 
ATOM   1393 C C   . ILE A 1 175 ? 6.507   2.484   -19.101 1.00 14.32 ? 175 ILE A C   1 
ATOM   1394 O O   . ILE A 1 175 ? 6.934   3.482   -18.447 1.00 14.93 ? 175 ILE A O   1 
ATOM   1395 C CB  . ILE A 1 175 ? 7.436   0.215   -18.322 1.00 11.95 ? 175 ILE A CB  1 
ATOM   1396 C CG1 . ILE A 1 175 ? 8.441   -0.863  -18.880 1.00 10.59 ? 175 ILE A CG1 1 
ATOM   1397 C CG2 . ILE A 1 175 ? 6.023   -0.415  -18.060 1.00 10.88 ? 175 ILE A CG2 1 
ATOM   1398 C CD1 . ILE A 1 175 ? 9.664   -1.240  -18.101 1.00 8.40  ? 175 ILE A CD1 1 
ATOM   1399 N N   . LYS A 1 176 ? 5.352   2.510   -19.730 1.00 14.16 ? 176 LYS A N   1 
ATOM   1400 C CA  . LYS A 1 176 ? 4.342   3.553   -19.602 1.00 13.15 ? 176 LYS A CA  1 
ATOM   1401 C C   . LYS A 1 176 ? 3.454   3.171   -18.439 1.00 13.11 ? 176 LYS A C   1 
ATOM   1402 O O   . LYS A 1 176 ? 3.064   1.975   -18.193 1.00 13.99 ? 176 LYS A O   1 
ATOM   1403 C CB  . LYS A 1 176 ? 3.636   3.699   -20.943 1.00 15.32 ? 176 LYS A CB  1 
ATOM   1404 C CG  . LYS A 1 176 ? 4.557   4.461   -21.980 1.00 16.89 ? 176 LYS A CG  1 
ATOM   1405 C CD  . LYS A 1 176 ? 3.803   4.928   -23.186 1.00 18.96 ? 176 LYS A CD  1 
ATOM   1406 C CE  . LYS A 1 176 ? 4.000   4.104   -24.490 1.00 20.57 ? 176 LYS A CE  1 
ATOM   1407 N NZ  . LYS A 1 176 ? 3.826   5.062   -25.654 1.00 22.67 ? 176 LYS A NZ  1 
ATOM   1408 N N   . TYR A 1 177 ? 3.068   4.157   -17.651 1.00 10.77 ? 177 TYR A N   1 
ATOM   1409 C CA  . TYR A 1 177 ? 2.213   4.017   -16.545 1.00 9.89  ? 177 TYR A CA  1 
ATOM   1410 C C   . TYR A 1 177 ? 1.627   5.379   -16.192 1.00 10.58 ? 177 TYR A C   1 
ATOM   1411 O O   . TYR A 1 177 ? 2.206   6.461   -16.459 1.00 10.14 ? 177 TYR A O   1 
ATOM   1412 C CB  . TYR A 1 177 ? 3.008   3.495   -15.400 1.00 10.86 ? 177 TYR A CB  1 
ATOM   1413 C CG  . TYR A 1 177 ? 4.092   4.292   -14.830 1.00 10.64 ? 177 TYR A CG  1 
ATOM   1414 C CD1 . TYR A 1 177 ? 3.956   5.275   -13.861 1.00 11.97 ? 177 TYR A CD1 1 
ATOM   1415 C CD2 . TYR A 1 177 ? 5.405   4.000   -15.239 1.00 10.96 ? 177 TYR A CD2 1 
ATOM   1416 C CE1 . TYR A 1 177 ? 5.084   5.992   -13.361 1.00 10.93 ? 177 TYR A CE1 1 
ATOM   1417 C CE2 . TYR A 1 177 ? 6.532   4.718   -14.824 1.00 9.90  ? 177 TYR A CE2 1 
ATOM   1418 C CZ  . TYR A 1 177 ? 6.349   5.672   -13.843 1.00 10.56 ? 177 TYR A CZ  1 
ATOM   1419 O OH  . TYR A 1 177 ? 7.497   6.333   -13.396 1.00 9.72  ? 177 TYR A OH  1 
ATOM   1420 N N   . LYS A 1 178 ? 0.465   5.309   -15.657 1.00 9.72  ? 178 LYS A N   1 
ATOM   1421 C CA  . LYS A 1 178 ? -0.385  6.464   -15.250 1.00 9.98  ? 178 LYS A CA  1 
ATOM   1422 C C   . LYS A 1 178 ? -0.722  6.153   -13.781 1.00 10.33 ? 178 LYS A C   1 
ATOM   1423 O O   . LYS A 1 178 ? -0.800  4.950   -13.361 1.00 8.77  ? 178 LYS A O   1 
ATOM   1424 C CB  . LYS A 1 178 ? -1.573  6.473   -16.125 1.00 10.65 ? 178 LYS A CB  1 
ATOM   1425 C CG  . LYS A 1 178 ? -2.591  7.539   -16.325 1.00 13.29 ? 178 LYS A CG  1 
ATOM   1426 C CD  . LYS A 1 178 ? -3.904  7.027   -16.979 1.00 14.90 ? 178 LYS A CD  1 
ATOM   1427 C CE  . LYS A 1 178 ? -4.687  8.298   -17.427 1.00 15.58 ? 178 LYS A CE  1 
ATOM   1428 N NZ  . LYS A 1 178 ? -3.947  8.890   -18.636 1.00 16.56 ? 178 LYS A NZ  1 
ATOM   1429 N N   . PHE A 1 179 ? -0.878  7.235   -13.008 1.00 9.90  ? 179 PHE A N   1 
ATOM   1430 C CA  . PHE A 1 179 ? -1.174  7.082   -11.571 1.00 12.08 ? 179 PHE A CA  1 
ATOM   1431 C C   . PHE A 1 179 ? -2.673  7.240   -11.446 1.00 12.07 ? 179 PHE A C   1 
ATOM   1432 O O   . PHE A 1 179 ? -3.047  8.425   -11.816 1.00 14.52 ? 179 PHE A O   1 
ATOM   1433 C CB  . PHE A 1 179 ? -0.493  8.295   -10.865 1.00 11.25 ? 179 PHE A CB  1 
ATOM   1434 C CG  . PHE A 1 179 ? 0.961   8.036   -10.890 1.00 10.52 ? 179 PHE A CG  1 
ATOM   1435 C CD1 . PHE A 1 179 ? 1.831   8.776   -11.673 1.00 10.83 ? 179 PHE A CD1 1 
ATOM   1436 C CD2 . PHE A 1 179 ? 1.495   7.050   -10.085 1.00 10.99 ? 179 PHE A CD2 1 
ATOM   1437 C CE1 . PHE A 1 179 ? 3.216   8.530   -11.562 1.00 10.17 ? 179 PHE A CE1 1 
ATOM   1438 C CE2 . PHE A 1 179 ? 2.850   6.824   -9.940  1.00 10.53 ? 179 PHE A CE2 1 
ATOM   1439 C CZ  . PHE A 1 179 ? 3.665   7.542   -10.744 1.00 9.60  ? 179 PHE A CZ  1 
ATOM   1440 N N   . GLU A 1 180 ? -3.521  6.387   -11.060 1.00 11.78 ? 180 GLU A N   1 
ATOM   1441 C CA  . GLU A 1 180 ? -5.007  6.833   -11.067 1.00 10.76 ? 180 GLU A CA  1 
ATOM   1442 C C   . GLU A 1 180 ? -5.523  6.721   -9.646  1.00 10.87 ? 180 GLU A C   1 
ATOM   1443 O O   . GLU A 1 180 ? -5.092  5.831   -8.917  1.00 10.68 ? 180 GLU A O   1 
ATOM   1444 C CB  . GLU A 1 180 ? -5.844  6.170   -12.052 1.00 9.84  ? 180 GLU A CB  1 
ATOM   1445 C CG  . GLU A 1 180 ? -5.297  5.063   -12.969 1.00 12.71 ? 180 GLU A CG  1 
ATOM   1446 C CD  . GLU A 1 180 ? -6.551  4.393   -13.581 1.00 12.34 ? 180 GLU A CD  1 
ATOM   1447 O OE1 . GLU A 1 180 ? -7.102  4.949   -14.529 1.00 14.91 ? 180 GLU A OE1 1 
ATOM   1448 O OE2 . GLU A 1 180 ? -6.842  3.449   -12.911 1.00 10.18 ? 180 GLU A OE2 1 
ATOM   1449 N N   . VAL A 1 181 ? -6.394  7.560   -9.232  1.00 11.53 ? 181 VAL A N   1 
ATOM   1450 C CA  . VAL A 1 181 ? -6.842  7.561   -7.807  1.00 13.16 ? 181 VAL A CA  1 
ATOM   1451 C C   . VAL A 1 181 ? -8.346  7.314   -7.821  1.00 12.51 ? 181 VAL A C   1 
ATOM   1452 O O   . VAL A 1 181 ? -9.153  7.739   -8.639  1.00 13.14 ? 181 VAL A O   1 
ATOM   1453 C CB  . VAL A 1 181 ? -6.233  8.742   -7.053  1.00 12.84 ? 181 VAL A CB  1 
ATOM   1454 C CG1 . VAL A 1 181 ? -6.358  10.049  -7.787  1.00 13.96 ? 181 VAL A CG1 1 
ATOM   1455 C CG2 . VAL A 1 181 ? -6.795  9.001   -5.650  1.00 12.93 ? 181 VAL A CG2 1 
ATOM   1456 N N   . TYR A 1 182 ? -8.642  6.493   -6.831  1.00 12.86 ? 182 TYR A N   1 
ATOM   1457 C CA  . TYR A 1 182 ? -10.090 6.086   -6.618  1.00 12.87 ? 182 TYR A CA  1 
ATOM   1458 C C   . TYR A 1 182 ? -10.380 6.484   -5.198  1.00 13.22 ? 182 TYR A C   1 
ATOM   1459 O O   . TYR A 1 182 ? -9.394  6.769   -4.425  1.00 14.33 ? 182 TYR A O   1 
ATOM   1460 C CB  . TYR A 1 182 ? -10.360 4.598   -6.811  1.00 12.33 ? 182 TYR A CB  1 
ATOM   1461 C CG  . TYR A 1 182 ? -9.942  4.131   -8.198  1.00 12.49 ? 182 TYR A CG  1 
ATOM   1462 C CD1 . TYR A 1 182 ? -8.624  3.847   -8.604  1.00 12.57 ? 182 TYR A CD1 1 
ATOM   1463 C CD2 . TYR A 1 182 ? -10.979 3.956   -9.097  1.00 11.38 ? 182 TYR A CD2 1 
ATOM   1464 C CE1 . TYR A 1 182 ? -8.393  3.464   -9.964  1.00 11.06 ? 182 TYR A CE1 1 
ATOM   1465 C CE2 . TYR A 1 182 ? -10.745 3.652   -10.395 1.00 12.11 ? 182 TYR A CE2 1 
ATOM   1466 C CZ  . TYR A 1 182 ? -9.432  3.330   -10.856 1.00 11.38 ? 182 TYR A CZ  1 
ATOM   1467 O OH  . TYR A 1 182 ? -9.430  3.069   -12.217 1.00 9.41  ? 182 TYR A OH  1 
ATOM   1468 N N   . GLU A 1 183 ? -11.639 6.408   -4.909  1.00 13.97 ? 183 GLU A N   1 
ATOM   1469 C CA  . GLU A 1 183 ? -12.071 6.688   -3.521  1.00 15.61 ? 183 GLU A CA  1 
ATOM   1470 C C   . GLU A 1 183 ? -13.523 6.336   -3.287  1.00 16.38 ? 183 GLU A C   1 
ATOM   1471 O O   . GLU A 1 183 ? -14.383 6.358   -4.190  1.00 15.59 ? 183 GLU A O   1 
ATOM   1472 C CB  . GLU A 1 183 ? -11.860 8.202   -3.411  1.00 15.80 ? 183 GLU A CB  1 
ATOM   1473 C CG  . GLU A 1 183 ? -12.330 8.749   -2.037  1.00 17.85 ? 183 GLU A CG  1 
ATOM   1474 C CD  . GLU A 1 183 ? -12.949 10.093  -2.351  1.00 18.36 ? 183 GLU A CD  1 
ATOM   1475 O OE1 . GLU A 1 183 ? -12.342 11.122  -1.965  1.00 20.10 ? 183 GLU A OE1 1 
ATOM   1476 O OE2 . GLU A 1 183 ? -13.900 9.806   -3.106  1.00 17.84 ? 183 GLU A OE2 1 
ATOM   1477 N N   . LYS A 1 184 ? -13.791 5.962   -2.031  1.00 17.05 ? 184 LYS A N   1 
ATOM   1478 C CA  . LYS A 1 184 ? -15.184 5.649   -1.606  1.00 17.66 ? 184 LYS A CA  1 
ATOM   1479 C C   . LYS A 1 184 ? -15.418 6.269   -0.196  1.00 18.68 ? 184 LYS A C   1 
ATOM   1480 O O   . LYS A 1 184 ? -14.502 6.536   0.594   1.00 17.26 ? 184 LYS A O   1 
ATOM   1481 C CB  . LYS A 1 184 ? -15.783 4.319   -1.655  1.00 17.14 ? 184 LYS A CB  1 
ATOM   1482 C CG  . LYS A 1 184 ? -15.384 3.154   -0.862  1.00 19.20 ? 184 LYS A CG  1 
ATOM   1483 C CD  . LYS A 1 184 ? -15.614 2.905   0.596   1.00 20.81 ? 184 LYS A CD  1 
ATOM   1484 C CE  . LYS A 1 184 ? -15.156 1.465   1.008   1.00 20.23 ? 184 LYS A CE  1 
ATOM   1485 N NZ  . LYS A 1 184 ? -15.051 1.586   2.486   1.00 20.43 ? 184 LYS A NZ  1 
ATOM   1486 N N   . ASN A 1 185 ? -16.725 6.516   -0.031  1.00 20.75 ? 185 ASN A N   1 
ATOM   1487 C CA  . ASN A 1 185 ? -17.193 7.015   1.283   1.00 23.40 ? 185 ASN A CA  1 
ATOM   1488 C C   . ASN A 1 185 ? -18.570 6.339   1.494   1.00 24.20 ? 185 ASN A C   1 
ATOM   1489 O O   . ASN A 1 185 ? -19.676 6.809   1.047   1.00 24.47 ? 185 ASN A O   1 
ATOM   1490 C CB  . ASN A 1 185 ? -17.129 8.442   1.796   1.00 24.10 ? 185 ASN A CB  1 
ATOM   1491 C CG  . ASN A 1 185 ? -17.027 8.405   3.339   1.00 25.12 ? 185 ASN A CG  1 
ATOM   1492 O OD1 . ASN A 1 185 ? -15.931 8.199   3.953   1.00 23.77 ? 185 ASN A OD1 1 
ATOM   1493 N ND2 . ASN A 1 185 ? -18.175 8.508   4.042   1.00 24.51 ? 185 ASN A ND2 1 
ATOM   1494 N N   . ASP A 1 186 ? -18.347 5.212   2.229   1.00 24.20 ? 186 ASP A N   1 
ATOM   1495 C CA  . ASP A 1 186 ? -19.634 4.507   2.534   1.00 24.31 ? 186 ASP A CA  1 
ATOM   1496 C C   . ASP A 1 186 ? -20.091 5.403   3.736   1.00 24.21 ? 186 ASP A C   1 
ATOM   1497 O O   . ASP A 1 186 ? -20.018 4.590   4.695   1.00 24.90 ? 186 ASP A O   1 
ATOM   1498 C CB  . ASP A 1 186 ? -19.546 3.076   3.027   1.00 24.34 ? 186 ASP A CB  1 
ATOM   1499 C CG  . ASP A 1 186 ? -18.178 2.546   2.608   1.00 24.61 ? 186 ASP A CG  1 
ATOM   1500 O OD1 . ASP A 1 186 ? -17.312 2.586   3.502   1.00 23.83 ? 186 ASP A OD1 1 
ATOM   1501 O OD2 . ASP A 1 186 ? -18.142 2.187   1.423   1.00 24.57 ? 186 ASP A OD2 1 
ATOM   1502 O OXT . ASP A 1 186 ? -20.383 6.587   3.528   1.00 23.59 ? 186 ASP A OXT 1 
HETATM 1503 O O   . HOH B 2 .   ? 2.630   11.651  -8.270  1.00 21.60 ? 188 HOH A O   1 
HETATM 1504 O O   . HOH B 2 .   ? -0.065  9.529   -14.608 1.00 13.13 ? 189 HOH A O   1 
HETATM 1505 O O   . HOH B 2 .   ? -4.441  11.408  -11.639 1.00 38.79 ? 190 HOH A O   1 
HETATM 1506 O O   . HOH B 2 .   ? -5.730  5.158   -17.081 1.00 22.84 ? 191 HOH A O   1 
HETATM 1507 O O   . HOH B 2 .   ? 2.148   -3.599  -5.137  1.00 42.18 ? 192 HOH A O   1 
HETATM 1508 O O   . HOH B 2 .   ? 3.745   -7.219  17.538  1.00 31.89 ? 193 HOH A O   1 
HETATM 1509 O O   . HOH B 2 .   ? 5.537   8.973   7.699   1.00 24.51 ? 194 HOH A O   1 
HETATM 1510 O O   . HOH B 2 .   ? 6.955   -0.999  -8.516  1.00 15.00 ? 195 HOH A O   1 
HETATM 1511 O O   . HOH B 2 .   ? -1.455  5.408   -6.708  1.00 15.00 ? 196 HOH A O   1 
HETATM 1512 O O   . HOH B 2 .   ? -4.194  14.104  -10.435 1.00 15.00 ? 197 HOH A O   1 
HETATM 1513 O O   . HOH B 2 .   ? 5.529   -11.466 -19.281 1.00 15.00 ? 198 HOH A O   1 
HETATM 1514 O O   . HOH B 2 .   ? 3.287   0.927   -22.900 1.00 15.00 ? 199 HOH A O   1 
HETATM 1515 O O   . HOH B 2 .   ? -6.696  9.695   -10.760 1.00 15.00 ? 200 HOH A O   1 
HETATM 1516 O O   . HOH B 2 .   ? -10.098 15.405  -6.544  1.00 15.00 ? 201 HOH A O   1 
HETATM 1517 O O   . HOH B 2 .   ? -9.690  20.672  -6.007  1.00 15.00 ? 202 HOH A O   1 
HETATM 1518 O O   . HOH B 2 .   ? -9.020  18.571  -6.770  1.00 15.00 ? 203 HOH A O   1 
HETATM 1519 O O   . HOH B 2 .   ? 4.913   11.456  -9.058  1.00 15.00 ? 204 HOH A O   1 
# 
loop_
_pdbx_poly_seq_scheme.asym_id 
_pdbx_poly_seq_scheme.entity_id 
_pdbx_poly_seq_scheme.seq_id 
_pdbx_poly_seq_scheme.mon_id 
_pdbx_poly_seq_scheme.ndb_seq_num 
_pdbx_poly_seq_scheme.pdb_seq_num 
_pdbx_poly_seq_scheme.auth_seq_num 
_pdbx_poly_seq_scheme.pdb_mon_id 
_pdbx_poly_seq_scheme.auth_mon_id 
_pdbx_poly_seq_scheme.pdb_strand_id 
_pdbx_poly_seq_scheme.pdb_ins_code 
_pdbx_poly_seq_scheme.hetero 
A 1 1   VAL 1   1   1   VAL VAL A . n 
A 1 2   GLY 2   2   2   GLY GLY A . n 
A 1 3   SER 3   3   3   SER SER A . n 
A 1 4   LEU 4   4   4   LEU LEU A . n 
A 1 5   ASN 5   5   5   ASN ASN A . n 
A 1 6   CYS 6   6   6   CYS CYS A . n 
A 1 7   ILE 7   7   7   ILE ILE A . n 
A 1 8   VAL 8   8   8   VAL VAL A . n 
A 1 9   ALA 9   9   9   ALA ALA A . n 
A 1 10  VAL 10  10  10  VAL VAL A . n 
A 1 11  SER 11  11  11  SER SER A . n 
A 1 12  GLN 12  12  12  GLN GLN A . n 
A 1 13  ASN 13  13  13  ASN ASN A . n 
A 1 14  MET 14  14  14  MET MET A . n 
A 1 15  GLY 15  15  15  GLY GLY A . n 
A 1 16  ILE 16  16  16  ILE ILE A . n 
A 1 17  GLY 17  17  17  GLY GLY A . n 
A 1 18  LYS 18  18  18  LYS LYS A . n 
A 1 19  ASN 19  19  19  ASN ASN A . n 
A 1 20  GLY 20  20  20  GLY GLY A . n 
A 1 21  ASP 21  21  21  ASP ASP A . n 
A 1 22  LEU 22  22  22  LEU LEU A . n 
A 1 23  PRO 23  23  23  PRO PRO A . n 
A 1 24  TRP 24  24  24  TRP TRP A . n 
A 1 25  PRO 25  25  25  PRO PRO A . n 
A 1 26  PRO 26  26  26  PRO PRO A . n 
A 1 27  LEU 27  27  27  LEU LEU A . n 
A 1 28  ARG 28  28  28  ARG ARG A . n 
A 1 29  ASN 29  29  29  ASN ASN A . n 
A 1 30  GLU 30  30  30  GLU GLU A . n 
A 1 31  PHE 31  31  31  PHE PHE A . n 
A 1 32  ARG 32  32  32  ARG ARG A . n 
A 1 33  TYR 33  33  33  TYR TYR A . n 
A 1 34  PHE 34  34  34  PHE PHE A . n 
A 1 35  GLN 35  35  35  GLN GLN A . n 
A 1 36  ARG 36  36  36  ARG ARG A . n 
A 1 37  MET 37  37  37  MET MET A . n 
A 1 38  THR 38  38  38  THR THR A . n 
A 1 39  THR 39  39  39  THR THR A . n 
A 1 40  THR 40  40  40  THR THR A . n 
A 1 41  SER 41  41  41  SER SER A . n 
A 1 42  SER 42  42  42  SER SER A . n 
A 1 43  VAL 43  43  43  VAL VAL A . n 
A 1 44  GLU 44  44  44  GLU GLU A . n 
A 1 45  GLY 45  45  45  GLY GLY A . n 
A 1 46  LYS 46  46  46  LYS LYS A . n 
A 1 47  GLN 47  47  47  GLN GLN A . n 
A 1 48  ASN 48  48  48  ASN ASN A . n 
A 1 49  LEU 49  49  49  LEU LEU A . n 
A 1 50  VAL 50  50  50  VAL VAL A . n 
A 1 51  ILE 51  51  51  ILE ILE A . n 
A 1 52  MET 52  52  52  MET MET A . n 
A 1 53  GLY 53  53  53  GLY GLY A . n 
A 1 54  LYS 54  54  54  LYS LYS A . n 
A 1 55  LYS 55  55  55  LYS LYS A . n 
A 1 56  THR 56  56  56  THR THR A . n 
A 1 57  TRP 57  57  57  TRP TRP A . n 
A 1 58  PHE 58  58  58  PHE PHE A . n 
A 1 59  SER 59  59  59  SER SER A . n 
A 1 60  ILE 60  60  60  ILE ILE A . n 
A 1 61  PRO 61  61  61  PRO PRO A . n 
A 1 62  GLU 62  62  62  GLU GLU A . n 
A 1 63  LYS 63  63  63  LYS LYS A . n 
A 1 64  ASN 64  64  64  ASN ASN A . n 
A 1 65  ARG 65  65  65  ARG ARG A . n 
A 1 66  PRO 66  66  66  PRO PRO A . n 
A 1 67  LEU 67  67  67  LEU LEU A . n 
A 1 68  LYS 68  68  68  LYS LYS A . n 
A 1 69  GLY 69  69  69  GLY GLY A . n 
A 1 70  ARG 70  70  70  ARG ARG A . n 
A 1 71  ILE 71  71  71  ILE ILE A . n 
A 1 72  ASN 72  72  72  ASN ASN A . n 
A 1 73  LEU 73  73  73  LEU LEU A . n 
A 1 74  VAL 74  74  74  VAL VAL A . n 
A 1 75  LEU 75  75  75  LEU LEU A . n 
A 1 76  SER 76  76  76  SER SER A . n 
A 1 77  ARG 77  77  77  ARG ARG A . n 
A 1 78  GLU 78  78  78  GLU GLU A . n 
A 1 79  LEU 79  79  79  LEU LEU A . n 
A 1 80  LYS 80  80  80  LYS LYS A . n 
A 1 81  GLU 81  81  81  GLU GLU A . n 
A 1 82  PRO 82  82  82  PRO PRO A . n 
A 1 83  PRO 83  83  83  PRO PRO A . n 
A 1 84  GLN 84  84  84  GLN GLN A . n 
A 1 85  GLY 85  85  85  GLY GLY A . n 
A 1 86  ALA 86  86  86  ALA ALA A . n 
A 1 87  HIS 87  87  87  HIS HIS A . n 
A 1 88  PHE 88  88  88  PHE PHE A . n 
A 1 89  LEU 89  89  89  LEU LEU A . n 
A 1 90  SER 90  90  90  SER SER A . n 
A 1 91  ARG 91  91  91  ARG ARG A . n 
A 1 92  SER 92  92  92  SER SER A . n 
A 1 93  LEU 93  93  93  LEU LEU A . n 
A 1 94  ASP 94  94  94  ASP ASP A . n 
A 1 95  ASP 95  95  95  ASP ASP A . n 
A 1 96  ALA 96  96  96  ALA ALA A . n 
A 1 97  LEU 97  97  97  LEU LEU A . n 
A 1 98  LYS 98  98  98  LYS LYS A . n 
A 1 99  LEU 99  99  99  LEU LEU A . n 
A 1 100 THR 100 100 100 THR THR A . n 
A 1 101 GLU 101 101 101 GLU GLU A . n 
A 1 102 GLN 102 102 102 GLN GLN A . n 
A 1 103 PRO 103 103 103 PRO PRO A . n 
A 1 104 GLU 104 104 104 GLU GLU A . n 
A 1 105 LEU 105 105 105 LEU LEU A . n 
A 1 106 ALA 106 106 106 ALA ALA A . n 
A 1 107 ASN 107 107 107 ASN ASN A . n 
A 1 108 LYS 108 108 108 LYS LYS A . n 
A 1 109 VAL 109 109 109 VAL VAL A . n 
A 1 110 ASP 110 110 110 ASP ASP A . n 
A 1 111 MET 111 111 111 MET MET A . n 
A 1 112 VAL 112 112 112 VAL VAL A . n 
A 1 113 TRP 113 113 113 TRP TRP A . n 
A 1 114 ILE 114 114 114 ILE ILE A . n 
A 1 115 VAL 115 115 115 VAL VAL A . n 
A 1 116 GLY 116 116 116 GLY GLY A . n 
A 1 117 GLY 117 117 117 GLY GLY A . n 
A 1 118 SER 118 118 118 SER SER A . n 
A 1 119 SER 119 119 119 SER SER A . n 
A 1 120 VAL 120 120 120 VAL VAL A . n 
A 1 121 TYR 121 121 121 TYR TYR A . n 
A 1 122 LYS 122 122 122 LYS LYS A . n 
A 1 123 GLU 123 123 123 GLU GLU A . n 
A 1 124 ALA 124 124 124 ALA ALA A . n 
A 1 125 MET 125 125 125 MET MET A . n 
A 1 126 ASN 126 126 126 ASN ASN A . n 
A 1 127 HIS 127 127 127 HIS HIS A . n 
A 1 128 PRO 128 128 128 PRO PRO A . n 
A 1 129 GLY 129 129 129 GLY GLY A . n 
A 1 130 HIS 130 130 130 HIS HIS A . n 
A 1 131 LEU 131 131 131 LEU LEU A . n 
A 1 132 LYS 132 132 132 LYS LYS A . n 
A 1 133 LEU 133 133 133 LEU LEU A . n 
A 1 134 PHE 134 134 134 PHE PHE A . n 
A 1 135 VAL 135 135 135 VAL VAL A . n 
A 1 136 THR 136 136 136 THR THR A . n 
A 1 137 ARG 137 137 137 ARG ARG A . n 
A 1 138 ILE 138 138 138 ILE ILE A . n 
A 1 139 MET 139 139 139 MET MET A . n 
A 1 140 GLN 140 140 140 GLN GLN A . n 
A 1 141 ASP 141 141 141 ASP ASP A . n 
A 1 142 PHE 142 142 142 PHE PHE A . n 
A 1 143 GLU 143 143 143 GLU GLU A . n 
A 1 144 SER 144 144 144 SER SER A . n 
A 1 145 ASP 145 145 145 ASP ASP A . n 
A 1 146 THR 146 146 146 THR THR A . n 
A 1 147 PHE 147 147 147 PHE PHE A . n 
A 1 148 PHE 148 148 148 PHE PHE A . n 
A 1 149 PRO 149 149 149 PRO PRO A . n 
A 1 150 GLU 150 150 150 GLU GLU A . n 
A 1 151 ILE 151 151 151 ILE ILE A . n 
A 1 152 ASP 152 152 152 ASP ASP A . n 
A 1 153 LEU 153 153 153 LEU LEU A . n 
A 1 154 GLU 154 154 154 GLU GLU A . n 
A 1 155 LYS 155 155 155 LYS LYS A . n 
A 1 156 TYR 156 156 156 TYR TYR A . n 
A 1 157 LYS 157 157 157 LYS LYS A . n 
A 1 158 LEU 158 158 158 LEU LEU A . n 
A 1 159 LEU 159 159 159 LEU LEU A . n 
A 1 160 PRO 160 160 160 PRO PRO A . n 
A 1 161 GLU 161 161 161 GLU GLU A . n 
A 1 162 TYR 162 162 162 TYR TYR A . n 
A 1 163 PRO 163 163 163 PRO PRO A . n 
A 1 164 GLY 164 164 164 GLY GLY A . n 
A 1 165 VAL 165 165 165 VAL VAL A . n 
A 1 166 LEU 166 166 166 LEU LEU A . n 
A 1 167 SER 167 167 167 SER SER A . n 
A 1 168 ASP 168 168 168 ASP ASP A . n 
A 1 169 VAL 169 169 169 VAL VAL A . n 
A 1 170 GLN 170 170 170 GLN GLN A . n 
A 1 171 GLU 171 171 171 GLU GLU A . n 
A 1 172 GLU 172 172 172 GLU GLU A . n 
A 1 173 LYS 173 173 173 LYS LYS A . n 
A 1 174 GLY 174 174 174 GLY GLY A . n 
A 1 175 ILE 175 175 175 ILE ILE A . n 
A 1 176 LYS 176 176 176 LYS LYS A . n 
A 1 177 TYR 177 177 177 TYR TYR A . n 
A 1 178 LYS 178 178 178 LYS LYS A . n 
A 1 179 PHE 179 179 179 PHE PHE A . n 
A 1 180 GLU 180 180 180 GLU GLU A . n 
A 1 181 VAL 181 181 181 VAL VAL A . n 
A 1 182 TYR 182 182 182 TYR TYR A . n 
A 1 183 GLU 183 183 183 GLU GLU A . n 
A 1 184 LYS 184 184 184 LYS LYS A . n 
A 1 185 ASN 185 185 185 ASN ASN A . n 
A 1 186 ASP 186 186 186 ASP ASP A . n 
# 
loop_
_pdbx_nonpoly_scheme.asym_id 
_pdbx_nonpoly_scheme.entity_id 
_pdbx_nonpoly_scheme.mon_id 
_pdbx_nonpoly_scheme.ndb_seq_num 
_pdbx_nonpoly_scheme.pdb_seq_num 
_pdbx_nonpoly_scheme.auth_seq_num 
_pdbx_nonpoly_scheme.pdb_mon_id 
_pdbx_nonpoly_scheme.auth_mon_id 
_pdbx_nonpoly_scheme.pdb_strand_id 
_pdbx_nonpoly_scheme.pdb_ins_code 
B 2 HOH 1  188 188 HOH WAT A . 
B 2 HOH 2  189 189 HOH WAT A . 
B 2 HOH 3  190 190 HOH WAT A . 
B 2 HOH 4  191 191 HOH WAT A . 
B 2 HOH 5  192 192 HOH WAT A . 
B 2 HOH 6  193 193 HOH WAT A . 
B 2 HOH 7  194 194 HOH WAT A . 
B 2 HOH 8  195 195 HOH WAT A . 
B 2 HOH 9  196 196 HOH WAT A . 
B 2 HOH 10 197 197 HOH WAT A . 
B 2 HOH 11 198 198 HOH WAT A . 
B 2 HOH 12 199 199 HOH WAT A . 
B 2 HOH 13 200 200 HOH WAT A . 
B 2 HOH 14 201 201 HOH WAT A . 
B 2 HOH 15 202 202 HOH WAT A . 
B 2 HOH 16 203 203 HOH WAT A . 
B 2 HOH 17 204 204 HOH WAT A . 
# 
_pdbx_struct_assembly.id                   1 
_pdbx_struct_assembly.details              author_defined_assembly 
_pdbx_struct_assembly.method_details       ? 
_pdbx_struct_assembly.oligomeric_details   monomeric 
_pdbx_struct_assembly.oligomeric_count     1 
# 
_pdbx_struct_assembly_gen.assembly_id       1 
_pdbx_struct_assembly_gen.oper_expression   1 
_pdbx_struct_assembly_gen.asym_id_list      A,B 
# 
_pdbx_struct_oper_list.id                   1 
_pdbx_struct_oper_list.type                 'identity operation' 
_pdbx_struct_oper_list.name                 1_555 
_pdbx_struct_oper_list.symmetry_operation   x,y,z 
_pdbx_struct_oper_list.matrix[1][1]         1.0000000000 
_pdbx_struct_oper_list.matrix[1][2]         0.0000000000 
_pdbx_struct_oper_list.matrix[1][3]         0.0000000000 
_pdbx_struct_oper_list.vector[1]            0.0000000000 
_pdbx_struct_oper_list.matrix[2][1]         0.0000000000 
_pdbx_struct_oper_list.matrix[2][2]         1.0000000000 
_pdbx_struct_oper_list.matrix[2][3]         0.0000000000 
_pdbx_struct_oper_list.vector[2]            0.0000000000 
_pdbx_struct_oper_list.matrix[3][1]         0.0000000000 
_pdbx_struct_oper_list.matrix[3][2]         0.0000000000 
_pdbx_struct_oper_list.matrix[3][3]         1.0000000000 
_pdbx_struct_oper_list.vector[3]            0.0000000000 
# 
loop_
_pdbx_audit_revision_history.ordinal 
_pdbx_audit_revision_history.data_content_type 
_pdbx_audit_revision_history.major_revision 
_pdbx_audit_revision_history.minor_revision 
_pdbx_audit_revision_history.revision_date 
1 'Structure model' 1 0 2003-12-09 
2 'Structure model' 1 1 2008-04-29 
3 'Structure model' 1 2 2011-07-13 
4 'Structure model' 1 3 2023-08-16 
# 
_pdbx_audit_revision_details.ordinal             1 
_pdbx_audit_revision_details.revision_ordinal    1 
_pdbx_audit_revision_details.data_content_type   'Structure model' 
_pdbx_audit_revision_details.provider            repository 
_pdbx_audit_revision_details.type                'Initial release' 
_pdbx_audit_revision_details.description         ? 
_pdbx_audit_revision_details.details             ? 
# 
loop_
_pdbx_audit_revision_group.ordinal 
_pdbx_audit_revision_group.revision_ordinal 
_pdbx_audit_revision_group.data_content_type 
_pdbx_audit_revision_group.group 
1 2 'Structure model' 'Version format compliance' 
2 3 'Structure model' 'Version format compliance' 
3 4 'Structure model' 'Data collection'           
4 4 'Structure model' 'Database references'       
5 4 'Structure model' 'Refinement description'    
# 
loop_
_pdbx_audit_revision_category.ordinal 
_pdbx_audit_revision_category.revision_ordinal 
_pdbx_audit_revision_category.data_content_type 
_pdbx_audit_revision_category.category 
1 4 'Structure model' chem_comp_atom                
2 4 'Structure model' chem_comp_bond                
3 4 'Structure model' database_2                    
4 4 'Structure model' pdbx_initial_refinement_model 
# 
loop_
_pdbx_audit_revision_item.ordinal 
_pdbx_audit_revision_item.revision_ordinal 
_pdbx_audit_revision_item.data_content_type 
_pdbx_audit_revision_item.item 
1 4 'Structure model' '_database_2.pdbx_DOI'                
2 4 'Structure model' '_database_2.pdbx_database_accession' 
# 
loop_
_software.name 
_software.classification 
_software.version 
_software.citation_id 
_software.pdbx_ordinal 
DENZO     'data reduction' . ? 1 
SCALEPACK 'data scaling'   . ? 2 
PROTEIN   'model building' . ? 3 
PROLSQ    refinement       . ? 4 
PROTEIN   phasing          . ? 5 
# 
loop_
_pdbx_validate_close_contact.id 
_pdbx_validate_close_contact.PDB_model_num 
_pdbx_validate_close_contact.auth_atom_id_1 
_pdbx_validate_close_contact.auth_asym_id_1 
_pdbx_validate_close_contact.auth_comp_id_1 
_pdbx_validate_close_contact.auth_seq_id_1 
_pdbx_validate_close_contact.PDB_ins_code_1 
_pdbx_validate_close_contact.label_alt_id_1 
_pdbx_validate_close_contact.auth_atom_id_2 
_pdbx_validate_close_contact.auth_asym_id_2 
_pdbx_validate_close_contact.auth_comp_id_2 
_pdbx_validate_close_contact.auth_seq_id_2 
_pdbx_validate_close_contact.PDB_ins_code_2 
_pdbx_validate_close_contact.label_alt_id_2 
_pdbx_validate_close_contact.dist 
1 1 O   A PHE 58 ? ? NH2 A ARG 65 ? ? 1.97 
2 1 O   A PRO 61 ? ? N   A ASN 64 ? ? 1.98 
3 1 CD2 A LEU 89 ? ? NH1 A ARG 91 ? ? 2.18 
# 
loop_
_pdbx_validate_rmsd_bond.id 
_pdbx_validate_rmsd_bond.PDB_model_num 
_pdbx_validate_rmsd_bond.auth_atom_id_1 
_pdbx_validate_rmsd_bond.auth_asym_id_1 
_pdbx_validate_rmsd_bond.auth_comp_id_1 
_pdbx_validate_rmsd_bond.auth_seq_id_1 
_pdbx_validate_rmsd_bond.PDB_ins_code_1 
_pdbx_validate_rmsd_bond.label_alt_id_1 
_pdbx_validate_rmsd_bond.auth_atom_id_2 
_pdbx_validate_rmsd_bond.auth_asym_id_2 
_pdbx_validate_rmsd_bond.auth_comp_id_2 
_pdbx_validate_rmsd_bond.auth_seq_id_2 
_pdbx_validate_rmsd_bond.PDB_ins_code_2 
_pdbx_validate_rmsd_bond.label_alt_id_2 
_pdbx_validate_rmsd_bond.bond_value 
_pdbx_validate_rmsd_bond.bond_target_value 
_pdbx_validate_rmsd_bond.bond_deviation 
_pdbx_validate_rmsd_bond.bond_standard_deviation 
_pdbx_validate_rmsd_bond.linker_flag 
1 1 N  A GLY 17 ? ? CA  A GLY 17 ? ? 1.566 1.456 0.110 0.015 N 
2 1 CZ A ARG 32 ? ? NH2 A ARG 32 ? ? 1.432 1.326 0.106 0.013 N 
# 
loop_
_pdbx_validate_rmsd_angle.id 
_pdbx_validate_rmsd_angle.PDB_model_num 
_pdbx_validate_rmsd_angle.auth_atom_id_1 
_pdbx_validate_rmsd_angle.auth_asym_id_1 
_pdbx_validate_rmsd_angle.auth_comp_id_1 
_pdbx_validate_rmsd_angle.auth_seq_id_1 
_pdbx_validate_rmsd_angle.PDB_ins_code_1 
_pdbx_validate_rmsd_angle.label_alt_id_1 
_pdbx_validate_rmsd_angle.auth_atom_id_2 
_pdbx_validate_rmsd_angle.auth_asym_id_2 
_pdbx_validate_rmsd_angle.auth_comp_id_2 
_pdbx_validate_rmsd_angle.auth_seq_id_2 
_pdbx_validate_rmsd_angle.PDB_ins_code_2 
_pdbx_validate_rmsd_angle.label_alt_id_2 
_pdbx_validate_rmsd_angle.auth_atom_id_3 
_pdbx_validate_rmsd_angle.auth_asym_id_3 
_pdbx_validate_rmsd_angle.auth_comp_id_3 
_pdbx_validate_rmsd_angle.auth_seq_id_3 
_pdbx_validate_rmsd_angle.PDB_ins_code_3 
_pdbx_validate_rmsd_angle.label_alt_id_3 
_pdbx_validate_rmsd_angle.angle_value 
_pdbx_validate_rmsd_angle.angle_target_value 
_pdbx_validate_rmsd_angle.angle_deviation 
_pdbx_validate_rmsd_angle.angle_standard_deviation 
_pdbx_validate_rmsd_angle.linker_flag 
1   1 C   A GLY 2   ? ? N   A SER 3   ? ? CA  A SER 3   ? ? 161.63 121.70 39.93  2.50 Y 
2   1 CA  A LEU 4   ? ? CB  A LEU 4   ? ? CG  A LEU 4   ? ? 130.57 115.30 15.27  2.30 N 
3   1 O   A LEU 4   ? ? C   A LEU 4   ? ? N   A ASN 5   ? ? 112.16 122.70 -10.54 1.60 Y 
4   1 C   A LEU 4   ? ? N   A ASN 5   ? ? CA  A ASN 5   ? ? 137.67 121.70 15.97  2.50 Y 
5   1 CB  A CYS 6   ? ? CA  A CYS 6   ? ? C   A CYS 6   ? ? 118.86 111.50 7.36   1.20 N 
6   1 CG1 A ILE 7   ? ? CB  A ILE 7   ? ? CG2 A ILE 7   ? ? 125.99 111.40 14.59  2.20 N 
7   1 CB  A VAL 8   ? ? CA  A VAL 8   ? ? C   A VAL 8   ? ? 92.81  111.40 -18.59 1.90 N 
8   1 CG1 A VAL 8   ? ? CB  A VAL 8   ? ? CG2 A VAL 8   ? ? 124.96 110.90 14.06  1.60 N 
9   1 O   A ALA 9   ? ? C   A ALA 9   ? ? N   A VAL 10  ? ? 134.57 122.70 11.87  1.60 Y 
10  1 CG1 A VAL 10  ? ? CB  A VAL 10  ? ? CG2 A VAL 10  ? ? 92.86  110.90 -18.04 1.60 N 
11  1 CA  A VAL 10  ? ? CB  A VAL 10  ? ? CG1 A VAL 10  ? ? 120.10 110.90 9.20   1.50 N 
12  1 CB  A ASN 13  ? ? CA  A ASN 13  ? ? C   A ASN 13  ? ? 123.70 110.40 13.30  2.00 N 
13  1 CB  A MET 14  ? ? CG  A MET 14  ? ? SD  A MET 14  ? ? 94.23  112.40 -18.17 3.00 N 
14  1 O   A GLY 15  ? ? C   A GLY 15  ? ? N   A ILE 16  ? ? 135.34 122.70 12.64  1.60 Y 
15  1 N   A LYS 18  ? ? CA  A LYS 18  ? ? CB  A LYS 18  ? ? 125.91 110.60 15.31  1.80 N 
16  1 CB  A ASP 21  ? ? CG  A ASP 21  ? ? OD2 A ASP 21  ? ? 110.83 118.30 -7.47  0.90 N 
17  1 CA  A LEU 22  ? ? CB  A LEU 22  ? ? CG  A LEU 22  ? ? 142.60 115.30 27.30  2.30 N 
18  1 N   A PRO 23  ? ? CD  A PRO 23  ? ? CG  A PRO 23  ? ? 92.80  103.20 -10.40 1.50 N 
19  1 CE3 A TRP 24  ? ? CZ3 A TRP 24  ? ? CH2 A TRP 24  ? ? 113.52 121.20 -7.68  1.10 N 
20  1 CB  A PRO 25  ? ? CA  A PRO 25  ? ? C   A PRO 25  ? ? 125.16 111.70 13.46  2.10 N 
21  1 CB  A ARG 28  ? ? CG  A ARG 28  ? ? CD  A ARG 28  ? ? 131.41 111.60 19.81  2.60 N 
22  1 CD  A ARG 28  ? ? NE  A ARG 28  ? ? CZ  A ARG 28  ? ? 155.19 123.60 31.59  1.40 N 
23  1 NE  A ARG 28  ? ? CZ  A ARG 28  ? ? NH2 A ARG 28  ? ? 124.26 120.30 3.96   0.50 N 
24  1 CG  A GLU 30  ? ? CD  A GLU 30  ? ? OE1 A GLU 30  ? ? 131.11 118.30 12.81  2.00 N 
25  1 CD  A ARG 32  ? ? NE  A ARG 32  ? ? CZ  A ARG 32  ? ? 134.11 123.60 10.51  1.40 N 
26  1 NE  A ARG 32  ? ? CZ  A ARG 32  ? ? NH1 A ARG 32  ? ? 130.61 120.30 10.31  0.50 N 
27  1 NE  A ARG 32  ? ? CZ  A ARG 32  ? ? NH2 A ARG 32  ? ? 111.41 120.30 -8.89  0.50 N 
28  1 CA  A TYR 33  ? ? CB  A TYR 33  ? ? CG  A TYR 33  ? ? 126.70 113.40 13.30  1.90 N 
29  1 NH1 A ARG 36  ? ? CZ  A ARG 36  ? ? NH2 A ARG 36  ? ? 126.65 119.40 7.25   1.10 N 
30  1 NE  A ARG 36  ? ? CZ  A ARG 36  ? ? NH1 A ARG 36  ? ? 124.09 120.30 3.79   0.50 N 
31  1 NE  A ARG 36  ? ? CZ  A ARG 36  ? ? NH2 A ARG 36  ? ? 109.26 120.30 -11.04 0.50 N 
32  1 N   A SER 42  ? ? CA  A SER 42  ? ? C   A SER 42  ? ? 130.50 111.00 19.50  2.70 N 
33  1 CB  A GLU 44  ? ? CG  A GLU 44  ? ? CD  A GLU 44  ? ? 134.60 114.20 20.40  2.70 N 
34  1 O   A ILE 51  ? ? C   A ILE 51  ? ? N   A MET 52  ? ? 132.61 122.70 9.91   1.60 Y 
35  1 CA  A MET 52  ? ? CB  A MET 52  ? ? CG  A MET 52  ? ? 125.99 113.30 12.69  1.70 N 
36  1 CA  A GLU 62  ? ? CB  A GLU 62  ? ? CG  A GLU 62  ? ? 135.08 113.40 21.68  2.20 N 
37  1 CD  A ARG 65  ? ? NE  A ARG 65  ? ? CZ  A ARG 65  ? ? 133.33 123.60 9.73   1.40 N 
38  1 NE  A ARG 65  ? ? CZ  A ARG 65  ? ? NH2 A ARG 65  ? ? 125.79 120.30 5.49   0.50 N 
39  1 CA  A LYS 68  ? ? C   A LYS 68  ? ? O   A LYS 68  ? ? 133.71 120.10 13.61  2.10 N 
40  1 CD  A ARG 70  ? ? NE  A ARG 70  ? ? CZ  A ARG 70  ? ? 132.58 123.60 8.98   1.40 N 
41  1 NE  A ARG 70  ? ? CZ  A ARG 70  ? ? NH1 A ARG 70  ? ? 124.35 120.30 4.05   0.50 N 
42  1 CB  A ASN 72  ? ? CA  A ASN 72  ? ? C   A ASN 72  ? ? 123.21 110.40 12.81  2.00 N 
43  1 CA  A ASN 72  ? ? CB  A ASN 72  ? ? CG  A ASN 72  ? ? 142.70 113.40 29.30  2.20 N 
44  1 C   A ASN 72  ? ? N   A LEU 73  ? ? CA  A LEU 73  ? ? 138.86 121.70 17.16  2.50 Y 
45  1 CA  A VAL 74  ? ? C   A VAL 74  ? ? O   A VAL 74  ? ? 133.44 120.10 13.34  2.10 N 
46  1 O   A VAL 74  ? ? C   A VAL 74  ? ? N   A LEU 75  ? ? 111.17 122.70 -11.53 1.60 Y 
47  1 O   A SER 76  ? ? C   A SER 76  ? ? N   A ARG 77  ? ? 132.39 122.70 9.69   1.60 Y 
48  1 CA  A ARG 77  ? ? CB  A ARG 77  ? ? CG  A ARG 77  ? ? 127.35 113.40 13.95  2.20 N 
49  1 CG  A GLU 78  ? ? CD  A GLU 78  ? ? OE2 A GLU 78  ? ? 105.54 118.30 -12.76 2.00 N 
50  1 N   A GLU 81  ? ? CA  A GLU 81  ? ? C   A GLU 81  ? ? 134.70 111.00 23.70  2.70 N 
51  1 CA  A ARG 91  ? ? CB  A ARG 91  ? ? CG  A ARG 91  ? ? 133.68 113.40 20.28  2.20 N 
52  1 NE  A ARG 91  ? ? CZ  A ARG 91  ? ? NH1 A ARG 91  ? ? 124.07 120.30 3.77   0.50 N 
53  1 CB  A ALA 96  ? ? CA  A ALA 96  ? ? C   A ALA 96  ? ? 120.54 110.10 10.44  1.50 N 
54  1 CA  A LEU 99  ? ? CB  A LEU 99  ? ? CG  A LEU 99  ? ? 144.29 115.30 28.99  2.30 N 
55  1 OE1 A GLU 101 ? ? CD  A GLU 101 ? ? OE2 A GLU 101 ? ? 131.73 123.30 8.43   1.20 N 
56  1 N   A LEU 105 ? ? CA  A LEU 105 ? ? CB  A LEU 105 ? ? 97.19  110.40 -13.21 2.00 N 
57  1 C   A LYS 108 ? ? N   A VAL 109 ? ? CA  A VAL 109 ? ? 140.39 121.70 18.69  2.50 Y 
58  1 O   A TRP 113 ? ? C   A TRP 113 ? ? N   A ILE 114 ? ? 134.71 122.70 12.01  1.60 Y 
59  1 CA  A VAL 115 ? ? CB  A VAL 115 ? ? CG2 A VAL 115 ? ? 121.22 110.90 10.32  1.50 N 
60  1 CA  A SER 118 ? ? CB  A SER 118 ? ? OG  A SER 118 ? ? 94.02  111.20 -17.18 2.70 N 
61  1 CA  A VAL 120 ? ? CB  A VAL 120 ? ? CG1 A VAL 120 ? ? 123.83 110.90 12.93  1.50 N 
62  1 CB  A TYR 121 ? ? CG  A TYR 121 ? ? CD1 A TYR 121 ? ? 117.06 121.00 -3.94  0.60 N 
63  1 CB  A ASN 126 ? ? CG  A ASN 126 ? ? OD1 A ASN 126 ? ? 108.50 121.60 -13.10 2.00 N 
64  1 CA  A HIS 127 ? ? CB  A HIS 127 ? ? CG  A HIS 127 ? ? 130.05 113.60 16.45  1.70 N 
65  1 CA  A PRO 128 ? ? C   A PRO 128 ? ? O   A PRO 128 ? ? 135.17 120.20 14.97  2.40 N 
66  1 CA  A PRO 128 ? ? C   A PRO 128 ? ? N   A GLY 129 ? ? 102.86 116.20 -13.34 2.00 Y 
67  1 CA  A GLY 129 ? ? C   A GLY 129 ? ? O   A GLY 129 ? ? 134.92 120.60 14.32  1.80 N 
68  1 CA  A GLY 129 ? ? C   A GLY 129 ? ? N   A HIS 130 ? ? 99.49  117.20 -17.71 2.20 Y 
69  1 CA  A HIS 130 ? ? CB  A HIS 130 ? ? CG  A HIS 130 ? ? 96.39  113.60 -17.21 1.70 N 
70  1 CA  A LEU 131 ? ? CB  A LEU 131 ? ? CG  A LEU 131 ? ? 140.45 115.30 25.15  2.30 N 
71  1 CD  A LYS 132 ? ? CE  A LYS 132 ? ? NZ  A LYS 132 ? ? 145.39 111.70 33.69  2.30 N 
72  1 CA  A LEU 133 ? ? CB  A LEU 133 ? ? CG  A LEU 133 ? ? 145.88 115.30 30.58  2.30 N 
73  1 CA  A VAL 135 ? ? CB  A VAL 135 ? ? CG2 A VAL 135 ? ? 100.79 110.90 -10.11 1.50 N 
74  1 OG1 A THR 136 ? ? CB  A THR 136 ? ? CG2 A THR 136 ? ? 124.79 110.00 14.79  2.30 N 
75  1 CA  A ARG 137 ? ? CB  A ARG 137 ? ? CG  A ARG 137 ? ? 99.74  113.40 -13.66 2.20 N 
76  1 NE  A ARG 137 ? ? CZ  A ARG 137 ? ? NH1 A ARG 137 ? ? 112.76 120.30 -7.54  0.50 N 
77  1 NE  A ARG 137 ? ? CZ  A ARG 137 ? ? NH2 A ARG 137 ? ? 130.51 120.30 10.21  0.50 N 
78  1 CA  A ILE 138 ? ? CB  A ILE 138 ? ? CG2 A ILE 138 ? ? 98.72  110.90 -12.18 2.00 N 
79  1 CA  A GLN 140 ? ? CB  A GLN 140 ? ? CG  A GLN 140 ? ? 147.75 113.40 34.35  2.20 N 
80  1 N   A GLN 140 ? ? CA  A GLN 140 ? ? C   A GLN 140 ? ? 93.38  111.00 -17.62 2.70 N 
81  1 CB  A ASP 141 ? ? CG  A ASP 141 ? ? OD2 A ASP 141 ? ? 110.11 118.30 -8.19  0.90 N 
82  1 CB  A ASP 145 ? ? CA  A ASP 145 ? ? C   A ASP 145 ? ? 122.73 110.40 12.33  2.00 N 
83  1 CB  A ASP 145 ? ? CG  A ASP 145 ? ? OD1 A ASP 145 ? ? 127.74 118.30 9.44   0.90 N 
84  1 CB  A ASP 145 ? ? CG  A ASP 145 ? ? OD2 A ASP 145 ? ? 110.84 118.30 -7.46  0.90 N 
85  1 O   A PRO 149 ? ? C   A PRO 149 ? ? N   A GLU 150 ? ? 111.81 122.70 -10.89 1.60 Y 
86  1 C   A PRO 149 ? ? N   A GLU 150 ? ? CA  A GLU 150 ? ? 142.63 121.70 20.93  2.50 Y 
87  1 CA  A GLU 150 ? ? CB  A GLU 150 ? ? CG  A GLU 150 ? ? 140.54 113.40 27.14  2.20 N 
88  1 CG  A GLU 154 ? ? CD  A GLU 154 ? ? OE1 A GLU 154 ? ? 131.22 118.30 12.92  2.00 N 
89  1 N   A LYS 157 ? ? CA  A LYS 157 ? ? CB  A LYS 157 ? ? 123.61 110.60 13.01  1.80 N 
90  1 OE1 A GLU 161 ? ? CD  A GLU 161 ? ? OE2 A GLU 161 ? ? 136.50 123.30 13.20  1.20 N 
91  1 CG  A GLU 161 ? ? CD  A GLU 161 ? ? OE2 A GLU 161 ? ? 102.66 118.30 -15.64 2.00 N 
92  1 CZ  A TYR 162 ? ? CE2 A TYR 162 ? ? CD2 A TYR 162 ? ? 125.27 119.80 5.47   0.90 N 
93  1 CB  A VAL 165 ? ? CA  A VAL 165 ? ? C   A VAL 165 ? ? 127.51 111.40 16.11  1.90 N 
94  1 CA  A VAL 165 ? ? CB  A VAL 165 ? ? CG1 A VAL 165 ? ? 124.24 110.90 13.34  1.50 N 
95  1 N   A ASP 168 ? ? CA  A ASP 168 ? ? CB  A ASP 168 ? ? 95.61  110.60 -14.99 1.80 N 
96  1 CA  A ASP 168 ? ? CB  A ASP 168 ? ? CG  A ASP 168 ? ? 127.90 113.40 14.50  2.20 N 
97  1 CB  A ASP 168 ? ? CG  A ASP 168 ? ? OD1 A ASP 168 ? ? 98.81  118.30 -19.49 0.90 N 
98  1 CB  A ASP 168 ? ? CG  A ASP 168 ? ? OD2 A ASP 168 ? ? 138.57 118.30 20.27  0.90 N 
99  1 N   A GLN 170 ? ? CA  A GLN 170 ? ? CB  A GLN 170 ? ? 125.16 110.60 14.56  1.80 N 
100 1 O   A GLN 170 ? ? C   A GLN 170 ? ? N   A GLU 171 ? ? 138.01 122.70 15.31  1.60 Y 
101 1 CA  A GLU 172 ? ? CB  A GLU 172 ? ? CG  A GLU 172 ? ? 131.12 113.40 17.72  2.20 N 
102 1 OE1 A GLU 172 ? ? CD  A GLU 172 ? ? OE2 A GLU 172 ? ? 115.09 123.30 -8.21  1.20 N 
103 1 CG  A GLU 172 ? ? CD  A GLU 172 ? ? OE1 A GLU 172 ? ? 130.47 118.30 12.17  2.00 N 
104 1 CA  A LYS 173 ? ? CB  A LYS 173 ? ? CG  A LYS 173 ? ? 127.19 113.40 13.79  2.20 N 
105 1 CB  A TYR 177 ? ? CG  A TYR 177 ? ? CD1 A TYR 177 ? ? 125.87 121.00 4.87   0.60 N 
106 1 CA  A LYS 178 ? ? CB  A LYS 178 ? ? CG  A LYS 178 ? ? 129.42 113.40 16.02  2.20 N 
107 1 OE1 A GLU 180 ? ? CD  A GLU 180 ? ? OE2 A GLU 180 ? ? 132.91 123.30 9.61   1.20 N 
108 1 CB  A TYR 182 ? ? CG  A TYR 182 ? ? CD2 A TYR 182 ? ? 115.16 121.00 -5.84  0.60 N 
109 1 CB  A TYR 182 ? ? CG  A TYR 182 ? ? CD1 A TYR 182 ? ? 125.55 121.00 4.55   0.60 N 
110 1 OE1 A GLU 183 ? ? CD  A GLU 183 ? ? OE2 A GLU 183 ? ? 138.01 123.30 14.71  1.20 N 
111 1 CG  A GLU 183 ? ? CD  A GLU 183 ? ? OE2 A GLU 183 ? ? 103.50 118.30 -14.80 2.00 N 
112 1 N   A LYS 184 ? ? CA  A LYS 184 ? ? CB  A LYS 184 ? ? 124.43 110.60 13.83  1.80 N 
113 1 CB  A LYS 184 ? ? CG  A LYS 184 ? ? CD  A LYS 184 ? ? 128.13 111.60 16.53  2.60 N 
114 1 N   A ASN 185 ? ? CA  A ASN 185 ? ? CB  A ASN 185 ? ? 127.14 110.60 16.54  1.80 N 
115 1 CA  A ASP 186 ? ? C   A ASP 186 ? ? O   A ASP 186 ? ? 101.46 120.10 -18.64 2.10 N 
# 
loop_
_pdbx_validate_torsion.id 
_pdbx_validate_torsion.PDB_model_num 
_pdbx_validate_torsion.auth_comp_id 
_pdbx_validate_torsion.auth_asym_id 
_pdbx_validate_torsion.auth_seq_id 
_pdbx_validate_torsion.PDB_ins_code 
_pdbx_validate_torsion.label_alt_id 
_pdbx_validate_torsion.phi 
_pdbx_validate_torsion.psi 
1  1 SER A 3   ? ? -34.84  87.09  
2  1 LYS A 18  ? ? -161.33 114.99 
3  1 THR A 40  ? ? -31.92  107.72 
4  1 GLU A 44  ? ? -64.13  29.61  
5  1 SER A 59  ? ? -46.65  -17.30 
6  1 PRO A 83  ? ? -48.55  157.93 
7  1 LYS A 108 ? ? -109.46 -70.39 
8  1 ASP A 110 ? ? -108.12 -81.74 
9  1 SER A 118 ? ? -22.07  -48.81 
10 1 GLN A 140 ? ? 173.82  128.81 
11 1 ASP A 152 ? ? -52.14  91.43  
12 1 LEU A 153 ? ? -66.80  4.61   
13 1 GLU A 161 ? ? 175.70  171.23 
14 1 ASP A 168 ? ? -32.08  144.45 
15 1 GLU A 171 ? ? -168.07 118.54 
16 1 GLU A 183 ? ? -170.47 149.87 
# 
_pdbx_validate_planes.id              1 
_pdbx_validate_planes.PDB_model_num   1 
_pdbx_validate_planes.auth_comp_id    ARG 
_pdbx_validate_planes.auth_asym_id    A 
_pdbx_validate_planes.auth_seq_id     32 
_pdbx_validate_planes.PDB_ins_code    ? 
_pdbx_validate_planes.label_alt_id    ? 
_pdbx_validate_planes.rmsd            0.155 
_pdbx_validate_planes.type            'SIDE CHAIN' 
# 
loop_
_chem_comp_atom.comp_id 
_chem_comp_atom.atom_id 
_chem_comp_atom.type_symbol 
_chem_comp_atom.pdbx_aromatic_flag 
_chem_comp_atom.pdbx_stereo_config 
_chem_comp_atom.pdbx_ordinal 
ALA N    N N N 1   
ALA CA   C N S 2   
ALA C    C N N 3   
ALA O    O N N 4   
ALA CB   C N N 5   
ALA OXT  O N N 6   
ALA H    H N N 7   
ALA H2   H N N 8   
ALA HA   H N N 9   
ALA HB1  H N N 10  
ALA HB2  H N N 11  
ALA HB3  H N N 12  
ALA HXT  H N N 13  
ARG N    N N N 14  
ARG CA   C N S 15  
ARG C    C N N 16  
ARG O    O N N 17  
ARG CB   C N N 18  
ARG CG   C N N 19  
ARG CD   C N N 20  
ARG NE   N N N 21  
ARG CZ   C N N 22  
ARG NH1  N N N 23  
ARG NH2  N N N 24  
ARG OXT  O N N 25  
ARG H    H N N 26  
ARG H2   H N N 27  
ARG HA   H N N 28  
ARG HB2  H N N 29  
ARG HB3  H N N 30  
ARG HG2  H N N 31  
ARG HG3  H N N 32  
ARG HD2  H N N 33  
ARG HD3  H N N 34  
ARG HE   H N N 35  
ARG HH11 H N N 36  
ARG HH12 H N N 37  
ARG HH21 H N N 38  
ARG HH22 H N N 39  
ARG HXT  H N N 40  
ASN N    N N N 41  
ASN CA   C N S 42  
ASN C    C N N 43  
ASN O    O N N 44  
ASN CB   C N N 45  
ASN CG   C N N 46  
ASN OD1  O N N 47  
ASN ND2  N N N 48  
ASN OXT  O N N 49  
ASN H    H N N 50  
ASN H2   H N N 51  
ASN HA   H N N 52  
ASN HB2  H N N 53  
ASN HB3  H N N 54  
ASN HD21 H N N 55  
ASN HD22 H N N 56  
ASN HXT  H N N 57  
ASP N    N N N 58  
ASP CA   C N S 59  
ASP C    C N N 60  
ASP O    O N N 61  
ASP CB   C N N 62  
ASP CG   C N N 63  
ASP OD1  O N N 64  
ASP OD2  O N N 65  
ASP OXT  O N N 66  
ASP H    H N N 67  
ASP H2   H N N 68  
ASP HA   H N N 69  
ASP HB2  H N N 70  
ASP HB3  H N N 71  
ASP HD2  H N N 72  
ASP HXT  H N N 73  
CYS N    N N N 74  
CYS CA   C N R 75  
CYS C    C N N 76  
CYS O    O N N 77  
CYS CB   C N N 78  
CYS SG   S N N 79  
CYS OXT  O N N 80  
CYS H    H N N 81  
CYS H2   H N N 82  
CYS HA   H N N 83  
CYS HB2  H N N 84  
CYS HB3  H N N 85  
CYS HG   H N N 86  
CYS HXT  H N N 87  
GLN N    N N N 88  
GLN CA   C N S 89  
GLN C    C N N 90  
GLN O    O N N 91  
GLN CB   C N N 92  
GLN CG   C N N 93  
GLN CD   C N N 94  
GLN OE1  O N N 95  
GLN NE2  N N N 96  
GLN OXT  O N N 97  
GLN H    H N N 98  
GLN H2   H N N 99  
GLN HA   H N N 100 
GLN HB2  H N N 101 
GLN HB3  H N N 102 
GLN HG2  H N N 103 
GLN HG3  H N N 104 
GLN HE21 H N N 105 
GLN HE22 H N N 106 
GLN HXT  H N N 107 
GLU N    N N N 108 
GLU CA   C N S 109 
GLU C    C N N 110 
GLU O    O N N 111 
GLU CB   C N N 112 
GLU CG   C N N 113 
GLU CD   C N N 114 
GLU OE1  O N N 115 
GLU OE2  O N N 116 
GLU OXT  O N N 117 
GLU H    H N N 118 
GLU H2   H N N 119 
GLU HA   H N N 120 
GLU HB2  H N N 121 
GLU HB3  H N N 122 
GLU HG2  H N N 123 
GLU HG3  H N N 124 
GLU HE2  H N N 125 
GLU HXT  H N N 126 
GLY N    N N N 127 
GLY CA   C N N 128 
GLY C    C N N 129 
GLY O    O N N 130 
GLY OXT  O N N 131 
GLY H    H N N 132 
GLY H2   H N N 133 
GLY HA2  H N N 134 
GLY HA3  H N N 135 
GLY HXT  H N N 136 
HIS N    N N N 137 
HIS CA   C N S 138 
HIS C    C N N 139 
HIS O    O N N 140 
HIS CB   C N N 141 
HIS CG   C Y N 142 
HIS ND1  N Y N 143 
HIS CD2  C Y N 144 
HIS CE1  C Y N 145 
HIS NE2  N Y N 146 
HIS OXT  O N N 147 
HIS H    H N N 148 
HIS H2   H N N 149 
HIS HA   H N N 150 
HIS HB2  H N N 151 
HIS HB3  H N N 152 
HIS HD1  H N N 153 
HIS HD2  H N N 154 
HIS HE1  H N N 155 
HIS HE2  H N N 156 
HIS HXT  H N N 157 
HOH O    O N N 158 
HOH H1   H N N 159 
HOH H2   H N N 160 
ILE N    N N N 161 
ILE CA   C N S 162 
ILE C    C N N 163 
ILE O    O N N 164 
ILE CB   C N S 165 
ILE CG1  C N N 166 
ILE CG2  C N N 167 
ILE CD1  C N N 168 
ILE OXT  O N N 169 
ILE H    H N N 170 
ILE H2   H N N 171 
ILE HA   H N N 172 
ILE HB   H N N 173 
ILE HG12 H N N 174 
ILE HG13 H N N 175 
ILE HG21 H N N 176 
ILE HG22 H N N 177 
ILE HG23 H N N 178 
ILE HD11 H N N 179 
ILE HD12 H N N 180 
ILE HD13 H N N 181 
ILE HXT  H N N 182 
LEU N    N N N 183 
LEU CA   C N S 184 
LEU C    C N N 185 
LEU O    O N N 186 
LEU CB   C N N 187 
LEU CG   C N N 188 
LEU CD1  C N N 189 
LEU CD2  C N N 190 
LEU OXT  O N N 191 
LEU H    H N N 192 
LEU H2   H N N 193 
LEU HA   H N N 194 
LEU HB2  H N N 195 
LEU HB3  H N N 196 
LEU HG   H N N 197 
LEU HD11 H N N 198 
LEU HD12 H N N 199 
LEU HD13 H N N 200 
LEU HD21 H N N 201 
LEU HD22 H N N 202 
LEU HD23 H N N 203 
LEU HXT  H N N 204 
LYS N    N N N 205 
LYS CA   C N S 206 
LYS C    C N N 207 
LYS O    O N N 208 
LYS CB   C N N 209 
LYS CG   C N N 210 
LYS CD   C N N 211 
LYS CE   C N N 212 
LYS NZ   N N N 213 
LYS OXT  O N N 214 
LYS H    H N N 215 
LYS H2   H N N 216 
LYS HA   H N N 217 
LYS HB2  H N N 218 
LYS HB3  H N N 219 
LYS HG2  H N N 220 
LYS HG3  H N N 221 
LYS HD2  H N N 222 
LYS HD3  H N N 223 
LYS HE2  H N N 224 
LYS HE3  H N N 225 
LYS HZ1  H N N 226 
LYS HZ2  H N N 227 
LYS HZ3  H N N 228 
LYS HXT  H N N 229 
MET N    N N N 230 
MET CA   C N S 231 
MET C    C N N 232 
MET O    O N N 233 
MET CB   C N N 234 
MET CG   C N N 235 
MET SD   S N N 236 
MET CE   C N N 237 
MET OXT  O N N 238 
MET H    H N N 239 
MET H2   H N N 240 
MET HA   H N N 241 
MET HB2  H N N 242 
MET HB3  H N N 243 
MET HG2  H N N 244 
MET HG3  H N N 245 
MET HE1  H N N 246 
MET HE2  H N N 247 
MET HE3  H N N 248 
MET HXT  H N N 249 
PHE N    N N N 250 
PHE CA   C N S 251 
PHE C    C N N 252 
PHE O    O N N 253 
PHE CB   C N N 254 
PHE CG   C Y N 255 
PHE CD1  C Y N 256 
PHE CD2  C Y N 257 
PHE CE1  C Y N 258 
PHE CE2  C Y N 259 
PHE CZ   C Y N 260 
PHE OXT  O N N 261 
PHE H    H N N 262 
PHE H2   H N N 263 
PHE HA   H N N 264 
PHE HB2  H N N 265 
PHE HB3  H N N 266 
PHE HD1  H N N 267 
PHE HD2  H N N 268 
PHE HE1  H N N 269 
PHE HE2  H N N 270 
PHE HZ   H N N 271 
PHE HXT  H N N 272 
PRO N    N N N 273 
PRO CA   C N S 274 
PRO C    C N N 275 
PRO O    O N N 276 
PRO CB   C N N 277 
PRO CG   C N N 278 
PRO CD   C N N 279 
PRO OXT  O N N 280 
PRO H    H N N 281 
PRO HA   H N N 282 
PRO HB2  H N N 283 
PRO HB3  H N N 284 
PRO HG2  H N N 285 
PRO HG3  H N N 286 
PRO HD2  H N N 287 
PRO HD3  H N N 288 
PRO HXT  H N N 289 
SER N    N N N 290 
SER CA   C N S 291 
SER C    C N N 292 
SER O    O N N 293 
SER CB   C N N 294 
SER OG   O N N 295 
SER OXT  O N N 296 
SER H    H N N 297 
SER H2   H N N 298 
SER HA   H N N 299 
SER HB2  H N N 300 
SER HB3  H N N 301 
SER HG   H N N 302 
SER HXT  H N N 303 
THR N    N N N 304 
THR CA   C N S 305 
THR C    C N N 306 
THR O    O N N 307 
THR CB   C N R 308 
THR OG1  O N N 309 
THR CG2  C N N 310 
THR OXT  O N N 311 
THR H    H N N 312 
THR H2   H N N 313 
THR HA   H N N 314 
THR HB   H N N 315 
THR HG1  H N N 316 
THR HG21 H N N 317 
THR HG22 H N N 318 
THR HG23 H N N 319 
THR HXT  H N N 320 
TRP N    N N N 321 
TRP CA   C N S 322 
TRP C    C N N 323 
TRP O    O N N 324 
TRP CB   C N N 325 
TRP CG   C Y N 326 
TRP CD1  C Y N 327 
TRP CD2  C Y N 328 
TRP NE1  N Y N 329 
TRP CE2  C Y N 330 
TRP CE3  C Y N 331 
TRP CZ2  C Y N 332 
TRP CZ3  C Y N 333 
TRP CH2  C Y N 334 
TRP OXT  O N N 335 
TRP H    H N N 336 
TRP H2   H N N 337 
TRP HA   H N N 338 
TRP HB2  H N N 339 
TRP HB3  H N N 340 
TRP HD1  H N N 341 
TRP HE1  H N N 342 
TRP HE3  H N N 343 
TRP HZ2  H N N 344 
TRP HZ3  H N N 345 
TRP HH2  H N N 346 
TRP HXT  H N N 347 
TYR N    N N N 348 
TYR CA   C N S 349 
TYR C    C N N 350 
TYR O    O N N 351 
TYR CB   C N N 352 
TYR CG   C Y N 353 
TYR CD1  C Y N 354 
TYR CD2  C Y N 355 
TYR CE1  C Y N 356 
TYR CE2  C Y N 357 
TYR CZ   C Y N 358 
TYR OH   O N N 359 
TYR OXT  O N N 360 
TYR H    H N N 361 
TYR H2   H N N 362 
TYR HA   H N N 363 
TYR HB2  H N N 364 
TYR HB3  H N N 365 
TYR HD1  H N N 366 
TYR HD2  H N N 367 
TYR HE1  H N N 368 
TYR HE2  H N N 369 
TYR HH   H N N 370 
TYR HXT  H N N 371 
VAL N    N N N 372 
VAL CA   C N S 373 
VAL C    C N N 374 
VAL O    O N N 375 
VAL CB   C N N 376 
VAL CG1  C N N 377 
VAL CG2  C N N 378 
VAL OXT  O N N 379 
VAL H    H N N 380 
VAL H2   H N N 381 
VAL HA   H N N 382 
VAL HB   H N N 383 
VAL HG11 H N N 384 
VAL HG12 H N N 385 
VAL HG13 H N N 386 
VAL HG21 H N N 387 
VAL HG22 H N N 388 
VAL HG23 H N N 389 
VAL HXT  H N N 390 
# 
loop_
_chem_comp_bond.comp_id 
_chem_comp_bond.atom_id_1 
_chem_comp_bond.atom_id_2 
_chem_comp_bond.value_order 
_chem_comp_bond.pdbx_aromatic_flag 
_chem_comp_bond.pdbx_stereo_config 
_chem_comp_bond.pdbx_ordinal 
ALA N   CA   sing N N 1   
ALA N   H    sing N N 2   
ALA N   H2   sing N N 3   
ALA CA  C    sing N N 4   
ALA CA  CB   sing N N 5   
ALA CA  HA   sing N N 6   
ALA C   O    doub N N 7   
ALA C   OXT  sing N N 8   
ALA CB  HB1  sing N N 9   
ALA CB  HB2  sing N N 10  
ALA CB  HB3  sing N N 11  
ALA OXT HXT  sing N N 12  
ARG N   CA   sing N N 13  
ARG N   H    sing N N 14  
ARG N   H2   sing N N 15  
ARG CA  C    sing N N 16  
ARG CA  CB   sing N N 17  
ARG CA  HA   sing N N 18  
ARG C   O    doub N N 19  
ARG C   OXT  sing N N 20  
ARG CB  CG   sing N N 21  
ARG CB  HB2  sing N N 22  
ARG CB  HB3  sing N N 23  
ARG CG  CD   sing N N 24  
ARG CG  HG2  sing N N 25  
ARG CG  HG3  sing N N 26  
ARG CD  NE   sing N N 27  
ARG CD  HD2  sing N N 28  
ARG CD  HD3  sing N N 29  
ARG NE  CZ   sing N N 30  
ARG NE  HE   sing N N 31  
ARG CZ  NH1  sing N N 32  
ARG CZ  NH2  doub N N 33  
ARG NH1 HH11 sing N N 34  
ARG NH1 HH12 sing N N 35  
ARG NH2 HH21 sing N N 36  
ARG NH2 HH22 sing N N 37  
ARG OXT HXT  sing N N 38  
ASN N   CA   sing N N 39  
ASN N   H    sing N N 40  
ASN N   H2   sing N N 41  
ASN CA  C    sing N N 42  
ASN CA  CB   sing N N 43  
ASN CA  HA   sing N N 44  
ASN C   O    doub N N 45  
ASN C   OXT  sing N N 46  
ASN CB  CG   sing N N 47  
ASN CB  HB2  sing N N 48  
ASN CB  HB3  sing N N 49  
ASN CG  OD1  doub N N 50  
ASN CG  ND2  sing N N 51  
ASN ND2 HD21 sing N N 52  
ASN ND2 HD22 sing N N 53  
ASN OXT HXT  sing N N 54  
ASP N   CA   sing N N 55  
ASP N   H    sing N N 56  
ASP N   H2   sing N N 57  
ASP CA  C    sing N N 58  
ASP CA  CB   sing N N 59  
ASP CA  HA   sing N N 60  
ASP C   O    doub N N 61  
ASP C   OXT  sing N N 62  
ASP CB  CG   sing N N 63  
ASP CB  HB2  sing N N 64  
ASP CB  HB3  sing N N 65  
ASP CG  OD1  doub N N 66  
ASP CG  OD2  sing N N 67  
ASP OD2 HD2  sing N N 68  
ASP OXT HXT  sing N N 69  
CYS N   CA   sing N N 70  
CYS N   H    sing N N 71  
CYS N   H2   sing N N 72  
CYS CA  C    sing N N 73  
CYS CA  CB   sing N N 74  
CYS CA  HA   sing N N 75  
CYS C   O    doub N N 76  
CYS C   OXT  sing N N 77  
CYS CB  SG   sing N N 78  
CYS CB  HB2  sing N N 79  
CYS CB  HB3  sing N N 80  
CYS SG  HG   sing N N 81  
CYS OXT HXT  sing N N 82  
GLN N   CA   sing N N 83  
GLN N   H    sing N N 84  
GLN N   H2   sing N N 85  
GLN CA  C    sing N N 86  
GLN CA  CB   sing N N 87  
GLN CA  HA   sing N N 88  
GLN C   O    doub N N 89  
GLN C   OXT  sing N N 90  
GLN CB  CG   sing N N 91  
GLN CB  HB2  sing N N 92  
GLN CB  HB3  sing N N 93  
GLN CG  CD   sing N N 94  
GLN CG  HG2  sing N N 95  
GLN CG  HG3  sing N N 96  
GLN CD  OE1  doub N N 97  
GLN CD  NE2  sing N N 98  
GLN NE2 HE21 sing N N 99  
GLN NE2 HE22 sing N N 100 
GLN OXT HXT  sing N N 101 
GLU N   CA   sing N N 102 
GLU N   H    sing N N 103 
GLU N   H2   sing N N 104 
GLU CA  C    sing N N 105 
GLU CA  CB   sing N N 106 
GLU CA  HA   sing N N 107 
GLU C   O    doub N N 108 
GLU C   OXT  sing N N 109 
GLU CB  CG   sing N N 110 
GLU CB  HB2  sing N N 111 
GLU CB  HB3  sing N N 112 
GLU CG  CD   sing N N 113 
GLU CG  HG2  sing N N 114 
GLU CG  HG3  sing N N 115 
GLU CD  OE1  doub N N 116 
GLU CD  OE2  sing N N 117 
GLU OE2 HE2  sing N N 118 
GLU OXT HXT  sing N N 119 
GLY N   CA   sing N N 120 
GLY N   H    sing N N 121 
GLY N   H2   sing N N 122 
GLY CA  C    sing N N 123 
GLY CA  HA2  sing N N 124 
GLY CA  HA3  sing N N 125 
GLY C   O    doub N N 126 
GLY C   OXT  sing N N 127 
GLY OXT HXT  sing N N 128 
HIS N   CA   sing N N 129 
HIS N   H    sing N N 130 
HIS N   H2   sing N N 131 
HIS CA  C    sing N N 132 
HIS CA  CB   sing N N 133 
HIS CA  HA   sing N N 134 
HIS C   O    doub N N 135 
HIS C   OXT  sing N N 136 
HIS CB  CG   sing N N 137 
HIS CB  HB2  sing N N 138 
HIS CB  HB3  sing N N 139 
HIS CG  ND1  sing Y N 140 
HIS CG  CD2  doub Y N 141 
HIS ND1 CE1  doub Y N 142 
HIS ND1 HD1  sing N N 143 
HIS CD2 NE2  sing Y N 144 
HIS CD2 HD2  sing N N 145 
HIS CE1 NE2  sing Y N 146 
HIS CE1 HE1  sing N N 147 
HIS NE2 HE2  sing N N 148 
HIS OXT HXT  sing N N 149 
HOH O   H1   sing N N 150 
HOH O   H2   sing N N 151 
ILE N   CA   sing N N 152 
ILE N   H    sing N N 153 
ILE N   H2   sing N N 154 
ILE CA  C    sing N N 155 
ILE CA  CB   sing N N 156 
ILE CA  HA   sing N N 157 
ILE C   O    doub N N 158 
ILE C   OXT  sing N N 159 
ILE CB  CG1  sing N N 160 
ILE CB  CG2  sing N N 161 
ILE CB  HB   sing N N 162 
ILE CG1 CD1  sing N N 163 
ILE CG1 HG12 sing N N 164 
ILE CG1 HG13 sing N N 165 
ILE CG2 HG21 sing N N 166 
ILE CG2 HG22 sing N N 167 
ILE CG2 HG23 sing N N 168 
ILE CD1 HD11 sing N N 169 
ILE CD1 HD12 sing N N 170 
ILE CD1 HD13 sing N N 171 
ILE OXT HXT  sing N N 172 
LEU N   CA   sing N N 173 
LEU N   H    sing N N 174 
LEU N   H2   sing N N 175 
LEU CA  C    sing N N 176 
LEU CA  CB   sing N N 177 
LEU CA  HA   sing N N 178 
LEU C   O    doub N N 179 
LEU C   OXT  sing N N 180 
LEU CB  CG   sing N N 181 
LEU CB  HB2  sing N N 182 
LEU CB  HB3  sing N N 183 
LEU CG  CD1  sing N N 184 
LEU CG  CD2  sing N N 185 
LEU CG  HG   sing N N 186 
LEU CD1 HD11 sing N N 187 
LEU CD1 HD12 sing N N 188 
LEU CD1 HD13 sing N N 189 
LEU CD2 HD21 sing N N 190 
LEU CD2 HD22 sing N N 191 
LEU CD2 HD23 sing N N 192 
LEU OXT HXT  sing N N 193 
LYS N   CA   sing N N 194 
LYS N   H    sing N N 195 
LYS N   H2   sing N N 196 
LYS CA  C    sing N N 197 
LYS CA  CB   sing N N 198 
LYS CA  HA   sing N N 199 
LYS C   O    doub N N 200 
LYS C   OXT  sing N N 201 
LYS CB  CG   sing N N 202 
LYS CB  HB2  sing N N 203 
LYS CB  HB3  sing N N 204 
LYS CG  CD   sing N N 205 
LYS CG  HG2  sing N N 206 
LYS CG  HG3  sing N N 207 
LYS CD  CE   sing N N 208 
LYS CD  HD2  sing N N 209 
LYS CD  HD3  sing N N 210 
LYS CE  NZ   sing N N 211 
LYS CE  HE2  sing N N 212 
LYS CE  HE3  sing N N 213 
LYS NZ  HZ1  sing N N 214 
LYS NZ  HZ2  sing N N 215 
LYS NZ  HZ3  sing N N 216 
LYS OXT HXT  sing N N 217 
MET N   CA   sing N N 218 
MET N   H    sing N N 219 
MET N   H2   sing N N 220 
MET CA  C    sing N N 221 
MET CA  CB   sing N N 222 
MET CA  HA   sing N N 223 
MET C   O    doub N N 224 
MET C   OXT  sing N N 225 
MET CB  CG   sing N N 226 
MET CB  HB2  sing N N 227 
MET CB  HB3  sing N N 228 
MET CG  SD   sing N N 229 
MET CG  HG2  sing N N 230 
MET CG  HG3  sing N N 231 
MET SD  CE   sing N N 232 
MET CE  HE1  sing N N 233 
MET CE  HE2  sing N N 234 
MET CE  HE3  sing N N 235 
MET OXT HXT  sing N N 236 
PHE N   CA   sing N N 237 
PHE N   H    sing N N 238 
PHE N   H2   sing N N 239 
PHE CA  C    sing N N 240 
PHE CA  CB   sing N N 241 
PHE CA  HA   sing N N 242 
PHE C   O    doub N N 243 
PHE C   OXT  sing N N 244 
PHE CB  CG   sing N N 245 
PHE CB  HB2  sing N N 246 
PHE CB  HB3  sing N N 247 
PHE CG  CD1  doub Y N 248 
PHE CG  CD2  sing Y N 249 
PHE CD1 CE1  sing Y N 250 
PHE CD1 HD1  sing N N 251 
PHE CD2 CE2  doub Y N 252 
PHE CD2 HD2  sing N N 253 
PHE CE1 CZ   doub Y N 254 
PHE CE1 HE1  sing N N 255 
PHE CE2 CZ   sing Y N 256 
PHE CE2 HE2  sing N N 257 
PHE CZ  HZ   sing N N 258 
PHE OXT HXT  sing N N 259 
PRO N   CA   sing N N 260 
PRO N   CD   sing N N 261 
PRO N   H    sing N N 262 
PRO CA  C    sing N N 263 
PRO CA  CB   sing N N 264 
PRO CA  HA   sing N N 265 
PRO C   O    doub N N 266 
PRO C   OXT  sing N N 267 
PRO CB  CG   sing N N 268 
PRO CB  HB2  sing N N 269 
PRO CB  HB3  sing N N 270 
PRO CG  CD   sing N N 271 
PRO CG  HG2  sing N N 272 
PRO CG  HG3  sing N N 273 
PRO CD  HD2  sing N N 274 
PRO CD  HD3  sing N N 275 
PRO OXT HXT  sing N N 276 
SER N   CA   sing N N 277 
SER N   H    sing N N 278 
SER N   H2   sing N N 279 
SER CA  C    sing N N 280 
SER CA  CB   sing N N 281 
SER CA  HA   sing N N 282 
SER C   O    doub N N 283 
SER C   OXT  sing N N 284 
SER CB  OG   sing N N 285 
SER CB  HB2  sing N N 286 
SER CB  HB3  sing N N 287 
SER OG  HG   sing N N 288 
SER OXT HXT  sing N N 289 
THR N   CA   sing N N 290 
THR N   H    sing N N 291 
THR N   H2   sing N N 292 
THR CA  C    sing N N 293 
THR CA  CB   sing N N 294 
THR CA  HA   sing N N 295 
THR C   O    doub N N 296 
THR C   OXT  sing N N 297 
THR CB  OG1  sing N N 298 
THR CB  CG2  sing N N 299 
THR CB  HB   sing N N 300 
THR OG1 HG1  sing N N 301 
THR CG2 HG21 sing N N 302 
THR CG2 HG22 sing N N 303 
THR CG2 HG23 sing N N 304 
THR OXT HXT  sing N N 305 
TRP N   CA   sing N N 306 
TRP N   H    sing N N 307 
TRP N   H2   sing N N 308 
TRP CA  C    sing N N 309 
TRP CA  CB   sing N N 310 
TRP CA  HA   sing N N 311 
TRP C   O    doub N N 312 
TRP C   OXT  sing N N 313 
TRP CB  CG   sing N N 314 
TRP CB  HB2  sing N N 315 
TRP CB  HB3  sing N N 316 
TRP CG  CD1  doub Y N 317 
TRP CG  CD2  sing Y N 318 
TRP CD1 NE1  sing Y N 319 
TRP CD1 HD1  sing N N 320 
TRP CD2 CE2  doub Y N 321 
TRP CD2 CE3  sing Y N 322 
TRP NE1 CE2  sing Y N 323 
TRP NE1 HE1  sing N N 324 
TRP CE2 CZ2  sing Y N 325 
TRP CE3 CZ3  doub Y N 326 
TRP CE3 HE3  sing N N 327 
TRP CZ2 CH2  doub Y N 328 
TRP CZ2 HZ2  sing N N 329 
TRP CZ3 CH2  sing Y N 330 
TRP CZ3 HZ3  sing N N 331 
TRP CH2 HH2  sing N N 332 
TRP OXT HXT  sing N N 333 
TYR N   CA   sing N N 334 
TYR N   H    sing N N 335 
TYR N   H2   sing N N 336 
TYR CA  C    sing N N 337 
TYR CA  CB   sing N N 338 
TYR CA  HA   sing N N 339 
TYR C   O    doub N N 340 
TYR C   OXT  sing N N 341 
TYR CB  CG   sing N N 342 
TYR CB  HB2  sing N N 343 
TYR CB  HB3  sing N N 344 
TYR CG  CD1  doub Y N 345 
TYR CG  CD2  sing Y N 346 
TYR CD1 CE1  sing Y N 347 
TYR CD1 HD1  sing N N 348 
TYR CD2 CE2  doub Y N 349 
TYR CD2 HD2  sing N N 350 
TYR CE1 CZ   doub Y N 351 
TYR CE1 HE1  sing N N 352 
TYR CE2 CZ   sing Y N 353 
TYR CE2 HE2  sing N N 354 
TYR CZ  OH   sing N N 355 
TYR OH  HH   sing N N 356 
TYR OXT HXT  sing N N 357 
VAL N   CA   sing N N 358 
VAL N   H    sing N N 359 
VAL N   H2   sing N N 360 
VAL CA  C    sing N N 361 
VAL CA  CB   sing N N 362 
VAL CA  HA   sing N N 363 
VAL C   O    doub N N 364 
VAL C   OXT  sing N N 365 
VAL CB  CG1  sing N N 366 
VAL CB  CG2  sing N N 367 
VAL CB  HB   sing N N 368 
VAL CG1 HG11 sing N N 369 
VAL CG1 HG12 sing N N 370 
VAL CG1 HG13 sing N N 371 
VAL CG2 HG21 sing N N 372 
VAL CG2 HG22 sing N N 373 
VAL CG2 HG23 sing N N 374 
VAL OXT HXT  sing N N 375 
# 
_pdbx_entity_nonpoly.entity_id   2 
_pdbx_entity_nonpoly.name        water 
_pdbx_entity_nonpoly.comp_id     HOH 
# 
_pdbx_initial_refinement_model.id               1 
_pdbx_initial_refinement_model.entity_id_list   ? 
_pdbx_initial_refinement_model.type             'experimental model' 
_pdbx_initial_refinement_model.source_name      PDB 
_pdbx_initial_refinement_model.accession_code   1HFP 
_pdbx_initial_refinement_model.details          'PDB ENTRY 1HFP' 
# 
